data_4HIW
# 
_entry.id   4HIW 
# 
_audit_conform.dict_name       mmcif_pdbx.dic 
_audit_conform.dict_version    5.379 
_audit_conform.dict_location   http://mmcif.pdb.org/dictionaries/ascii/mmcif_pdbx.dic 
# 
loop_
_database_2.database_id 
_database_2.database_code 
_database_2.pdbx_database_accession 
_database_2.pdbx_DOI 
PDB   4HIW         pdb_00004hiw 10.2210/pdb4hiw/pdb 
RCSB  RCSB075521   ?            ?                   
WWPDB D_1000075521 ?            ?                   
# 
loop_
_pdbx_database_related.db_name 
_pdbx_database_related.db_id 
_pdbx_database_related.details 
_pdbx_database_related.content_type 
PDB 3F1J 'WILD TYPE' unspecified 
PDB 4HI5 .           unspecified 
PDB 4HI6 .           unspecified 
PDB 4HIT .           unspecified 
PDB 4HIU .           unspecified 
PDB 4HIY .           unspecified 
# 
_pdbx_database_status.status_code                     REL 
_pdbx_database_status.entry_id                        4HIW 
_pdbx_database_status.recvd_initial_deposition_date   2012-10-12 
_pdbx_database_status.deposit_site                    RCSB 
_pdbx_database_status.process_site                    RCSB 
_pdbx_database_status.status_code_sf                  REL 
_pdbx_database_status.status_code_mr                  ? 
_pdbx_database_status.SG_entry                        ? 
_pdbx_database_status.status_code_cs                  ? 
_pdbx_database_status.methods_development_category    ? 
_pdbx_database_status.pdb_format_compatible           Y 
_pdbx_database_status.status_code_nmr_data            ? 
# 
loop_
_audit_author.name 
_audit_author.pdbx_ordinal 
'Dautel, P.'   1 
'Kolenko, P.'  2 
'Stubbs, M.T.' 3 
# 
_citation.id                        primary 
_citation.title                     
;Matrix protein variants provide support for alternative
         borna disease virus infection pathway
;
_citation.journal_abbrev            'To be Published' 
_citation.journal_volume            ? 
_citation.page_first                ? 
_citation.page_last                 ? 
_citation.year                      ? 
_citation.journal_id_ASTM           ? 
_citation.country                   ? 
_citation.journal_id_ISSN           ? 
_citation.journal_id_CSD            0353 
_citation.book_publisher            ? 
_citation.pdbx_database_id_PubMed   ? 
_citation.pdbx_database_id_DOI      ? 
# 
loop_
_citation_author.citation_id 
_citation_author.name 
_citation_author.ordinal 
_citation_author.identifier_ORCID 
primary 'Dautel, P.'   1 ? 
primary 'Kolenko, P.'  2 ? 
primary 'Stubbs, M.T.' 3 ? 
# 
_cell.entry_id           4HIW 
_cell.length_a           136.804 
_cell.length_b           136.804 
_cell.length_c           136.804 
_cell.angle_alpha        90.00 
_cell.angle_beta         90.00 
_cell.angle_gamma        90.00 
_cell.Z_PDB              48 
_cell.pdbx_unique_axis   ? 
_cell.length_a_esd       ? 
_cell.length_b_esd       ? 
_cell.length_c_esd       ? 
_cell.angle_alpha_esd    ? 
_cell.angle_beta_esd     ? 
_cell.angle_gamma_esd    ? 
# 
_symmetry.entry_id                         4HIW 
_symmetry.space_group_name_H-M             'I 4 3 2' 
_symmetry.pdbx_full_space_group_name_H-M   ? 
_symmetry.cell_setting                     ? 
_symmetry.Int_Tables_number                211 
_symmetry.space_group_name_Hall            ? 
# 
loop_
_entity.id 
_entity.type 
_entity.src_method 
_entity.pdbx_description 
_entity.formula_weight 
_entity.pdbx_number_of_molecules 
_entity.pdbx_ec 
_entity.pdbx_mutation 
_entity.pdbx_fragment 
_entity.details 
1 polymer man 'Matrix protein' 16153.649 1 ? 'R34A, R53A, H112W' ? ? 
2 water   nat water            18.015    9 ? ?                   ? ? 
# 
_entity_name_com.entity_id   1 
_entity_name_com.name        'gp18, p16' 
# 
_entity_poly.entity_id                      1 
_entity_poly.type                           'polypeptide(L)' 
_entity_poly.nstd_linkage                   no 
_entity_poly.nstd_monomer                   no 
_entity_poly.pdbx_seq_one_letter_code       
;MNSKHSYVELKDKVIVPGWPTLMLEIDFVGGTSANQFLNIPFLSVKEPLQLPAEKKLTDYFTIDVEPAGHSLVNIYFQID
DFLLLTLNSLSVYKDPIRKYMFLRLNKEQSKWAINAAFNVFSYRLRNIGVGPLGPDIRSSGP
;
_entity_poly.pdbx_seq_one_letter_code_can   
;MNSKHSYVELKDKVIVPGWPTLMLEIDFVGGTSANQFLNIPFLSVKEPLQLPAEKKLTDYFTIDVEPAGHSLVNIYFQID
DFLLLTLNSLSVYKDPIRKYMFLRLNKEQSKWAINAAFNVFSYRLRNIGVGPLGPDIRSSGP
;
_entity_poly.pdbx_strand_id                 A 
_entity_poly.pdbx_target_identifier         ? 
# 
loop_
_entity_poly_seq.entity_id 
_entity_poly_seq.num 
_entity_poly_seq.mon_id 
_entity_poly_seq.hetero 
1 1   MET n 
1 2   ASN n 
1 3   SER n 
1 4   LYS n 
1 5   HIS n 
1 6   SER n 
1 7   TYR n 
1 8   VAL n 
1 9   GLU n 
1 10  LEU n 
1 11  LYS n 
1 12  ASP n 
1 13  LYS n 
1 14  VAL n 
1 15  ILE n 
1 16  VAL n 
1 17  PRO n 
1 18  GLY n 
1 19  TRP n 
1 20  PRO n 
1 21  THR n 
1 22  LEU n 
1 23  MET n 
1 24  LEU n 
1 25  GLU n 
1 26  ILE n 
1 27  ASP n 
1 28  PHE n 
1 29  VAL n 
1 30  GLY n 
1 31  GLY n 
1 32  THR n 
1 33  SER n 
1 34  ALA n 
1 35  ASN n 
1 36  GLN n 
1 37  PHE n 
1 38  LEU n 
1 39  ASN n 
1 40  ILE n 
1 41  PRO n 
1 42  PHE n 
1 43  LEU n 
1 44  SER n 
1 45  VAL n 
1 46  LYS n 
1 47  GLU n 
1 48  PRO n 
1 49  LEU n 
1 50  GLN n 
1 51  LEU n 
1 52  PRO n 
1 53  ALA n 
1 54  GLU n 
1 55  LYS n 
1 56  LYS n 
1 57  LEU n 
1 58  THR n 
1 59  ASP n 
1 60  TYR n 
1 61  PHE n 
1 62  THR n 
1 63  ILE n 
1 64  ASP n 
1 65  VAL n 
1 66  GLU n 
1 67  PRO n 
1 68  ALA n 
1 69  GLY n 
1 70  HIS n 
1 71  SER n 
1 72  LEU n 
1 73  VAL n 
1 74  ASN n 
1 75  ILE n 
1 76  TYR n 
1 77  PHE n 
1 78  GLN n 
1 79  ILE n 
1 80  ASP n 
1 81  ASP n 
1 82  PHE n 
1 83  LEU n 
1 84  LEU n 
1 85  LEU n 
1 86  THR n 
1 87  LEU n 
1 88  ASN n 
1 89  SER n 
1 90  LEU n 
1 91  SER n 
1 92  VAL n 
1 93  TYR n 
1 94  LYS n 
1 95  ASP n 
1 96  PRO n 
1 97  ILE n 
1 98  ARG n 
1 99  LYS n 
1 100 TYR n 
1 101 MET n 
1 102 PHE n 
1 103 LEU n 
1 104 ARG n 
1 105 LEU n 
1 106 ASN n 
1 107 LYS n 
1 108 GLU n 
1 109 GLN n 
1 110 SER n 
1 111 LYS n 
1 112 TRP n 
1 113 ALA n 
1 114 ILE n 
1 115 ASN n 
1 116 ALA n 
1 117 ALA n 
1 118 PHE n 
1 119 ASN n 
1 120 VAL n 
1 121 PHE n 
1 122 SER n 
1 123 TYR n 
1 124 ARG n 
1 125 LEU n 
1 126 ARG n 
1 127 ASN n 
1 128 ILE n 
1 129 GLY n 
1 130 VAL n 
1 131 GLY n 
1 132 PRO n 
1 133 LEU n 
1 134 GLY n 
1 135 PRO n 
1 136 ASP n 
1 137 ILE n 
1 138 ARG n 
1 139 SER n 
1 140 SER n 
1 141 GLY n 
1 142 PRO n 
# 
_entity_src_gen.entity_id                          1 
_entity_src_gen.pdbx_src_id                        1 
_entity_src_gen.pdbx_alt_source_flag               sample 
_entity_src_gen.pdbx_seq_type                      ? 
_entity_src_gen.pdbx_beg_seq_num                   ? 
_entity_src_gen.pdbx_end_seq_num                   ? 
_entity_src_gen.gene_src_common_name               BDV 
_entity_src_gen.gene_src_genus                     ? 
_entity_src_gen.pdbx_gene_src_gene                 M 
_entity_src_gen.gene_src_species                   ? 
_entity_src_gen.gene_src_strain                    ? 
_entity_src_gen.gene_src_tissue                    ? 
_entity_src_gen.gene_src_tissue_fraction           ? 
_entity_src_gen.gene_src_details                   ? 
_entity_src_gen.pdbx_gene_src_fragment             ? 
_entity_src_gen.pdbx_gene_src_scientific_name      'Borna disease virus' 
_entity_src_gen.pdbx_gene_src_ncbi_taxonomy_id     12455 
_entity_src_gen.pdbx_gene_src_variant              ? 
_entity_src_gen.pdbx_gene_src_cell_line            ? 
_entity_src_gen.pdbx_gene_src_atcc                 ? 
_entity_src_gen.pdbx_gene_src_organ                ? 
_entity_src_gen.pdbx_gene_src_organelle            ? 
_entity_src_gen.pdbx_gene_src_cell                 ? 
_entity_src_gen.pdbx_gene_src_cellular_location    ? 
_entity_src_gen.host_org_common_name               ? 
_entity_src_gen.pdbx_host_org_scientific_name      'Escherichia coli' 
_entity_src_gen.pdbx_host_org_ncbi_taxonomy_id     511693 
_entity_src_gen.host_org_genus                     ? 
_entity_src_gen.pdbx_host_org_gene                 ? 
_entity_src_gen.pdbx_host_org_organ                ? 
_entity_src_gen.host_org_species                   ? 
_entity_src_gen.pdbx_host_org_tissue               ? 
_entity_src_gen.pdbx_host_org_tissue_fraction      ? 
_entity_src_gen.pdbx_host_org_strain               BL21 
_entity_src_gen.pdbx_host_org_variant              ? 
_entity_src_gen.pdbx_host_org_cell_line            ? 
_entity_src_gen.pdbx_host_org_atcc                 ? 
_entity_src_gen.pdbx_host_org_culture_collection   ? 
_entity_src_gen.pdbx_host_org_cell                 ? 
_entity_src_gen.pdbx_host_org_organelle            ? 
_entity_src_gen.pdbx_host_org_cellular_location    ? 
_entity_src_gen.pdbx_host_org_vector_type          PLASMID 
_entity_src_gen.pdbx_host_org_vector               ? 
_entity_src_gen.host_org_details                   ? 
_entity_src_gen.expression_system_id               ? 
_entity_src_gen.plasmid_name                       PMAL-C2 
_entity_src_gen.plasmid_details                    ? 
_entity_src_gen.pdbx_description                   ? 
# 
_struct_ref.id                         1 
_struct_ref.db_name                    UNP 
_struct_ref.db_code                    MATRX_BDV 
_struct_ref.pdbx_db_accession          P0C794 
_struct_ref.entity_id                  1 
_struct_ref.pdbx_seq_one_letter_code   
;MNSKHSYVELKDKVIVPGWPTLMLEIDFVGGTSRNQFLNIPFLSVKEPLQLPREKKLTDYFTIDVEPAGHSLVNIYFQID
DFLLLTLNSLSVYKDPIRKYMFLRLNKEQSKHAINAAFNVFSYRLRNIGVGPLGPDIRSSGP
;
_struct_ref.pdbx_align_begin           1 
_struct_ref.pdbx_db_isoform            ? 
# 
_struct_ref_seq.align_id                      1 
_struct_ref_seq.ref_id                        1 
_struct_ref_seq.pdbx_PDB_id_code              4HIW 
_struct_ref_seq.pdbx_strand_id                A 
_struct_ref_seq.seq_align_beg                 1 
_struct_ref_seq.pdbx_seq_align_beg_ins_code   ? 
_struct_ref_seq.seq_align_end                 142 
_struct_ref_seq.pdbx_seq_align_end_ins_code   ? 
_struct_ref_seq.pdbx_db_accession             P0C794 
_struct_ref_seq.db_align_beg                  1 
_struct_ref_seq.pdbx_db_align_beg_ins_code    ? 
_struct_ref_seq.db_align_end                  142 
_struct_ref_seq.pdbx_db_align_end_ins_code    ? 
_struct_ref_seq.pdbx_auth_seq_align_beg       1 
_struct_ref_seq.pdbx_auth_seq_align_end       142 
# 
loop_
_struct_ref_seq_dif.align_id 
_struct_ref_seq_dif.pdbx_pdb_id_code 
_struct_ref_seq_dif.mon_id 
_struct_ref_seq_dif.pdbx_pdb_strand_id 
_struct_ref_seq_dif.seq_num 
_struct_ref_seq_dif.pdbx_pdb_ins_code 
_struct_ref_seq_dif.pdbx_seq_db_name 
_struct_ref_seq_dif.pdbx_seq_db_accession_code 
_struct_ref_seq_dif.db_mon_id 
_struct_ref_seq_dif.pdbx_seq_db_seq_num 
_struct_ref_seq_dif.details 
_struct_ref_seq_dif.pdbx_auth_seq_num 
_struct_ref_seq_dif.pdbx_ordinal 
1 4HIW ALA A 34  ? UNP P0C794 ARG 34  'engineered mutation' 34  1 
1 4HIW ALA A 53  ? UNP P0C794 ARG 53  'engineered mutation' 53  2 
1 4HIW TRP A 112 ? UNP P0C794 HIS 112 'engineered mutation' 112 3 
# 
loop_
_chem_comp.id 
_chem_comp.type 
_chem_comp.mon_nstd_flag 
_chem_comp.name 
_chem_comp.pdbx_synonyms 
_chem_comp.formula 
_chem_comp.formula_weight 
ALA 'L-peptide linking' y ALANINE         ? 'C3 H7 N O2'     89.093  
ARG 'L-peptide linking' y ARGININE        ? 'C6 H15 N4 O2 1' 175.209 
ASN 'L-peptide linking' y ASPARAGINE      ? 'C4 H8 N2 O3'    132.118 
ASP 'L-peptide linking' y 'ASPARTIC ACID' ? 'C4 H7 N O4'     133.103 
GLN 'L-peptide linking' y GLUTAMINE       ? 'C5 H10 N2 O3'   146.144 
GLU 'L-peptide linking' y 'GLUTAMIC ACID' ? 'C5 H9 N O4'     147.129 
GLY 'peptide linking'   y GLYCINE         ? 'C2 H5 N O2'     75.067  
HIS 'L-peptide linking' y HISTIDINE       ? 'C6 H10 N3 O2 1' 156.162 
HOH non-polymer         . WATER           ? 'H2 O'           18.015  
ILE 'L-peptide linking' y ISOLEUCINE      ? 'C6 H13 N O2'    131.173 
LEU 'L-peptide linking' y LEUCINE         ? 'C6 H13 N O2'    131.173 
LYS 'L-peptide linking' y LYSINE          ? 'C6 H15 N2 O2 1' 147.195 
MET 'L-peptide linking' y METHIONINE      ? 'C5 H11 N O2 S'  149.211 
PHE 'L-peptide linking' y PHENYLALANINE   ? 'C9 H11 N O2'    165.189 
PRO 'L-peptide linking' y PROLINE         ? 'C5 H9 N O2'     115.130 
SER 'L-peptide linking' y SERINE          ? 'C3 H7 N O3'     105.093 
THR 'L-peptide linking' y THREONINE       ? 'C4 H9 N O3'     119.119 
TRP 'L-peptide linking' y TRYPTOPHAN      ? 'C11 H12 N2 O2'  204.225 
TYR 'L-peptide linking' y TYROSINE        ? 'C9 H11 N O3'    181.189 
VAL 'L-peptide linking' y VALINE          ? 'C5 H11 N O2'    117.146 
# 
_exptl.entry_id          4HIW 
_exptl.method            'X-RAY DIFFRACTION' 
_exptl.crystals_number   1 
# 
_exptl_crystal.id                    1 
_exptl_crystal.density_meas          ? 
_exptl_crystal.density_Matthews      3.30 
_exptl_crystal.density_percent_sol   62.75 
_exptl_crystal.description           ? 
_exptl_crystal.F_000                 ? 
_exptl_crystal.preparation           ? 
# 
_exptl_crystal_grow.crystal_id      1 
_exptl_crystal_grow.method          'VAPOR DIFFUSION, HANGING DROP' 
_exptl_crystal_grow.temp            293 
_exptl_crystal_grow.temp_details    ? 
_exptl_crystal_grow.pH              6.5 
_exptl_crystal_grow.pdbx_details    
'2.0 M NaCl, 0.1 M NaH2PO4, 0.1 M KH2PO4, 0.1 M MES, pH 6.5, VAPOR DIFFUSION, HANGING DROP, temperature 293K' 
_exptl_crystal_grow.pdbx_pH_range   ? 
# 
_diffrn.id                     1 
_diffrn.ambient_temp           100 
_diffrn.ambient_temp_details   ? 
_diffrn.crystal_id             1 
# 
_diffrn_detector.diffrn_id              1 
_diffrn_detector.detector               CCD 
_diffrn_detector.type                   'MARMOSAIC 225 mm CCD' 
_diffrn_detector.pdbx_collection_date   2010-07-10 
_diffrn_detector.details                mirrors 
# 
_diffrn_radiation.diffrn_id                        1 
_diffrn_radiation.wavelength_id                    1 
_diffrn_radiation.pdbx_monochromatic_or_laue_m_l   M 
_diffrn_radiation.monochromator                    'Si 111 CHANNEL' 
_diffrn_radiation.pdbx_diffrn_protocol             'SINGLE WAVELENGTH' 
_diffrn_radiation.pdbx_scattering_type             x-ray 
# 
_diffrn_radiation_wavelength.id           1 
_diffrn_radiation_wavelength.wavelength   0.91841 
_diffrn_radiation_wavelength.wt           1.0 
# 
_diffrn_source.diffrn_id                   1 
_diffrn_source.source                      SYNCHROTRON 
_diffrn_source.type                        'BESSY BEAMLINE 14.1' 
_diffrn_source.pdbx_synchrotron_site       BESSY 
_diffrn_source.pdbx_synchrotron_beamline   14.1 
_diffrn_source.pdbx_wavelength             ? 
_diffrn_source.pdbx_wavelength_list        0.91841 
# 
_reflns.entry_id                     4HIW 
_reflns.observed_criterion_sigma_I   -3.7 
_reflns.observed_criterion_sigma_F   0 
_reflns.d_resolution_low             50.0 
_reflns.d_resolution_high            2.9 
_reflns.number_obs                   5121 
_reflns.number_all                   5121 
_reflns.percent_possible_obs         100 
_reflns.pdbx_Rmerge_I_obs            0.107 
_reflns.pdbx_Rsym_value              ? 
_reflns.pdbx_netI_over_sigmaI        13.6 
_reflns.B_iso_Wilson_estimate        91 
_reflns.pdbx_redundancy              8.9 
_reflns.R_free_details               ? 
_reflns.limit_h_max                  ? 
_reflns.limit_h_min                  ? 
_reflns.limit_k_max                  ? 
_reflns.limit_k_min                  ? 
_reflns.limit_l_max                  ? 
_reflns.limit_l_min                  ? 
_reflns.observed_criterion_F_max     ? 
_reflns.observed_criterion_F_min     ? 
_reflns.pdbx_chi_squared             ? 
_reflns.pdbx_scaling_rejects         ? 
_reflns.pdbx_ordinal                 1 
_reflns.pdbx_diffrn_id               1 
# 
_reflns_shell.d_res_high             2.90 
_reflns_shell.d_res_low              3.06 
_reflns_shell.percent_possible_all   100 
_reflns_shell.Rmerge_I_obs           0.731 
_reflns_shell.pdbx_Rsym_value        ? 
_reflns_shell.meanI_over_sigI_obs    2.8 
_reflns_shell.pdbx_redundancy        9.5 
_reflns_shell.percent_possible_obs   ? 
_reflns_shell.number_unique_all      722 
_reflns_shell.number_measured_all    ? 
_reflns_shell.number_measured_obs    ? 
_reflns_shell.number_unique_obs      ? 
_reflns_shell.pdbx_chi_squared       ? 
_reflns_shell.pdbx_ordinal           1 
_reflns_shell.pdbx_diffrn_id         1 
# 
_refine.entry_id                                 4HIW 
_refine.ls_number_reflns_obs                     5108 
_refine.ls_number_reflns_all                     5121 
_refine.pdbx_ls_sigma_I                          . 
_refine.pdbx_ls_sigma_F                          . 
_refine.pdbx_data_cutoff_high_absF               ? 
_refine.pdbx_data_cutoff_low_absF                ? 
_refine.pdbx_data_cutoff_high_rms_absF           ? 
_refine.ls_d_res_low                             50.0 
_refine.ls_d_res_high                            2.90 
_refine.ls_percent_reflns_obs                    99.65 
_refine.ls_R_factor_obs                          0.2042 
_refine.ls_R_factor_all                          0.2042 
_refine.ls_R_factor_R_work                       0.1947 
_refine.ls_R_factor_R_free                       ? 
_refine.ls_R_factor_R_free_error                 ? 
_refine.ls_R_factor_R_free_error_details         ? 
_refine.ls_percent_reflns_R_free                 ? 
_refine.ls_number_reflns_R_free                  235 
_refine.ls_number_parameters                     ? 
_refine.ls_number_restraints                     ? 
_refine.occupancy_min                            ? 
_refine.occupancy_max                            ? 
_refine.correlation_coeff_Fo_to_Fc               0.940 
_refine.correlation_coeff_Fo_to_Fc_free          ? 
_refine.B_iso_mean                               55.833 
_refine.aniso_B[1][1]                            ? 
_refine.aniso_B[2][2]                            ? 
_refine.aniso_B[3][3]                            ? 
_refine.aniso_B[1][2]                            ? 
_refine.aniso_B[1][3]                            ? 
_refine.aniso_B[2][3]                            ? 
_refine.solvent_model_details                    MASK 
_refine.solvent_model_param_ksol                 ? 
_refine.solvent_model_param_bsol                 ? 
_refine.pdbx_solvent_vdw_probe_radii             1.20 
_refine.pdbx_solvent_ion_probe_radii             0.80 
_refine.pdbx_solvent_shrinkage_radii             0.80 
_refine.pdbx_ls_cross_valid_method               THROUGHOUT 
_refine.details                                  
'HYDROGENS HAVE BEEN ADDED IN THE RIDING POSITIONS. THE RFREE FLAGS WERE USED FOR REFINEMENT IN THE LAST CYCLE' 
_refine.pdbx_starting_model                      'PDB ENTRY 3F1J' 
_refine.pdbx_method_to_determine_struct          'MOLECULAR REPLACEMENT' 
_refine.pdbx_isotropic_thermal_model             Isotropic 
_refine.pdbx_stereochemistry_target_values       'MAXIMUM LIKELIHOOD' 
_refine.pdbx_stereochem_target_val_spec_case     ? 
_refine.pdbx_R_Free_selection_details            RANDOM 
_refine.pdbx_overall_ESU_R                       0.762 
_refine.pdbx_overall_ESU_R_Free                  ? 
_refine.overall_SU_ML                            0.213 
_refine.pdbx_overall_phase_error                 ? 
_refine.overall_SU_B                             11.447 
_refine.overall_SU_R_Cruickshank_DPI             ? 
_refine.ls_redundancy_reflns_obs                 ? 
_refine.B_iso_min                                ? 
_refine.B_iso_max                                ? 
_refine.overall_SU_R_free                        ? 
_refine.ls_wR_factor_R_free                      ? 
_refine.ls_wR_factor_R_work                      ? 
_refine.overall_FOM_free_R_set                   ? 
_refine.overall_FOM_work_R_set                   ? 
_refine.pdbx_diffrn_id                           1 
_refine.pdbx_refine_id                           'X-RAY DIFFRACTION' 
_refine.pdbx_TLS_residual_ADP_flag               ? 
_refine.pdbx_overall_SU_R_free_Cruickshank_DPI   ? 
_refine.pdbx_overall_SU_R_Blow_DPI               ? 
_refine.pdbx_overall_SU_R_free_Blow_DPI          ? 
# 
_refine_hist.pdbx_refine_id                   'X-RAY DIFFRACTION' 
_refine_hist.cycle_id                         LAST 
_refine_hist.pdbx_number_atoms_protein        1100 
_refine_hist.pdbx_number_atoms_nucleic_acid   0 
_refine_hist.pdbx_number_atoms_ligand         0 
_refine_hist.number_atoms_solvent             9 
_refine_hist.number_atoms_total               1109 
_refine_hist.d_res_high                       2.90 
_refine_hist.d_res_low                        50.0 
# 
loop_
_refine_ls_restr.type 
_refine_ls_restr.dev_ideal 
_refine_ls_restr.dev_ideal_target 
_refine_ls_restr.weight 
_refine_ls_restr.number 
_refine_ls_restr.pdbx_restraint_function 
_refine_ls_restr.pdbx_refine_id 
r_bond_refined_d       0.012  0.020  ? 1128 ? 'X-RAY DIFFRACTION' 
r_bond_other_d         0.006  0.020  ? 779  ? 'X-RAY DIFFRACTION' 
r_angle_refined_deg    1.599  1.979  ? 1529 ? 'X-RAY DIFFRACTION' 
r_angle_other_deg      0.936  3.000  ? 1904 ? 'X-RAY DIFFRACTION' 
r_dihedral_angle_1_deg 7.393  5.000  ? 134  ? 'X-RAY DIFFRACTION' 
r_dihedral_angle_2_deg 32.377 24.082 ? 49   ? 'X-RAY DIFFRACTION' 
r_dihedral_angle_3_deg 17.768 15.000 ? 197  ? 'X-RAY DIFFRACTION' 
r_dihedral_angle_4_deg 25.223 15.000 ? 5    ? 'X-RAY DIFFRACTION' 
r_chiral_restr         0.086  0.200  ? 171  ? 'X-RAY DIFFRACTION' 
r_gen_planes_refined   0.006  0.021  ? 1215 ? 'X-RAY DIFFRACTION' 
r_gen_planes_other     0.001  0.020  ? 230  ? 'X-RAY DIFFRACTION' 
# 
_refine_ls_shell.pdbx_total_number_of_bins_used   20 
_refine_ls_shell.d_res_high                       2.901 
_refine_ls_shell.d_res_low                        2.976 
_refine_ls_shell.number_reflns_R_work             320 
_refine_ls_shell.R_factor_R_work                  0.341 
_refine_ls_shell.percent_reflns_obs               ? 
_refine_ls_shell.R_factor_R_free                  ? 
_refine_ls_shell.R_factor_R_free_error            ? 
_refine_ls_shell.percent_reflns_R_free            ? 
_refine_ls_shell.number_reflns_R_free             ? 
_refine_ls_shell.number_reflns_all                ? 
_refine_ls_shell.R_factor_all                     ? 
_refine_ls_shell.number_reflns_obs                ? 
_refine_ls_shell.redundancy_reflns_obs            ? 
_refine_ls_shell.pdbx_refine_id                   'X-RAY DIFFRACTION' 
# 
_struct.entry_id                  4HIW 
_struct.title                     'Crystal structure of R34/53A, H112W mutant of borna disease virus matrix protein' 
_struct.pdbx_model_details        ? 
_struct.pdbx_CASP_flag            ? 
_struct.pdbx_model_type_details   ? 
# 
_struct_keywords.entry_id        4HIW 
_struct_keywords.pdbx_keywords   'VIRAL PROTEIN' 
_struct_keywords.text            
;VIRAL MATRIX PROTEIN, RNA BINDING, MEMBRANE BINDING, VIRUSES, SSRNA, NEGATIVE-STRAND VIRUSES, MONONEGAVIRALES, BORNAVIRIDAE, BORNA VIRUS, VIRION, VIRAL PROTEIN
;
# 
loop_
_struct_asym.id 
_struct_asym.pdbx_blank_PDB_chainid_flag 
_struct_asym.pdbx_modified 
_struct_asym.entity_id 
_struct_asym.details 
A N N 1 ? 
B N N 2 ? 
# 
_struct_biol.id        1 
_struct_biol.details   ? 
# 
loop_
_struct_conf.conf_type_id 
_struct_conf.id 
_struct_conf.pdbx_PDB_helix_id 
_struct_conf.beg_label_comp_id 
_struct_conf.beg_label_asym_id 
_struct_conf.beg_label_seq_id 
_struct_conf.pdbx_beg_PDB_ins_code 
_struct_conf.end_label_comp_id 
_struct_conf.end_label_asym_id 
_struct_conf.end_label_seq_id 
_struct_conf.pdbx_end_PDB_ins_code 
_struct_conf.beg_auth_comp_id 
_struct_conf.beg_auth_asym_id 
_struct_conf.beg_auth_seq_id 
_struct_conf.end_auth_comp_id 
_struct_conf.end_auth_asym_id 
_struct_conf.end_auth_seq_id 
_struct_conf.pdbx_PDB_helix_class 
_struct_conf.details 
_struct_conf.pdbx_PDB_helix_length 
HELX_P HELX_P1 1 LYS A 11  ? ILE A 15  ? LYS A 11  ILE A 15  5 ? 5  
HELX_P HELX_P2 2 LYS A 56  ? TYR A 60  ? LYS A 56  TYR A 60  1 ? 5  
HELX_P HELX_P3 3 ASP A 80  ? SER A 91  ? ASP A 80  SER A 91  1 ? 12 
HELX_P HELX_P4 4 ASN A 106 ? ALA A 116 ? ASN A 106 ALA A 116 1 ? 11 
HELX_P HELX_P5 5 LEU A 133 ? SER A 140 ? LEU A 133 SER A 140 1 ? 8  
# 
_struct_conf_type.id          HELX_P 
_struct_conf_type.criteria    ? 
_struct_conf_type.reference   ? 
# 
_struct_mon_prot_cis.pdbx_id                1 
_struct_mon_prot_cis.label_comp_id          VAL 
_struct_mon_prot_cis.label_seq_id           29 
_struct_mon_prot_cis.label_asym_id          A 
_struct_mon_prot_cis.label_alt_id           . 
_struct_mon_prot_cis.pdbx_PDB_ins_code      ? 
_struct_mon_prot_cis.auth_comp_id           VAL 
_struct_mon_prot_cis.auth_seq_id            29 
_struct_mon_prot_cis.auth_asym_id           A 
_struct_mon_prot_cis.pdbx_label_comp_id_2   GLY 
_struct_mon_prot_cis.pdbx_label_seq_id_2    30 
_struct_mon_prot_cis.pdbx_label_asym_id_2   A 
_struct_mon_prot_cis.pdbx_PDB_ins_code_2    ? 
_struct_mon_prot_cis.pdbx_auth_comp_id_2    GLY 
_struct_mon_prot_cis.pdbx_auth_seq_id_2     30 
_struct_mon_prot_cis.pdbx_auth_asym_id_2    A 
_struct_mon_prot_cis.pdbx_PDB_model_num     1 
_struct_mon_prot_cis.pdbx_omega_angle       0.72 
# 
loop_
_struct_sheet.id 
_struct_sheet.type 
_struct_sheet.number_strands 
_struct_sheet.details 
A ? 4 ? 
B ? 3 ? 
C ? 3 ? 
# 
loop_
_struct_sheet_order.sheet_id 
_struct_sheet_order.range_id_1 
_struct_sheet_order.range_id_2 
_struct_sheet_order.offset 
_struct_sheet_order.sense 
A 1 2 ? parallel      
A 2 3 ? anti-parallel 
A 3 4 ? anti-parallel 
B 1 2 ? anti-parallel 
B 2 3 ? anti-parallel 
C 1 2 ? anti-parallel 
C 2 3 ? anti-parallel 
# 
loop_
_struct_sheet_range.sheet_id 
_struct_sheet_range.id 
_struct_sheet_range.beg_label_comp_id 
_struct_sheet_range.beg_label_asym_id 
_struct_sheet_range.beg_label_seq_id 
_struct_sheet_range.pdbx_beg_PDB_ins_code 
_struct_sheet_range.end_label_comp_id 
_struct_sheet_range.end_label_asym_id 
_struct_sheet_range.end_label_seq_id 
_struct_sheet_range.pdbx_end_PDB_ins_code 
_struct_sheet_range.beg_auth_comp_id 
_struct_sheet_range.beg_auth_asym_id 
_struct_sheet_range.beg_auth_seq_id 
_struct_sheet_range.end_auth_comp_id 
_struct_sheet_range.end_auth_asym_id 
_struct_sheet_range.end_auth_seq_id 
A 1 VAL A 8   ? GLU A 9   ? VAL A 8   GLU A 9   
A 2 TYR A 100 ? ARG A 104 ? TYR A 100 ARG A 104 
A 3 VAL A 73  ? ILE A 79  ? VAL A 73  ILE A 79  
A 4 PHE A 61  ? PRO A 67  ? PHE A 61  PRO A 67  
B 1 LEU A 38  ? SER A 44  ? LEU A 38  SER A 44  
B 2 THR A 21  ? PHE A 28  ? THR A 21  PHE A 28  
B 3 VAL A 120 ? ARG A 124 ? VAL A 120 ARG A 124 
C 1 LEU A 38  ? SER A 44  ? LEU A 38  SER A 44  
C 2 THR A 21  ? PHE A 28  ? THR A 21  PHE A 28  
C 3 ASN A 127 ? ILE A 128 ? ASN A 127 ILE A 128 
# 
loop_
_pdbx_struct_sheet_hbond.sheet_id 
_pdbx_struct_sheet_hbond.range_id_1 
_pdbx_struct_sheet_hbond.range_id_2 
_pdbx_struct_sheet_hbond.range_1_label_atom_id 
_pdbx_struct_sheet_hbond.range_1_label_comp_id 
_pdbx_struct_sheet_hbond.range_1_label_asym_id 
_pdbx_struct_sheet_hbond.range_1_label_seq_id 
_pdbx_struct_sheet_hbond.range_1_PDB_ins_code 
_pdbx_struct_sheet_hbond.range_1_auth_atom_id 
_pdbx_struct_sheet_hbond.range_1_auth_comp_id 
_pdbx_struct_sheet_hbond.range_1_auth_asym_id 
_pdbx_struct_sheet_hbond.range_1_auth_seq_id 
_pdbx_struct_sheet_hbond.range_2_label_atom_id 
_pdbx_struct_sheet_hbond.range_2_label_comp_id 
_pdbx_struct_sheet_hbond.range_2_label_asym_id 
_pdbx_struct_sheet_hbond.range_2_label_seq_id 
_pdbx_struct_sheet_hbond.range_2_PDB_ins_code 
_pdbx_struct_sheet_hbond.range_2_auth_atom_id 
_pdbx_struct_sheet_hbond.range_2_auth_comp_id 
_pdbx_struct_sheet_hbond.range_2_auth_asym_id 
_pdbx_struct_sheet_hbond.range_2_auth_seq_id 
A 1 2 N VAL A 8   ? N VAL A 8   O PHE A 102 ? O PHE A 102 
A 2 3 O MET A 101 ? O MET A 101 N PHE A 77  ? N PHE A 77  
A 3 4 O TYR A 76  ? O TYR A 76  N ASP A 64  ? N ASP A 64  
B 1 2 O PHE A 42  ? O PHE A 42  N LEU A 22  ? N LEU A 22  
B 2 3 N GLU A 25  ? N GLU A 25  O ARG A 124 ? O ARG A 124 
C 1 2 O PHE A 42  ? O PHE A 42  N LEU A 22  ? N LEU A 22  
C 2 3 N THR A 21  ? N THR A 21  O ILE A 128 ? O ILE A 128 
# 
_atom_sites.entry_id                    4HIW 
_atom_sites.fract_transf_matrix[1][1]   -0.00029677 
_atom_sites.fract_transf_matrix[1][2]   -0.00249327 
_atom_sites.fract_transf_matrix[1][3]   0.00686525 
_atom_sites.fract_transf_matrix[2][1]   0.00164714 
_atom_sites.fract_transf_matrix[2][2]   0.00667108 
_atom_sites.fract_transf_matrix[2][3]   0.00249395 
_atom_sites.fract_transf_matrix[3][1]   -0.00711582 
_atom_sites.fract_transf_matrix[3][2]   0.00164817 
_atom_sites.fract_transf_matrix[3][3]   0.00029097 
_atom_sites.fract_transf_vector[1]      -0.344885 
_atom_sites.fract_transf_vector[2]      0.076380 
_atom_sites.fract_transf_vector[3]      -0.136358 
# 
loop_
_atom_type.symbol 
C 
N 
O 
S 
# 
loop_
_atom_site.group_PDB 
_atom_site.id 
_atom_site.type_symbol 
_atom_site.label_atom_id 
_atom_site.label_alt_id 
_atom_site.label_comp_id 
_atom_site.label_asym_id 
_atom_site.label_entity_id 
_atom_site.label_seq_id 
_atom_site.pdbx_PDB_ins_code 
_atom_site.Cartn_x 
_atom_site.Cartn_y 
_atom_site.Cartn_z 
_atom_site.occupancy 
_atom_site.B_iso_or_equiv 
_atom_site.pdbx_formal_charge 
_atom_site.auth_seq_id 
_atom_site.auth_comp_id 
_atom_site.auth_asym_id 
_atom_site.auth_atom_id 
_atom_site.pdbx_PDB_model_num 
ATOM   1    N N   . MET A 1 1   ? 13.969  27.086  -9.777  1.00 68.37  ? 1   MET A N   1 
ATOM   2    C CA  . MET A 1 1   ? 13.289  28.029  -8.854  1.00 82.49  ? 1   MET A CA  1 
ATOM   3    C C   . MET A 1 1   ? 12.285  27.335  -7.838  1.00 93.68  ? 1   MET A C   1 
ATOM   4    O O   . MET A 1 1   ? 12.737  26.775  -6.807  1.00 82.56  ? 1   MET A O   1 
ATOM   5    C CB  . MET A 1 1   ? 12.675  29.202  -9.692  1.00 79.11  ? 1   MET A CB  1 
ATOM   6    C CG  . MET A 1 1   ? 13.686  30.294  -10.123 1.00 75.46  ? 1   MET A CG  1 
ATOM   7    S SD  . MET A 1 1   ? 13.196  31.493  -11.415 1.00 89.54  ? 1   MET A SD  1 
ATOM   8    C CE  . MET A 1 1   ? 14.575  32.657  -11.465 1.00 69.36  ? 1   MET A CE  1 
ATOM   9    N N   . ASN A 1 2   ? 10.968  27.344  -8.162  1.00 102.48 ? 2   ASN A N   1 
ATOM   10   C CA  . ASN A 1 2   ? 9.798   27.022  -7.253  1.00 89.50  ? 2   ASN A CA  1 
ATOM   11   C C   . ASN A 1 2   ? 8.930   25.749  -7.650  1.00 102.54 ? 2   ASN A C   1 
ATOM   12   O O   . ASN A 1 2   ? 8.471   25.628  -8.809  1.00 87.17  ? 2   ASN A O   1 
ATOM   13   C CB  . ASN A 1 2   ? 8.893   28.296  -7.112  1.00 83.85  ? 2   ASN A CB  1 
ATOM   14   C CG  . ASN A 1 2   ? 8.400   28.903  -8.489  1.00 77.89  ? 2   ASN A CG  1 
ATOM   15   O OD1 . ASN A 1 2   ? 8.713   28.402  -9.562  1.00 70.65  ? 2   ASN A OD1 1 
ATOM   16   N ND2 . ASN A 1 2   ? 7.613   29.982  -8.435  1.00 57.92  ? 2   ASN A ND2 1 
ATOM   17   N N   . SER A 1 3   ? 8.682   24.825  -6.696  1.00 117.60 ? 3   SER A N   1 
ATOM   18   C CA  . SER A 1 3   ? 8.073   23.467  -6.998  1.00 111.45 ? 3   SER A CA  1 
ATOM   19   C C   . SER A 1 3   ? 6.954   22.907  -6.043  1.00 113.13 ? 3   SER A C   1 
ATOM   20   O O   . SER A 1 3   ? 7.009   23.139  -4.829  1.00 94.75  ? 3   SER A O   1 
ATOM   21   C CB  . SER A 1 3   ? 9.196   22.413  -7.092  1.00 107.47 ? 3   SER A CB  1 
ATOM   22   O OG  . SER A 1 3   ? 10.341  22.898  -7.790  1.00 91.94  ? 3   SER A OG  1 
ATOM   23   N N   . LYS A 1 4   ? 5.985   22.155  -6.618  1.00 117.54 ? 4   LYS A N   1 
ATOM   24   C CA  . LYS A 1 4   ? 4.848   21.483  -5.884  1.00 110.98 ? 4   LYS A CA  1 
ATOM   25   C C   . LYS A 1 4   ? 4.104   20.338  -6.662  1.00 98.13  ? 4   LYS A C   1 
ATOM   26   O O   . LYS A 1 4   ? 4.406   20.092  -7.830  1.00 101.27 ? 4   LYS A O   1 
ATOM   27   C CB  . LYS A 1 4   ? 3.845   22.534  -5.407  1.00 120.09 ? 4   LYS A CB  1 
ATOM   28   C CG  . LYS A 1 4   ? 4.058   22.979  -3.955  1.00 124.55 ? 4   LYS A CG  1 
ATOM   29   C CD  . LYS A 1 4   ? 3.308   22.107  -2.945  1.00 128.93 ? 4   LYS A CD  1 
ATOM   30   C CE  . LYS A 1 4   ? 1.853   21.851  -3.354  1.00 127.88 ? 4   LYS A CE  1 
ATOM   31   N NZ  . LYS A 1 4   ? 1.051   21.190  -2.286  1.00 117.42 ? 4   LYS A NZ  1 
ATOM   32   N N   . HIS A 1 5   ? 3.117   19.680  -6.029  1.00 85.80  ? 5   HIS A N   1 
ATOM   33   C CA  . HIS A 1 5   ? 2.747   18.260  -6.354  1.00 78.83  ? 5   HIS A CA  1 
ATOM   34   C C   . HIS A 1 5   ? 1.299   17.830  -6.562  1.00 72.35  ? 5   HIS A C   1 
ATOM   35   O O   . HIS A 1 5   ? 0.402   18.638  -6.747  1.00 75.19  ? 5   HIS A O   1 
ATOM   36   C CB  . HIS A 1 5   ? 3.319   17.366  -5.251  1.00 78.44  ? 5   HIS A CB  1 
ATOM   37   C CG  . HIS A 1 5   ? 2.672   17.573  -3.900  1.00 85.53  ? 5   HIS A CG  1 
ATOM   38   N ND1 . HIS A 1 5   ? 3.280   18.255  -2.915  1.00 87.22  ? 5   HIS A ND1 1 
ATOM   39   C CD2 . HIS A 1 5   ? 1.432   17.156  -3.387  1.00 86.22  ? 5   HIS A CD2 1 
ATOM   40   C CE1 . HIS A 1 5   ? 2.484   18.282  -1.829  1.00 88.38  ? 5   HIS A CE1 1 
ATOM   41   N NE2 . HIS A 1 5   ? 1.350   17.609  -2.119  1.00 85.34  ? 5   HIS A NE2 1 
ATOM   42   N N   . SER A 1 6   ? 1.084   16.513  -6.527  1.00 70.12  ? 6   SER A N   1 
ATOM   43   C CA  . SER A 1 6   ? -0.227  15.895  -6.767  1.00 71.05  ? 6   SER A CA  1 
ATOM   44   C C   . SER A 1 6   ? -0.291  14.394  -6.328  1.00 69.46  ? 6   SER A C   1 
ATOM   45   O O   . SER A 1 6   ? 0.731   13.710  -6.230  1.00 71.62  ? 6   SER A O   1 
ATOM   46   C CB  . SER A 1 6   ? -0.583  16.045  -8.237  1.00 67.21  ? 6   SER A CB  1 
ATOM   47   O OG  . SER A 1 6   ? -1.553  15.092  -8.607  1.00 75.02  ? 6   SER A OG  1 
ATOM   48   N N   . TYR A 1 7   ? -1.492  13.889  -6.065  1.00 64.38  ? 7   TYR A N   1 
ATOM   49   C CA  . TYR A 1 7   ? -1.630  12.537  -5.516  1.00 69.36  ? 7   TYR A CA  1 
ATOM   50   C C   . TYR A 1 7   ? -2.053  11.529  -6.591  1.00 73.15  ? 7   TYR A C   1 
ATOM   51   O O   . TYR A 1 7   ? -3.220  11.482  -7.011  1.00 68.56  ? 7   TYR A O   1 
ATOM   52   C CB  . TYR A 1 7   ? -2.620  12.522  -4.348  1.00 64.73  ? 7   TYR A CB  1 
ATOM   53   C CG  . TYR A 1 7   ? -1.997  12.948  -3.048  1.00 62.71  ? 7   TYR A CG  1 
ATOM   54   C CD1 . TYR A 1 7   ? -1.940  14.280  -2.695  1.00 61.81  ? 7   TYR A CD1 1 
ATOM   55   C CD2 . TYR A 1 7   ? -1.454  12.021  -2.170  1.00 65.85  ? 7   TYR A CD2 1 
ATOM   56   C CE1 . TYR A 1 7   ? -1.386  14.685  -1.495  1.00 58.40  ? 7   TYR A CE1 1 
ATOM   57   C CE2 . TYR A 1 7   ? -0.892  12.421  -0.960  1.00 63.14  ? 7   TYR A CE2 1 
ATOM   58   C CZ  . TYR A 1 7   ? -0.863  13.762  -0.639  1.00 58.14  ? 7   TYR A CZ  1 
ATOM   59   O OH  . TYR A 1 7   ? -0.318  14.190  0.538   1.00 58.09  ? 7   TYR A OH  1 
ATOM   60   N N   . VAL A 1 8   ? -1.097  10.715  -7.022  1.00 72.22  ? 8   VAL A N   1 
ATOM   61   C CA  . VAL A 1 8   ? -1.369  9.759   -8.087  1.00 70.11  ? 8   VAL A CA  1 
ATOM   62   C C   . VAL A 1 8   ? -1.990  8.491   -7.496  1.00 61.28  ? 8   VAL A C   1 
ATOM   63   O O   . VAL A 1 8   ? -1.567  8.003   -6.442  1.00 56.16  ? 8   VAL A O   1 
ATOM   64   C CB  . VAL A 1 8   ? -0.087  9.382   -8.875  1.00 72.89  ? 8   VAL A CB  1 
ATOM   65   C CG1 . VAL A 1 8   ? -0.489  8.734   -10.202 1.00 68.99  ? 8   VAL A CG1 1 
ATOM   66   C CG2 . VAL A 1 8   ? 0.831   10.600  -9.061  1.00 61.41  ? 8   VAL A CG2 1 
ATOM   67   N N   . GLU A 1 9   ? -2.993  7.959   -8.177  1.00 58.07  ? 9   GLU A N   1 
ATOM   68   C CA  . GLU A 1 9   ? -3.497  6.625   -7.847  1.00 59.33  ? 9   GLU A CA  1 
ATOM   69   C C   . GLU A 1 9   ? -2.378  5.596   -8.069  1.00 59.88  ? 9   GLU A C   1 
ATOM   70   O O   . GLU A 1 9   ? -1.593  5.701   -9.041  1.00 61.69  ? 9   GLU A O   1 
ATOM   71   C CB  . GLU A 1 9   ? -4.714  6.253   -8.709  1.00 58.31  ? 9   GLU A CB  1 
ATOM   72   C CG  . GLU A 1 9   ? -5.200  4.831   -8.507  1.00 57.94  ? 9   GLU A CG  1 
ATOM   73   C CD  . GLU A 1 9   ? -6.614  4.596   -9.035  1.00 62.67  ? 9   GLU A CD  1 
ATOM   74   O OE1 . GLU A 1 9   ? -7.028  5.279   -9.986  1.00 60.24  ? 9   GLU A OE1 1 
ATOM   75   O OE2 . GLU A 1 9   ? -7.337  3.730   -8.486  1.00 62.10  ? 9   GLU A OE2 1 
ATOM   76   N N   . LEU A 1 10  ? -2.320  4.635   -7.145  1.00 54.61  ? 10  LEU A N   1 
ATOM   77   C CA  . LEU A 1 10  ? -1.491  3.440   -7.245  1.00 51.90  ? 10  LEU A CA  1 
ATOM   78   C C   . LEU A 1 10  ? -2.423  2.349   -7.738  1.00 49.92  ? 10  LEU A C   1 
ATOM   79   O O   . LEU A 1 10  ? -3.180  1.780   -6.958  1.00 43.04  ? 10  LEU A O   1 
ATOM   80   C CB  . LEU A 1 10  ? -0.955  3.064   -5.862  1.00 53.49  ? 10  LEU A CB  1 
ATOM   81   C CG  . LEU A 1 10  ? 0.046   1.900   -5.751  1.00 55.70  ? 10  LEU A CG  1 
ATOM   82   C CD1 . LEU A 1 10  ? 1.386   2.315   -6.370  1.00 53.35  ? 10  LEU A CD1 1 
ATOM   83   C CD2 . LEU A 1 10  ? 0.207   1.439   -4.291  1.00 52.02  ? 10  LEU A CD2 1 
ATOM   84   N N   . LYS A 1 11  ? -2.393  2.056   -9.033  1.00 53.81  ? 11  LYS A N   1 
ATOM   85   C CA  . LYS A 1 11  ? -3.485  1.255   -9.623  1.00 53.82  ? 11  LYS A CA  1 
ATOM   86   C C   . LYS A 1 11  ? -3.318  -0.219  -9.376  1.00 50.06  ? 11  LYS A C   1 
ATOM   87   O O   . LYS A 1 11  ? -2.268  -0.656  -8.912  1.00 46.01  ? 11  LYS A O   1 
ATOM   88   C CB  . LYS A 1 11  ? -3.584  1.536   -11.117 1.00 59.66  ? 11  LYS A CB  1 
ATOM   89   C CG  . LYS A 1 11  ? -4.336  2.825   -11.447 1.00 66.14  ? 11  LYS A CG  1 
ATOM   90   C CD  . LYS A 1 11  ? -3.532  3.758   -12.359 1.00 71.61  ? 11  LYS A CD  1 
ATOM   91   C CE  . LYS A 1 11  ? -4.446  4.728   -13.107 1.00 74.60  ? 11  LYS A CE  1 
ATOM   92   N NZ  . LYS A 1 11  ? -4.023  4.905   -14.517 1.00 75.57  ? 11  LYS A NZ  1 
ATOM   93   N N   . ASP A 1 12  ? -4.349  -0.994  -9.713  1.00 53.78  ? 12  ASP A N   1 
ATOM   94   C CA  . ASP A 1 12  ? -4.291  -2.469  -9.550  1.00 57.25  ? 12  ASP A CA  1 
ATOM   95   C C   . ASP A 1 12  ? -3.189  -3.136  -10.398 1.00 60.31  ? 12  ASP A C   1 
ATOM   96   O O   . ASP A 1 12  ? -2.788  -4.293  -10.137 1.00 70.35  ? 12  ASP A O   1 
ATOM   97   C CB  . ASP A 1 12  ? -5.658  -3.123  -9.792  1.00 56.23  ? 12  ASP A CB  1 
ATOM   98   C CG  . ASP A 1 12  ? -6.615  -2.926  -8.596  1.00 68.27  ? 12  ASP A CG  1 
ATOM   99   O OD1 . ASP A 1 12  ? -6.323  -2.028  -7.763  1.00 69.70  ? 12  ASP A OD1 1 
ATOM   100  O OD2 . ASP A 1 12  ? -7.635  -3.672  -8.453  1.00 75.02  ? 12  ASP A OD2 1 
ATOM   101  N N   . LYS A 1 13  ? -2.653  -2.398  -11.370 1.00 58.18  ? 13  LYS A N   1 
ATOM   102  C CA  . LYS A 1 13  ? -1.601  -2.954  -12.218 1.00 57.03  ? 13  LYS A CA  1 
ATOM   103  C C   . LYS A 1 13  ? -0.386  -3.427  -11.412 1.00 54.45  ? 13  LYS A C   1 
ATOM   104  O O   . LYS A 1 13  ? 0.230   -4.427  -11.769 1.00 54.70  ? 13  LYS A O   1 
ATOM   105  C CB  . LYS A 1 13  ? -1.211  -1.995  -13.364 1.00 58.69  ? 13  LYS A CB  1 
ATOM   106  C CG  . LYS A 1 13  ? -0.568  -0.664  -12.985 1.00 59.98  ? 13  LYS A CG  1 
ATOM   107  C CD  . LYS A 1 13  ? -0.278  0.150   -14.247 1.00 61.72  ? 13  LYS A CD  1 
ATOM   108  C CE  . LYS A 1 13  ? -0.203  1.669   -14.045 1.00 65.06  ? 13  LYS A CE  1 
ATOM   109  N NZ  . LYS A 1 13  ? 1.165   2.260   -14.176 1.00 69.30  ? 13  LYS A NZ  1 
ATOM   110  N N   . VAL A 1 14  ? -0.084  -2.742  -10.306 1.00 53.64  ? 14  VAL A N   1 
ATOM   111  C CA  . VAL A 1 14  ? 1.115   -3.047  -9.496  1.00 51.37  ? 14  VAL A CA  1 
ATOM   112  C C   . VAL A 1 14  ? 1.036   -4.344  -8.694  1.00 49.35  ? 14  VAL A C   1 
ATOM   113  O O   . VAL A 1 14  ? 2.050   -4.783  -8.135  1.00 53.76  ? 14  VAL A O   1 
ATOM   114  C CB  . VAL A 1 14  ? 1.442   -1.935  -8.488  1.00 50.57  ? 14  VAL A CB  1 
ATOM   115  C CG1 . VAL A 1 14  ? 1.436   -0.574  -9.172  1.00 44.74  ? 14  VAL A CG1 1 
ATOM   116  C CG2 . VAL A 1 14  ? 0.481   -2.006  -7.289  1.00 53.17  ? 14  VAL A CG2 1 
ATOM   117  N N   . ILE A 1 15  ? -0.154  -4.926  -8.595  1.00 49.27  ? 15  ILE A N   1 
ATOM   118  C CA  . ILE A 1 15  ? -0.299  -6.259  -7.994  1.00 50.70  ? 15  ILE A CA  1 
ATOM   119  C C   . ILE A 1 15  ? -0.348  -7.179  -9.174  1.00 53.53  ? 15  ILE A C   1 
ATOM   120  O O   . ILE A 1 15  ? -1.263  -7.045  -10.018 1.00 55.48  ? 15  ILE A O   1 
ATOM   121  C CB  . ILE A 1 15  ? -1.624  -6.446  -7.202  1.00 49.60  ? 15  ILE A CB  1 
ATOM   122  C CG1 . ILE A 1 15  ? -1.740  -5.438  -6.032  1.00 50.37  ? 15  ILE A CG1 1 
ATOM   123  C CG2 . ILE A 1 15  ? -1.769  -7.882  -6.714  1.00 45.25  ? 15  ILE A CG2 1 
ATOM   124  C CD1 . ILE A 1 15  ? -0.412  -5.044  -5.388  1.00 46.99  ? 15  ILE A CD1 1 
ATOM   125  N N   . VAL A 1 16  ? 0.626   -8.091  -9.224  1.00 50.67  ? 16  VAL A N   1 
ATOM   126  C CA  . VAL A 1 16  ? 0.835   -9.009  -10.350 1.00 48.54  ? 16  VAL A CA  1 
ATOM   127  C C   . VAL A 1 16  ? 0.722   -10.465 -9.916  1.00 49.58  ? 16  VAL A C   1 
ATOM   128  O O   . VAL A 1 16  ? 1.569   -10.947 -9.181  1.00 52.31  ? 16  VAL A O   1 
ATOM   129  C CB  . VAL A 1 16  ? 2.244   -8.819  -10.908 1.00 47.08  ? 16  VAL A CB  1 
ATOM   130  C CG1 . VAL A 1 16  ? 2.480   -9.742  -12.089 1.00 46.91  ? 16  VAL A CG1 1 
ATOM   131  C CG2 . VAL A 1 16  ? 2.468   -7.359  -11.266 1.00 46.33  ? 16  VAL A CG2 1 
ATOM   132  N N   . PRO A 1 17  ? -0.311  -11.191 -10.361 1.00 53.29  ? 17  PRO A N   1 
ATOM   133  C CA  . PRO A 1 17  ? -0.457  -12.558 -9.830  1.00 56.68  ? 17  PRO A CA  1 
ATOM   134  C C   . PRO A 1 17  ? 0.747   -13.440 -10.095 1.00 55.77  ? 17  PRO A C   1 
ATOM   135  O O   . PRO A 1 17  ? 1.349   -13.357 -11.163 1.00 67.01  ? 17  PRO A O   1 
ATOM   136  C CB  . PRO A 1 17  ? -1.686  -13.099 -10.571 1.00 57.53  ? 17  PRO A CB  1 
ATOM   137  C CG  . PRO A 1 17  ? -2.490  -11.887 -10.885 1.00 55.69  ? 17  PRO A CG  1 
ATOM   138  C CD  . PRO A 1 17  ? -1.491  -10.777 -11.135 1.00 56.70  ? 17  PRO A CD  1 
ATOM   139  N N   . GLY A 1 18  ? 1.069   -14.274 -9.115  1.00 55.24  ? 18  GLY A N   1 
ATOM   140  C CA  . GLY A 1 18  ? 2.210   -15.190 -9.167  1.00 55.96  ? 18  GLY A CA  1 
ATOM   141  C C   . GLY A 1 18  ? 3.299   -14.807 -8.175  1.00 56.93  ? 18  GLY A C   1 
ATOM   142  O O   . GLY A 1 18  ? 3.999   -15.678 -7.641  1.00 50.15  ? 18  GLY A O   1 
ATOM   143  N N   . TRP A 1 19  ? 3.440   -13.498 -7.952  1.00 55.40  ? 19  TRP A N   1 
ATOM   144  C CA  . TRP A 1 19  ? 4.519   -12.937 -7.153  1.00 55.89  ? 19  TRP A CA  1 
ATOM   145  C C   . TRP A 1 19  ? 4.124   -12.736 -5.728  1.00 59.53  ? 19  TRP A C   1 
ATOM   146  O O   . TRP A 1 19  ? 2.943   -12.646 -5.403  1.00 59.53  ? 19  TRP A O   1 
ATOM   147  C CB  . TRP A 1 19  ? 4.887   -11.575 -7.702  1.00 59.70  ? 19  TRP A CB  1 
ATOM   148  C CG  . TRP A 1 19  ? 5.446   -11.675 -9.079  1.00 63.36  ? 19  TRP A CG  1 
ATOM   149  C CD1 . TRP A 1 19  ? 4.767   -11.598 -10.289 1.00 61.26  ? 19  TRP A CD1 1 
ATOM   150  C CD2 . TRP A 1 19  ? 6.838   -11.918 -9.425  1.00 61.81  ? 19  TRP A CD2 1 
ATOM   151  N NE1 . TRP A 1 19  ? 5.633   -11.761 -11.330 1.00 63.00  ? 19  TRP A NE1 1 
ATOM   152  C CE2 . TRP A 1 19  ? 6.896   -11.958 -10.869 1.00 62.86  ? 19  TRP A CE2 1 
ATOM   153  C CE3 . TRP A 1 19  ? 8.000   -12.092 -8.698  1.00 60.04  ? 19  TRP A CE3 1 
ATOM   154  C CZ2 . TRP A 1 19  ? 8.079   -12.165 -11.536 1.00 63.37  ? 19  TRP A CZ2 1 
ATOM   155  C CZ3 . TRP A 1 19  ? 9.183   -12.302 -9.374  1.00 57.58  ? 19  TRP A CZ3 1 
ATOM   156  C CH2 . TRP A 1 19  ? 9.223   -12.335 -10.762 1.00 60.55  ? 19  TRP A CH2 1 
ATOM   157  N N   . PRO A 1 20  ? 5.116   -12.614 -4.848  1.00 61.37  ? 20  PRO A N   1 
ATOM   158  C CA  . PRO A 1 20  ? 4.829   -12.284 -3.464  1.00 61.46  ? 20  PRO A CA  1 
ATOM   159  C C   . PRO A 1 20  ? 4.286   -10.891 -3.377  1.00 59.87  ? 20  PRO A C   1 
ATOM   160  O O   . PRO A 1 20  ? 4.469   -10.123 -4.312  1.00 56.41  ? 20  PRO A O   1 
ATOM   161  C CB  . PRO A 1 20  ? 6.193   -12.356 -2.788  1.00 62.21  ? 20  PRO A CB  1 
ATOM   162  C CG  . PRO A 1 20  ? 7.027   -13.195 -3.687  1.00 63.61  ? 20  PRO A CG  1 
ATOM   163  C CD  . PRO A 1 20  ? 6.540   -12.898 -5.063  1.00 63.10  ? 20  PRO A CD  1 
ATOM   164  N N   . THR A 1 21  ? 3.642   -10.579 -2.252  1.00 63.84  ? 21  THR A N   1 
ATOM   165  C CA  . THR A 1 21  ? 2.941   -9.301  -2.084  1.00 63.38  ? 21  THR A CA  1 
ATOM   166  C C   . THR A 1 21  ? 3.121   -8.724  -0.679  1.00 60.74  ? 21  THR A C   1 
ATOM   167  O O   . THR A 1 21  ? 3.215   -9.463  0.300   1.00 58.35  ? 21  THR A O   1 
ATOM   168  C CB  . THR A 1 21  ? 1.440   -9.457  -2.411  1.00 63.05  ? 21  THR A CB  1 
ATOM   169  O OG1 . THR A 1 21  ? 0.851   -10.399 -1.507  1.00 62.81  ? 21  THR A OG1 1 
ATOM   170  C CG2 . THR A 1 21  ? 1.249   -9.969  -3.861  1.00 60.67  ? 21  THR A CG2 1 
ATOM   171  N N   . LEU A 1 22  ? 3.229   -7.396  -0.626  1.00 61.95  ? 22  LEU A N   1 
ATOM   172  C CA  . LEU A 1 22  ? 3.185   -6.620  0.612   1.00 61.67  ? 22  LEU A CA  1 
ATOM   173  C C   . LEU A 1 22  ? 1.740   -6.250  0.906   1.00 60.57  ? 22  LEU A C   1 
ATOM   174  O O   . LEU A 1 22  ? 1.058   -5.713  0.033   1.00 57.92  ? 22  LEU A O   1 
ATOM   175  C CB  . LEU A 1 22  ? 3.923   -5.293  0.449   1.00 60.62  ? 22  LEU A CB  1 
ATOM   176  C CG  . LEU A 1 22  ? 5.431   -5.199  0.512   1.00 60.16  ? 22  LEU A CG  1 
ATOM   177  C CD1 . LEU A 1 22  ? 5.836   -3.723  0.558   1.00 54.71  ? 22  LEU A CD1 1 
ATOM   178  C CD2 . LEU A 1 22  ? 5.910   -5.941  1.746   1.00 63.33  ? 22  LEU A CD2 1 
ATOM   179  N N   . MET A 1 23  ? 1.313   -6.451  2.149   1.00 58.90  ? 23  MET A N   1 
ATOM   180  C CA  . MET A 1 23  ? -0.069  -6.206  2.549   1.00 56.83  ? 23  MET A CA  1 
ATOM   181  C C   . MET A 1 23  ? -0.132  -5.034  3.509   1.00 57.80  ? 23  MET A C   1 
ATOM   182  O O   . MET A 1 23  ? 0.412   -5.116  4.618   1.00 56.37  ? 23  MET A O   1 
ATOM   183  C CB  . MET A 1 23  ? -0.633  -7.437  3.250   1.00 59.40  ? 23  MET A CB  1 
ATOM   184  C CG  . MET A 1 23  ? -2.134  -7.397  3.492   1.00 59.54  ? 23  MET A CG  1 
ATOM   185  S SD  . MET A 1 23  ? -3.018  -8.216  2.148   1.00 62.05  ? 23  MET A SD  1 
ATOM   186  C CE  . MET A 1 23  ? -3.480  -9.789  2.864   1.00 55.59  ? 23  MET A CE  1 
ATOM   187  N N   . LEU A 1 24  ? -0.810  -3.956  3.100   1.00 56.33  ? 24  LEU A N   1 
ATOM   188  C CA  . LEU A 1 24  ? -1.095  -2.846  4.019   1.00 52.47  ? 24  LEU A CA  1 
ATOM   189  C C   . LEU A 1 24  ? -2.191  -3.273  4.957   1.00 52.40  ? 24  LEU A C   1 
ATOM   190  O O   . LEU A 1 24  ? -3.279  -3.600  4.492   1.00 47.45  ? 24  LEU A O   1 
ATOM   191  C CB  . LEU A 1 24  ? -1.566  -1.615  3.264   1.00 51.46  ? 24  LEU A CB  1 
ATOM   192  C CG  . LEU A 1 24  ? -1.806  -0.402  4.142   1.00 48.92  ? 24  LEU A CG  1 
ATOM   193  C CD1 . LEU A 1 24  ? -0.553  -0.206  4.965   1.00 48.87  ? 24  LEU A CD1 1 
ATOM   194  C CD2 . LEU A 1 24  ? -2.099  0.815   3.284   1.00 46.32  ? 24  LEU A CD2 1 
ATOM   195  N N   . GLU A 1 25  ? -1.899  -3.288  6.260   1.00 57.18  ? 25  GLU A N   1 
ATOM   196  C CA  . GLU A 1 25  ? -2.908  -3.618  7.290   1.00 61.62  ? 25  GLU A CA  1 
ATOM   197  C C   . GLU A 1 25  ? -3.260  -2.378  8.087   1.00 55.18  ? 25  GLU A C   1 
ATOM   198  O O   . GLU A 1 25  ? -2.381  -1.732  8.626   1.00 49.86  ? 25  GLU A O   1 
ATOM   199  C CB  . GLU A 1 25  ? -2.410  -4.700  8.240   1.00 69.51  ? 25  GLU A CB  1 
ATOM   200  C CG  . GLU A 1 25  ? -2.028  -5.990  7.524   1.00 80.75  ? 25  GLU A CG  1 
ATOM   201  C CD  . GLU A 1 25  ? -1.639  -7.123  8.474   1.00 82.74  ? 25  GLU A CD  1 
ATOM   202  O OE1 . GLU A 1 25  ? -0.789  -6.899  9.361   1.00 82.81  ? 25  GLU A OE1 1 
ATOM   203  O OE2 . GLU A 1 25  ? -2.163  -8.251  8.324   1.00 85.68  ? 25  GLU A OE2 1 
ATOM   204  N N   . ILE A 1 26  ? -4.544  -2.031  8.114   1.00 55.70  ? 26  ILE A N   1 
ATOM   205  C CA  . ILE A 1 26  ? -5.002  -0.837  8.819   1.00 58.95  ? 26  ILE A CA  1 
ATOM   206  C C   . ILE A 1 26  ? -5.911  -1.267  9.960   1.00 61.63  ? 26  ILE A C   1 
ATOM   207  O O   . ILE A 1 26  ? -6.869  -2.025  9.769   1.00 56.25  ? 26  ILE A O   1 
ATOM   208  C CB  . ILE A 1 26  ? -5.720  0.161   7.897   1.00 56.35  ? 26  ILE A CB  1 
ATOM   209  C CG1 . ILE A 1 26  ? -4.706  0.772   6.937   1.00 56.65  ? 26  ILE A CG1 1 
ATOM   210  C CG2 . ILE A 1 26  ? -6.373  1.279   8.712   1.00 53.85  ? 26  ILE A CG2 1 
ATOM   211  C CD1 . ILE A 1 26  ? -5.126  0.678   5.486   1.00 61.42  ? 26  ILE A CD1 1 
ATOM   212  N N   . ASP A 1 27  ? -5.561  -0.766  11.140  1.00 61.40  ? 27  ASP A N   1 
ATOM   213  C CA  . ASP A 1 27  ? -6.192  -1.097  12.389  1.00 65.01  ? 27  ASP A CA  1 
ATOM   214  C C   . ASP A 1 27  ? -6.905  0.198   12.787  1.00 66.27  ? 27  ASP A C   1 
ATOM   215  O O   . ASP A 1 27  ? -6.258  1.216   13.089  1.00 60.72  ? 27  ASP A O   1 
ATOM   216  C CB  . ASP A 1 27  ? -5.085  -1.483  13.374  1.00 66.58  ? 27  ASP A CB  1 
ATOM   217  C CG  . ASP A 1 27  ? -5.603  -2.056  14.694  1.00 73.76  ? 27  ASP A CG  1 
ATOM   218  O OD1 . ASP A 1 27  ? -6.765  -1.770  15.107  1.00 71.84  ? 27  ASP A OD1 1 
ATOM   219  O OD2 . ASP A 1 27  ? -4.793  -2.779  15.345  1.00 71.68  ? 27  ASP A OD2 1 
ATOM   220  N N   . PHE A 1 28  ? -8.235  0.190   12.737  1.00 64.15  ? 28  PHE A N   1 
ATOM   221  C CA  . PHE A 1 28  ? -8.962  1.393   13.118  1.00 71.13  ? 28  PHE A CA  1 
ATOM   222  C C   . PHE A 1 28  ? -9.152  1.520   14.615  1.00 70.77  ? 28  PHE A C   1 
ATOM   223  O O   . PHE A 1 28  ? -9.454  0.537   15.292  1.00 74.86  ? 28  PHE A O   1 
ATOM   224  C CB  . PHE A 1 28  ? -10.318 1.471   12.434  1.00 74.28  ? 28  PHE A CB  1 
ATOM   225  C CG  . PHE A 1 28  ? -10.221 1.750   10.969  1.00 73.42  ? 28  PHE A CG  1 
ATOM   226  C CD1 . PHE A 1 28  ? -9.720  2.965   10.519  1.00 68.96  ? 28  PHE A CD1 1 
ATOM   227  C CD2 . PHE A 1 28  ? -10.612 0.795   10.040  1.00 74.72  ? 28  PHE A CD2 1 
ATOM   228  C CE1 . PHE A 1 28  ? -9.609  3.223   9.167   1.00 70.65  ? 28  PHE A CE1 1 
ATOM   229  C CE2 . PHE A 1 28  ? -10.512 1.051   8.687   1.00 75.18  ? 28  PHE A CE2 1 
ATOM   230  C CZ  . PHE A 1 28  ? -10.006 2.268   8.247   1.00 72.14  ? 28  PHE A CZ  1 
ATOM   231  N N   . VAL A 1 29  ? -8.973  2.747   15.096  1.00 68.91  ? 29  VAL A N   1 
ATOM   232  C CA  . VAL A 1 29  ? -9.308  3.134   16.458  1.00 74.04  ? 29  VAL A CA  1 
ATOM   233  C C   . VAL A 1 29  ? -10.710 2.587   16.748  1.00 81.89  ? 29  VAL A C   1 
ATOM   234  O O   . VAL A 1 29  ? -11.655 2.984   16.048  1.00 71.91  ? 29  VAL A O   1 
ATOM   235  C CB  . VAL A 1 29  ? -9.319  4.678   16.628  1.00 75.48  ? 29  VAL A CB  1 
ATOM   236  C CG1 . VAL A 1 29  ? -9.698  5.055   18.062  1.00 64.16  ? 29  VAL A CG1 1 
ATOM   237  C CG2 . VAL A 1 29  ? -7.983  5.312   16.190  1.00 65.21  ? 29  VAL A CG2 1 
ATOM   238  N N   . GLY A 1 30  ? -10.866 1.665   17.722  1.00 88.30  ? 30  GLY A N   1 
ATOM   239  C CA  . GLY A 1 30  ? -9.773  1.116   18.586  1.00 85.77  ? 30  GLY A CA  1 
ATOM   240  C C   . GLY A 1 30  ? -9.219  -0.249  18.157  1.00 87.90  ? 30  GLY A C   1 
ATOM   241  O O   . GLY A 1 30  ? -9.958  -1.117  17.653  1.00 79.21  ? 30  GLY A O   1 
ATOM   242  N N   . GLN A 1 36  ? -9.924  -7.286  13.693  1.00 105.63 ? 36  GLN A N   1 
ATOM   243  C CA  . GLN A 1 36  ? -10.661 -6.806  12.521  1.00 109.82 ? 36  GLN A CA  1 
ATOM   244  C C   . GLN A 1 36  ? -9.937  -5.604  11.891  1.00 105.63 ? 36  GLN A C   1 
ATOM   245  O O   . GLN A 1 36  ? -10.489 -4.506  11.736  1.00 91.38  ? 36  GLN A O   1 
ATOM   246  C CB  . GLN A 1 36  ? -12.114 -6.474  12.871  1.00 103.71 ? 36  GLN A CB  1 
ATOM   247  N N   . PHE A 1 37  ? -8.680  -5.852  11.536  1.00 105.78 ? 37  PHE A N   1 
ATOM   248  C CA  . PHE A 1 37  ? -7.922  -4.983  10.628  1.00 108.69 ? 37  PHE A CA  1 
ATOM   249  C C   . PHE A 1 37  ? -8.641  -4.879  9.267   1.00 100.38 ? 37  PHE A C   1 
ATOM   250  O O   . PHE A 1 37  ? -9.663  -5.524  9.036   1.00 102.71 ? 37  PHE A O   1 
ATOM   251  C CB  . PHE A 1 37  ? -6.495  -5.521  10.377  1.00 110.73 ? 37  PHE A CB  1 
ATOM   252  C CG  . PHE A 1 37  ? -5.773  -5.972  11.614  1.00 118.58 ? 37  PHE A CG  1 
ATOM   253  C CD1 . PHE A 1 37  ? -4.922  -5.109  12.288  1.00 123.38 ? 37  PHE A CD1 1 
ATOM   254  C CD2 . PHE A 1 37  ? -5.935  -7.274  12.098  1.00 126.93 ? 37  PHE A CD2 1 
ATOM   255  C CE1 . PHE A 1 37  ? -4.250  -5.527  13.433  1.00 127.24 ? 37  PHE A CE1 1 
ATOM   256  C CE2 . PHE A 1 37  ? -5.272  -7.696  13.238  1.00 128.16 ? 37  PHE A CE2 1 
ATOM   257  C CZ  . PHE A 1 37  ? -4.422  -6.822  13.903  1.00 130.65 ? 37  PHE A CZ  1 
ATOM   258  N N   . LEU A 1 38  ? -8.090  -4.060  8.377   1.00 82.57  ? 38  LEU A N   1 
ATOM   259  C CA  . LEU A 1 38  ? -8.561  -3.933  7.008   1.00 71.09  ? 38  LEU A CA  1 
ATOM   260  C C   . LEU A 1 38  ? -7.331  -4.186  6.161   1.00 69.56  ? 38  LEU A C   1 
ATOM   261  O O   . LEU A 1 38  ? -6.327  -3.485  6.310   1.00 69.65  ? 38  LEU A O   1 
ATOM   262  C CB  . LEU A 1 38  ? -9.096  -2.523  6.763   1.00 68.16  ? 38  LEU A CB  1 
ATOM   263  C CG  . LEU A 1 38  ? -9.369  -2.049  5.325   1.00 68.95  ? 38  LEU A CG  1 
ATOM   264  C CD1 . LEU A 1 38  ? -10.660 -2.654  4.790   1.00 76.69  ? 38  LEU A CD1 1 
ATOM   265  C CD2 . LEU A 1 38  ? -9.433  -0.525  5.219   1.00 61.54  ? 38  LEU A CD2 1 
ATOM   266  N N   . ASN A 1 39  ? -7.402  -5.175  5.278   1.00 66.21  ? 39  ASN A N   1 
ATOM   267  C CA  . ASN A 1 39  ? -6.231  -5.604  4.501   1.00 66.17  ? 39  ASN A CA  1 
ATOM   268  C C   . ASN A 1 39  ? -6.241  -5.295  3.010   1.00 59.85  ? 39  ASN A C   1 
ATOM   269  O O   . ASN A 1 39  ? -7.086  -5.798  2.258   1.00 60.32  ? 39  ASN A O   1 
ATOM   270  C CB  . ASN A 1 39  ? -6.053  -7.094  4.669   1.00 70.13  ? 39  ASN A CB  1 
ATOM   271  C CG  . ASN A 1 39  ? -5.815  -7.469  6.101   1.00 72.82  ? 39  ASN A CG  1 
ATOM   272  O OD1 . ASN A 1 39  ? -4.829  -7.041  6.697   1.00 64.87  ? 39  ASN A OD1 1 
ATOM   273  N ND2 . ASN A 1 39  ? -6.725  -8.254  6.672   1.00 74.53  ? 39  ASN A ND2 1 
ATOM   274  N N   . ILE A 1 40  ? -5.270  -4.491  2.587   1.00 54.41  ? 40  ILE A N   1 
ATOM   275  C CA  . ILE A 1 40  ? -5.121  -4.141  1.182   1.00 54.06  ? 40  ILE A CA  1 
ATOM   276  C C   . ILE A 1 40  ? -3.785  -4.664  0.669   1.00 54.90  ? 40  ILE A C   1 
ATOM   277  O O   . ILE A 1 40  ? -2.719  -4.250  1.162   1.00 55.26  ? 40  ILE A O   1 
ATOM   278  C CB  . ILE A 1 40  ? -5.193  -2.613  0.923   1.00 52.67  ? 40  ILE A CB  1 
ATOM   279  C CG1 . ILE A 1 40  ? -6.429  -1.981  1.579   1.00 51.68  ? 40  ILE A CG1 1 
ATOM   280  C CG2 . ILE A 1 40  ? -5.236  -2.339  -0.573  1.00 49.46  ? 40  ILE A CG2 1 
ATOM   281  C CD1 . ILE A 1 40  ? -6.166  -1.390  2.940   1.00 47.24  ? 40  ILE A CD1 1 
ATOM   282  N N   . PRO A 1 41  ? -3.835  -5.592  -0.306  1.00 52.36  ? 41  PRO A N   1 
ATOM   283  C CA  . PRO A 1 41  ? -2.644  -5.921  -1.068  1.00 51.74  ? 41  PRO A CA  1 
ATOM   284  C C   . PRO A 1 41  ? -2.076  -4.647  -1.639  1.00 51.28  ? 41  PRO A C   1 
ATOM   285  O O   . PRO A 1 41  ? -2.765  -3.942  -2.355  1.00 56.70  ? 41  PRO A O   1 
ATOM   286  C CB  . PRO A 1 41  ? -3.168  -6.804  -2.196  1.00 53.78  ? 41  PRO A CB  1 
ATOM   287  C CG  . PRO A 1 41  ? -4.457  -7.383  -1.701  1.00 55.00  ? 41  PRO A CG  1 
ATOM   288  C CD  . PRO A 1 41  ? -4.915  -6.570  -0.515  1.00 54.96  ? 41  PRO A CD  1 
ATOM   289  N N   . PHE A 1 42  ? -0.831  -4.351  -1.317  1.00 51.55  ? 42  PHE A N   1 
ATOM   290  C CA  . PHE A 1 42  ? -0.282  -3.043  -1.584  1.00 51.36  ? 42  PHE A CA  1 
ATOM   291  C C   . PHE A 1 42  ? 0.576   -2.982  -2.857  1.00 53.10  ? 42  PHE A C   1 
ATOM   292  O O   . PHE A 1 42  ? 0.436   -2.061  -3.671  1.00 50.58  ? 42  PHE A O   1 
ATOM   293  C CB  . PHE A 1 42  ? 0.561   -2.632  -0.391  1.00 48.75  ? 42  PHE A CB  1 
ATOM   294  C CG  . PHE A 1 42  ? 0.985   -1.223  -0.444  1.00 42.20  ? 42  PHE A CG  1 
ATOM   295  C CD1 . PHE A 1 42  ? 0.040   -0.225  -0.391  1.00 45.83  ? 42  PHE A CD1 1 
ATOM   296  C CD2 . PHE A 1 42  ? 2.302   -0.896  -0.554  1.00 40.39  ? 42  PHE A CD2 1 
ATOM   297  C CE1 . PHE A 1 42  ? 0.405   1.113   -0.446  1.00 47.39  ? 42  PHE A CE1 1 
ATOM   298  C CE2 . PHE A 1 42  ? 2.704   0.426   -0.605  1.00 45.01  ? 42  PHE A CE2 1 
ATOM   299  C CZ  . PHE A 1 42  ? 1.753   1.443   -0.550  1.00 48.49  ? 42  PHE A CZ  1 
ATOM   300  N N   . LEU A 1 43  ? 1.460   -3.968  -3.006  1.00 50.09  ? 43  LEU A N   1 
ATOM   301  C CA  . LEU A 1 43  ? 2.481   -3.943  -4.048  1.00 50.56  ? 43  LEU A CA  1 
ATOM   302  C C   . LEU A 1 43  ? 3.088   -5.334  -4.167  1.00 51.26  ? 43  LEU A C   1 
ATOM   303  O O   . LEU A 1 43  ? 3.456   -5.936  -3.162  1.00 46.07  ? 43  LEU A O   1 
ATOM   304  C CB  . LEU A 1 43  ? 3.564   -2.970  -3.641  1.00 51.68  ? 43  LEU A CB  1 
ATOM   305  C CG  . LEU A 1 43  ? 4.702   -2.654  -4.597  1.00 54.72  ? 43  LEU A CG  1 
ATOM   306  C CD1 . LEU A 1 43  ? 4.167   -1.752  -5.709  1.00 54.22  ? 43  LEU A CD1 1 
ATOM   307  C CD2 . LEU A 1 43  ? 5.826   -1.972  -3.808  1.00 51.62  ? 43  LEU A CD2 1 
ATOM   308  N N   . SER A 1 44  ? 3.159   -5.867  -5.376  1.00 49.61  ? 44  SER A N   1 
ATOM   309  C CA  . SER A 1 44  ? 3.741   -7.170  -5.565  1.00 47.02  ? 44  SER A CA  1 
ATOM   310  C C   . SER A 1 44  ? 5.279   -6.957  -5.570  1.00 48.17  ? 44  SER A C   1 
ATOM   311  O O   . SER A 1 44  ? 5.795   -6.042  -6.217  1.00 53.65  ? 44  SER A O   1 
ATOM   312  C CB  . SER A 1 44  ? 3.182   -7.828  -6.854  1.00 50.11  ? 44  SER A CB  1 
ATOM   313  O OG  . SER A 1 44  ? 2.005   -8.624  -6.614  1.00 49.51  ? 44  SER A OG  1 
ATOM   314  N N   . VAL A 1 45  ? 5.996   -7.778  -4.807  1.00 48.62  ? 45  VAL A N   1 
ATOM   315  C CA  . VAL A 1 45  ? 7.454   -7.637  -4.643  1.00 50.93  ? 45  VAL A CA  1 
ATOM   316  C C   . VAL A 1 45  ? 8.297   -8.916  -4.879  1.00 51.24  ? 45  VAL A C   1 
ATOM   317  O O   . VAL A 1 45  ? 7.827   -10.031 -4.689  1.00 52.08  ? 45  VAL A O   1 
ATOM   318  C CB  . VAL A 1 45  ? 7.787   -7.133  -3.225  1.00 48.93  ? 45  VAL A CB  1 
ATOM   319  C CG1 . VAL A 1 45  ? 7.200   -5.745  -3.005  1.00 49.55  ? 45  VAL A CG1 1 
ATOM   320  C CG2 . VAL A 1 45  ? 7.296   -8.134  -2.191  1.00 41.86  ? 45  VAL A CG2 1 
ATOM   321  N N   . LYS A 1 46  ? 9.560   -8.717  -5.261  1.00 52.12  ? 46  LYS A N   1 
ATOM   322  C CA  . LYS A 1 46  ? 10.483  -9.813  -5.626  1.00 57.35  ? 46  LYS A CA  1 
ATOM   323  C C   . LYS A 1 46  ? 11.148  -10.397 -4.389  1.00 59.73  ? 46  LYS A C   1 
ATOM   324  O O   . LYS A 1 46  ? 11.457  -11.590 -4.320  1.00 65.00  ? 46  LYS A O   1 
ATOM   325  C CB  . LYS A 1 46  ? 11.549  -9.297  -6.611  1.00 56.67  ? 46  LYS A CB  1 
ATOM   326  C CG  . LYS A 1 46  ? 10.984  -8.968  -7.992  1.00 60.35  ? 46  LYS A CG  1 
ATOM   327  C CD  . LYS A 1 46  ? 11.991  -8.346  -8.955  1.00 66.57  ? 46  LYS A CD  1 
ATOM   328  C CE  . LYS A 1 46  ? 12.117  -6.827  -8.810  1.00 69.17  ? 46  LYS A CE  1 
ATOM   329  N NZ  . LYS A 1 46  ? 12.568  -6.160  -10.081 1.00 70.57  ? 46  LYS A NZ  1 
ATOM   330  N N   . GLU A 1 47  ? 11.338  -9.525  -3.413  1.00 60.79  ? 47  GLU A N   1 
ATOM   331  C CA  . GLU A 1 47  ? 11.955  -9.860  -2.150  1.00 65.49  ? 47  GLU A CA  1 
ATOM   332  C C   . GLU A 1 47  ? 11.247  -9.105  -1.024  1.00 62.24  ? 47  GLU A C   1 
ATOM   333  O O   . GLU A 1 47  ? 10.752  -7.992  -1.223  1.00 60.15  ? 47  GLU A O   1 
ATOM   334  C CB  . GLU A 1 47  ? 13.422  -9.430  -2.167  1.00 71.27  ? 47  GLU A CB  1 
ATOM   335  C CG  . GLU A 1 47  ? 14.293  -10.158 -3.180  1.00 72.73  ? 47  GLU A CG  1 
ATOM   336  C CD  . GLU A 1 47  ? 15.728  -9.700  -3.097  0.50 65.93  ? 47  GLU A CD  1 
ATOM   337  O OE1 . GLU A 1 47  ? 16.620  -10.547 -3.282  0.50 65.19  ? 47  GLU A OE1 1 
ATOM   338  O OE2 . GLU A 1 47  ? 15.949  -8.501  -2.830  0.50 58.45  ? 47  GLU A OE2 1 
ATOM   339  N N   . PRO A 1 48  ? 11.238  -9.687  0.178   1.00 55.53  ? 48  PRO A N   1 
ATOM   340  C CA  . PRO A 1 48  ? 10.501  -9.045  1.250   1.00 58.18  ? 48  PRO A CA  1 
ATOM   341  C C   . PRO A 1 48  ? 11.087  -7.699  1.676   1.00 56.12  ? 48  PRO A C   1 
ATOM   342  O O   . PRO A 1 48  ? 12.271  -7.465  1.512   1.00 55.31  ? 48  PRO A O   1 
ATOM   343  C CB  . PRO A 1 48  ? 10.591  -10.056 2.397   1.00 55.69  ? 48  PRO A CB  1 
ATOM   344  C CG  . PRO A 1 48  ? 11.834  -10.816 2.134   1.00 54.90  ? 48  PRO A CG  1 
ATOM   345  C CD  . PRO A 1 48  ? 11.978  -10.868 0.639   1.00 54.41  ? 48  PRO A CD  1 
ATOM   346  N N   . LEU A 1 49  ? 10.222  -6.833  2.195   1.00 55.49  ? 49  LEU A N   1 
ATOM   347  C CA  . LEU A 1 49  ? 10.615  -5.558  2.770   1.00 53.90  ? 49  LEU A CA  1 
ATOM   348  C C   . LEU A 1 49  ? 11.034  -5.789  4.199   1.00 61.10  ? 49  LEU A C   1 
ATOM   349  O O   . LEU A 1 49  ? 10.230  -6.264  5.006   1.00 65.28  ? 49  LEU A O   1 
ATOM   350  C CB  . LEU A 1 49  ? 9.427   -4.599  2.771   1.00 48.98  ? 49  LEU A CB  1 
ATOM   351  C CG  . LEU A 1 49  ? 9.576   -3.264  3.516   1.00 47.22  ? 49  LEU A CG  1 
ATOM   352  C CD1 . LEU A 1 49  ? 10.690  -2.440  2.885   1.00 47.19  ? 49  LEU A CD1 1 
ATOM   353  C CD2 . LEU A 1 49  ? 8.256   -2.474  3.548   1.00 44.27  ? 49  LEU A CD2 1 
ATOM   354  N N   . GLN A 1 50  ? 12.287  -5.468  4.511   1.00 67.74  ? 50  GLN A N   1 
ATOM   355  C CA  . GLN A 1 50  ? 12.748  -5.381  5.904   1.00 71.56  ? 50  GLN A CA  1 
ATOM   356  C C   . GLN A 1 50  ? 13.320  -4.002  6.050   1.00 66.81  ? 50  GLN A C   1 
ATOM   357  O O   . GLN A 1 50  ? 14.052  -3.551  5.170   1.00 62.06  ? 50  GLN A O   1 
ATOM   358  C CB  . GLN A 1 50  ? 13.834  -6.411  6.203   1.00 79.03  ? 50  GLN A CB  1 
ATOM   359  C CG  . GLN A 1 50  ? 13.333  -7.851  6.243   1.00 93.01  ? 50  GLN A CG  1 
ATOM   360  C CD  . GLN A 1 50  ? 13.168  -8.395  7.655   1.00 94.42  ? 50  GLN A CD  1 
ATOM   361  O OE1 . GLN A 1 50  ? 12.210  -9.104  7.945   1.00 88.62  ? 50  GLN A OE1 1 
ATOM   362  N NE2 . GLN A 1 50  ? 14.116  -8.078  8.534   1.00 96.34  ? 50  GLN A NE2 1 
ATOM   363  N N   . LEU A 1 51  ? 12.992  -3.318  7.136   1.00 64.61  ? 51  LEU A N   1 
ATOM   364  C CA  . LEU A 1 51  ? 13.560  -1.986  7.393   1.00 70.85  ? 51  LEU A CA  1 
ATOM   365  C C   . LEU A 1 51  ? 14.713  -2.041  8.412   1.00 77.60  ? 51  LEU A C   1 
ATOM   366  O O   . LEU A 1 51  ? 14.850  -3.033  9.129   1.00 83.75  ? 51  LEU A O   1 
ATOM   367  C CB  . LEU A 1 51  ? 12.489  -1.054  7.944   1.00 72.27  ? 51  LEU A CB  1 
ATOM   368  C CG  . LEU A 1 51  ? 11.210  -0.819  7.135   1.00 71.59  ? 51  LEU A CG  1 
ATOM   369  C CD1 . LEU A 1 51  ? 10.071  -0.498  8.100   1.00 64.22  ? 51  LEU A CD1 1 
ATOM   370  C CD2 . LEU A 1 51  ? 11.417  0.288   6.103   1.00 65.96  ? 51  LEU A CD2 1 
ATOM   371  N N   . PRO A 1 52  ? 15.540  -0.975  8.483   1.00 79.17  ? 52  PRO A N   1 
ATOM   372  C CA  . PRO A 1 52  ? 16.468  -0.818  9.608   1.00 79.90  ? 52  PRO A CA  1 
ATOM   373  C C   . PRO A 1 52  ? 15.728  -1.029  10.931  1.00 89.14  ? 52  PRO A C   1 
ATOM   374  O O   . PRO A 1 52  ? 14.664  -0.418  11.142  1.00 86.00  ? 52  PRO A O   1 
ATOM   375  C CB  . PRO A 1 52  ? 16.945  0.642   9.481   1.00 78.37  ? 52  PRO A CB  1 
ATOM   376  C CG  . PRO A 1 52  ? 16.303  1.207   8.246   1.00 78.21  ? 52  PRO A CG  1 
ATOM   377  C CD  . PRO A 1 52  ? 15.760  0.058   7.456   1.00 79.12  ? 52  PRO A CD  1 
ATOM   378  N N   . ALA A 1 53  ? 16.266  -1.896  11.791  1.00 96.05  ? 53  ALA A N   1 
ATOM   379  C CA  . ALA A 1 53  ? 15.508  -2.387  12.963  1.00 104.14 ? 53  ALA A CA  1 
ATOM   380  C C   . ALA A 1 53  ? 15.214  -1.252  13.952  1.00 98.74  ? 53  ALA A C   1 
ATOM   381  O O   . ALA A 1 53  ? 14.133  -1.198  14.560  1.00 92.25  ? 53  ALA A O   1 
ATOM   382  C CB  . ALA A 1 53  ? 16.233  -3.549  13.648  1.00 106.30 ? 53  ALA A CB  1 
ATOM   383  N N   . GLU A 1 54  ? 16.174  -0.340  14.085  1.00 92.89  ? 54  GLU A N   1 
ATOM   384  C CA  . GLU A 1 54  ? 15.977  0.873   14.864  1.00 92.39  ? 54  GLU A CA  1 
ATOM   385  C C   . GLU A 1 54  ? 14.732  1.599   14.347  1.00 96.97  ? 54  GLU A C   1 
ATOM   386  O O   . GLU A 1 54  ? 13.857  1.979   15.129  1.00 107.25 ? 54  GLU A O   1 
ATOM   387  C CB  . GLU A 1 54  ? 17.233  1.778   14.836  1.00 89.17  ? 54  GLU A CB  1 
ATOM   388  C CG  . GLU A 1 54  ? 17.618  2.424   13.495  1.00 85.21  ? 54  GLU A CG  1 
ATOM   389  C CD  . GLU A 1 54  ? 18.340  1.494   12.525  0.50 79.15  ? 54  GLU A CD  1 
ATOM   390  O OE1 . GLU A 1 54  ? 18.347  0.257   12.741  0.50 76.43  ? 54  GLU A OE1 1 
ATOM   391  O OE2 . GLU A 1 54  ? 18.907  2.010   11.535  0.50 69.83  ? 54  GLU A OE2 1 
ATOM   392  N N   . LYS A 1 55  ? 14.635  1.736   13.026  1.00 95.42  ? 55  LYS A N   1 
ATOM   393  C CA  . LYS A 1 55  ? 13.535  2.462   12.407  1.00 87.97  ? 55  LYS A CA  1 
ATOM   394  C C   . LYS A 1 55  ? 12.260  1.631   12.414  1.00 82.32  ? 55  LYS A C   1 
ATOM   395  O O   . LYS A 1 55  ? 12.263  0.426   12.704  1.00 82.90  ? 55  LYS A O   1 
ATOM   396  C CB  . LYS A 1 55  ? 13.889  2.893   10.975  1.00 83.19  ? 55  LYS A CB  1 
ATOM   397  C CG  . LYS A 1 55  ? 14.969  3.966   10.888  1.00 84.76  ? 55  LYS A CG  1 
ATOM   398  C CD  . LYS A 1 55  ? 14.582  5.314   11.503  1.00 85.06  ? 55  LYS A CD  1 
ATOM   399  C CE  . LYS A 1 55  ? 15.642  6.383   11.222  1.00 84.75  ? 55  LYS A CE  1 
ATOM   400  N NZ  . LYS A 1 55  ? 15.094  7.760   11.347  1.00 84.12  ? 55  LYS A NZ  1 
ATOM   401  N N   . LYS A 1 56  ? 11.169  2.315   12.110  1.00 76.82  ? 56  LYS A N   1 
ATOM   402  C CA  . LYS A 1 56  ? 9.853   1.714   12.005  1.00 81.35  ? 56  LYS A CA  1 
ATOM   403  C C   . LYS A 1 56  ? 9.051   2.515   10.967  1.00 79.05  ? 56  LYS A C   1 
ATOM   404  O O   . LYS A 1 56  ? 9.298   3.712   10.758  1.00 72.60  ? 56  LYS A O   1 
ATOM   405  C CB  . LYS A 1 56  ? 9.154   1.734   13.368  1.00 90.44  ? 56  LYS A CB  1 
ATOM   406  C CG  . LYS A 1 56  ? 8.869   3.137   13.908  1.00 97.03  ? 56  LYS A CG  1 
ATOM   407  C CD  . LYS A 1 56  ? 8.466   3.134   15.388  1.00 94.77  ? 56  LYS A CD  1 
ATOM   408  C CE  . LYS A 1 56  ? 7.271   4.047   15.662  1.00 96.80  ? 56  LYS A CE  1 
ATOM   409  N NZ  . LYS A 1 56  ? 5.968   3.314   15.655  1.00 97.49  ? 56  LYS A NZ  1 
ATOM   410  N N   . LEU A 1 57  ? 8.081   1.849   10.346  1.00 71.53  ? 57  LEU A N   1 
ATOM   411  C CA  . LEU A 1 57  ? 7.408   2.354   9.137   1.00 64.48  ? 57  LEU A CA  1 
ATOM   412  C C   . LEU A 1 57  ? 6.906   3.813   9.203   1.00 65.70  ? 57  LEU A C   1 
ATOM   413  O O   . LEU A 1 57  ? 6.993   4.574   8.208   1.00 54.40  ? 57  LEU A O   1 
ATOM   414  C CB  . LEU A 1 57  ? 6.241   1.430   8.797   1.00 57.49  ? 57  LEU A CB  1 
ATOM   415  C CG  . LEU A 1 57  ? 5.452   1.770   7.537   1.00 58.86  ? 57  LEU A CG  1 
ATOM   416  C CD1 . LEU A 1 57  ? 6.335   1.770   6.279   1.00 59.83  ? 57  LEU A CD1 1 
ATOM   417  C CD2 . LEU A 1 57  ? 4.277   0.807   7.418   1.00 58.61  ? 57  LEU A CD2 1 
ATOM   418  N N   . THR A 1 58  ? 6.366   4.194   10.360  1.00 64.04  ? 58  THR A N   1 
ATOM   419  C CA  . THR A 1 58  ? 5.792   5.533   10.510  1.00 66.48  ? 58  THR A CA  1 
ATOM   420  C C   . THR A 1 58  ? 6.836   6.622   10.217  1.00 63.00  ? 58  THR A C   1 
ATOM   421  O O   . THR A 1 58  ? 6.503   7.680   9.679   1.00 60.79  ? 58  THR A O   1 
ATOM   422  C CB  . THR A 1 58  ? 5.156   5.737   11.902  1.00 68.26  ? 58  THR A CB  1 
ATOM   423  O OG1 . THR A 1 58  ? 6.172   5.666   12.916  1.00 75.17  ? 58  THR A OG1 1 
ATOM   424  C CG2 . THR A 1 58  ? 4.065   4.679   12.162  1.00 66.46  ? 58  THR A CG2 1 
ATOM   425  N N   . ASP A 1 59  ? 8.093   6.338   10.549  1.00 64.26  ? 59  ASP A N   1 
ATOM   426  C CA  . ASP A 1 59  ? 9.213   7.234   10.246  1.00 69.95  ? 59  ASP A CA  1 
ATOM   427  C C   . ASP A 1 59  ? 9.220   7.654   8.782   1.00 70.57  ? 59  ASP A C   1 
ATOM   428  O O   . ASP A 1 59  ? 9.487   8.810   8.435   1.00 75.96  ? 59  ASP A O   1 
ATOM   429  C CB  . ASP A 1 59  ? 10.552  6.537   10.529  1.00 71.81  ? 59  ASP A CB  1 
ATOM   430  C CG  . ASP A 1 59  ? 10.823  6.338   12.014  1.00 73.26  ? 59  ASP A CG  1 
ATOM   431  O OD1 . ASP A 1 59  ? 10.505  7.261   12.804  1.00 72.11  ? 59  ASP A OD1 1 
ATOM   432  O OD2 . ASP A 1 59  ? 11.390  5.274   12.372  1.00 68.29  ? 59  ASP A OD2 1 
ATOM   433  N N   . TYR A 1 60  ? 8.918   6.679   7.938   1.00 73.28  ? 60  TYR A N   1 
ATOM   434  C CA  . TYR A 1 60  ? 9.078   6.797   6.498   1.00 72.35  ? 60  TYR A CA  1 
ATOM   435  C C   . TYR A 1 60  ? 7.751   6.951   5.714   1.00 71.34  ? 60  TYR A C   1 
ATOM   436  O O   . TYR A 1 60  ? 7.784   7.334   4.546   1.00 71.94  ? 60  TYR A O   1 
ATOM   437  C CB  . TYR A 1 60  ? 9.812   5.545   5.992   1.00 72.10  ? 60  TYR A CB  1 
ATOM   438  C CG  . TYR A 1 60  ? 11.255  5.384   6.443   1.00 71.86  ? 60  TYR A CG  1 
ATOM   439  C CD1 . TYR A 1 60  ? 12.203  6.354   6.146   1.00 73.25  ? 60  TYR A CD1 1 
ATOM   440  C CD2 . TYR A 1 60  ? 11.677  4.232   7.116   1.00 72.58  ? 60  TYR A CD2 1 
ATOM   441  C CE1 . TYR A 1 60  ? 13.528  6.203   6.528   1.00 79.72  ? 60  TYR A CE1 1 
ATOM   442  C CE2 . TYR A 1 60  ? 13.002  4.073   7.509   1.00 76.35  ? 60  TYR A CE2 1 
ATOM   443  C CZ  . TYR A 1 60  ? 13.930  5.064   7.214   1.00 80.22  ? 60  TYR A CZ  1 
ATOM   444  O OH  . TYR A 1 60  ? 15.259  4.936   7.605   1.00 77.73  ? 60  TYR A OH  1 
ATOM   445  N N   . PHE A 1 61  ? 6.606   6.663   6.345   1.00 68.41  ? 61  PHE A N   1 
ATOM   446  C CA  . PHE A 1 61  ? 5.324   6.458   5.627   1.00 65.02  ? 61  PHE A CA  1 
ATOM   447  C C   . PHE A 1 61  ? 4.151   7.069   6.410   1.00 62.45  ? 61  PHE A C   1 
ATOM   448  O O   . PHE A 1 61  ? 3.730   6.529   7.435   1.00 61.54  ? 61  PHE A O   1 
ATOM   449  C CB  . PHE A 1 61  ? 5.137   4.942   5.435   1.00 65.82  ? 61  PHE A CB  1 
ATOM   450  C CG  . PHE A 1 61  ? 3.956   4.527   4.571   1.00 65.47  ? 61  PHE A CG  1 
ATOM   451  C CD1 . PHE A 1 61  ? 3.950   4.732   3.207   1.00 66.78  ? 61  PHE A CD1 1 
ATOM   452  C CD2 . PHE A 1 61  ? 2.902   3.821   5.121   1.00 68.13  ? 61  PHE A CD2 1 
ATOM   453  C CE1 . PHE A 1 61  ? 2.884   4.300   2.426   1.00 67.96  ? 61  PHE A CE1 1 
ATOM   454  C CE2 . PHE A 1 61  ? 1.838   3.393   4.347   1.00 68.53  ? 61  PHE A CE2 1 
ATOM   455  C CZ  . PHE A 1 61  ? 1.823   3.641   2.999   1.00 66.62  ? 61  PHE A CZ  1 
ATOM   456  N N   . THR A 1 62  ? 3.646   8.208   5.954   1.00 57.57  ? 62  THR A N   1 
ATOM   457  C CA  . THR A 1 62  ? 2.446   8.798   6.556   1.00 59.47  ? 62  THR A CA  1 
ATOM   458  C C   . THR A 1 62  ? 1.256   8.417   5.683   1.00 59.06  ? 62  THR A C   1 
ATOM   459  O O   . THR A 1 62  ? 1.318   8.523   4.456   1.00 58.54  ? 62  THR A O   1 
ATOM   460  C CB  . THR A 1 62  ? 2.505   10.349  6.646   1.00 56.56  ? 62  THR A CB  1 
ATOM   461  O OG1 . THR A 1 62  ? 3.750   10.740  7.217   1.00 61.35  ? 62  THR A OG1 1 
ATOM   462  C CG2 . THR A 1 62  ? 1.365   10.908  7.507   1.00 50.02  ? 62  THR A CG2 1 
ATOM   463  N N   . ILE A 1 63  ? 0.162   8.011   6.317   1.00 58.14  ? 63  ILE A N   1 
ATOM   464  C CA  . ILE A 1 63  ? -1.069  7.722   5.594   1.00 58.38  ? 63  ILE A CA  1 
ATOM   465  C C   . ILE A 1 63  ? -2.267  8.468   6.157   1.00 60.37  ? 63  ILE A C   1 
ATOM   466  O O   . ILE A 1 63  ? -2.258  8.914   7.306   1.00 59.93  ? 63  ILE A O   1 
ATOM   467  C CB  . ILE A 1 63  ? -1.354  6.219   5.595   1.00 58.70  ? 63  ILE A CB  1 
ATOM   468  C CG1 . ILE A 1 63  ? -2.334  5.799   6.693   1.00 56.63  ? 63  ILE A CG1 1 
ATOM   469  C CG2 . ILE A 1 63  ? -0.049  5.457   5.770   1.00 62.95  ? 63  ILE A CG2 1 
ATOM   470  C CD1 . ILE A 1 63  ? -2.845  4.388   6.470   1.00 53.40  ? 63  ILE A CD1 1 
ATOM   471  N N   . ASP A 1 64  ? -3.293  8.595   5.329   1.00 59.52  ? 64  ASP A N   1 
ATOM   472  C CA  . ASP A 1 64  ? -4.494  9.319   5.704   1.00 63.71  ? 64  ASP A CA  1 
ATOM   473  C C   . ASP A 1 64  ? -5.703  8.821   4.899   1.00 63.20  ? 64  ASP A C   1 
ATOM   474  O O   . ASP A 1 64  ? -5.669  8.764   3.671   1.00 69.46  ? 64  ASP A O   1 
ATOM   475  C CB  . ASP A 1 64  ? -4.295  10.827  5.497   1.00 66.09  ? 64  ASP A CB  1 
ATOM   476  C CG  . ASP A 1 64  ? -5.452  11.671  6.048   1.00 75.04  ? 64  ASP A CG  1 
ATOM   477  O OD1 . ASP A 1 64  ? -6.367  11.126  6.729   1.00 86.75  ? 64  ASP A OD1 1 
ATOM   478  O OD2 . ASP A 1 64  ? -5.438  12.899  5.793   1.00 74.22  ? 64  ASP A OD2 1 
ATOM   479  N N   . VAL A 1 65  ? -6.780  8.518   5.617   1.00 58.50  ? 65  VAL A N   1 
ATOM   480  C CA  . VAL A 1 65  ? -8.017  7.980   5.053   1.00 57.30  ? 65  VAL A CA  1 
ATOM   481  C C   . VAL A 1 65  ? -9.057  9.093   4.929   1.00 55.30  ? 65  VAL A C   1 
ATOM   482  O O   . VAL A 1 65  ? -9.382  9.739   5.917   1.00 70.00  ? 65  VAL A O   1 
ATOM   483  C CB  . VAL A 1 65  ? -8.584  6.894   5.990   1.00 55.00  ? 65  VAL A CB  1 
ATOM   484  C CG1 . VAL A 1 65  ? -9.780  6.191   5.372   1.00 48.25  ? 65  VAL A CG1 1 
ATOM   485  C CG2 . VAL A 1 65  ? -7.478  5.904   6.350   1.00 57.35  ? 65  VAL A CG2 1 
ATOM   486  N N   . GLU A 1 66  ? -9.573  9.312   3.727   1.00 50.34  ? 66  GLU A N   1 
ATOM   487  C CA  . GLU A 1 66  ? -10.555 10.372  3.491   1.00 53.98  ? 66  GLU A CA  1 
ATOM   488  C C   . GLU A 1 66  ? -11.656 9.822   2.594   1.00 50.00  ? 66  GLU A C   1 
ATOM   489  O O   . GLU A 1 66  ? -11.401 8.957   1.761   1.00 49.02  ? 66  GLU A O   1 
ATOM   490  C CB  . GLU A 1 66  ? -9.906  11.566  2.788   1.00 62.21  ? 66  GLU A CB  1 
ATOM   491  C CG  . GLU A 1 66  ? -8.566  11.989  3.371   1.00 72.72  ? 66  GLU A CG  1 
ATOM   492  C CD  . GLU A 1 66  ? -8.675  13.221  4.231   1.00 78.91  ? 66  GLU A CD  1 
ATOM   493  O OE1 . GLU A 1 66  ? -9.172  14.235  3.667   1.00 82.99  ? 66  GLU A OE1 1 
ATOM   494  O OE2 . GLU A 1 66  ? -8.269  13.169  5.439   1.00 72.95  ? 66  GLU A OE2 1 
ATOM   495  N N   . PRO A 1 67  ? -12.883 10.320  2.750   1.00 47.41  ? 67  PRO A N   1 
ATOM   496  C CA  . PRO A 1 67  ? -13.917 9.915   1.822   1.00 53.08  ? 67  PRO A CA  1 
ATOM   497  C C   . PRO A 1 67  ? -13.780 10.616  0.489   1.00 53.82  ? 67  PRO A C   1 
ATOM   498  O O   . PRO A 1 67  ? -13.197 11.700  0.421   1.00 55.38  ? 67  PRO A O   1 
ATOM   499  C CB  . PRO A 1 67  ? -15.207 10.386  2.499   1.00 52.97  ? 67  PRO A CB  1 
ATOM   500  C CG  . PRO A 1 67  ? -14.772 11.547  3.298   1.00 50.55  ? 67  PRO A CG  1 
ATOM   501  C CD  . PRO A 1 67  ? -13.448 11.102  3.851   1.00 49.28  ? 67  PRO A CD  1 
ATOM   502  N N   . ALA A 1 68  ? -14.318 9.956   -0.534  1.00 55.86  ? 68  ALA A N   1 
ATOM   503  C CA  . ALA A 1 68  ? -14.294 10.394  -1.926  1.00 54.97  ? 68  ALA A CA  1 
ATOM   504  C C   . ALA A 1 68  ? -15.726 10.587  -2.400  1.00 57.61  ? 68  ALA A C   1 
ATOM   505  O O   . ALA A 1 68  ? -15.976 11.327  -3.368  1.00 62.96  ? 68  ALA A O   1 
ATOM   506  C CB  . ALA A 1 68  ? -13.582 9.377   -2.789  1.00 51.49  ? 68  ALA A CB  1 
ATOM   507  N N   . GLY A 1 69  ? -16.670 9.949   -1.713  1.00 54.83  ? 69  GLY A N   1 
ATOM   508  C CA  . GLY A 1 69  ? -18.076 10.304  -1.873  1.00 57.56  ? 69  GLY A CA  1 
ATOM   509  C C   . GLY A 1 69  ? -18.951 9.716   -0.780  1.00 59.44  ? 69  GLY A C   1 
ATOM   510  O O   . GLY A 1 69  ? -18.457 9.293   0.254   1.00 56.10  ? 69  GLY A O   1 
ATOM   511  N N   . HIS A 1 70  ? -20.254 9.648   -1.045  1.00 63.06  ? 70  HIS A N   1 
ATOM   512  C CA  . HIS A 1 70  ? -21.230 9.137   -0.080  1.00 58.65  ? 70  HIS A CA  1 
ATOM   513  C C   . HIS A 1 70  ? -21.084 7.694   0.278   1.00 57.13  ? 70  HIS A C   1 
ATOM   514  O O   . HIS A 1 70  ? -21.735 7.255   1.222   1.00 60.71  ? 70  HIS A O   1 
ATOM   515  C CB  . HIS A 1 70  ? -22.653 9.334   -0.594  1.00 57.37  ? 70  HIS A CB  1 
ATOM   516  C CG  . HIS A 1 70  ? -22.992 10.752  -0.939  1.00 57.10  ? 70  HIS A CG  1 
ATOM   517  N ND1 . HIS A 1 70  ? -22.744 11.782  -0.109  1.00 59.60  ? 70  HIS A ND1 1 
ATOM   518  C CD2 . HIS A 1 70  ? -23.599 11.289  -2.065  1.00 60.33  ? 70  HIS A CD2 1 
ATOM   519  C CE1 . HIS A 1 70  ? -23.158 12.929  -0.681  1.00 64.99  ? 70  HIS A CE1 1 
ATOM   520  N NE2 . HIS A 1 70  ? -23.687 12.624  -1.881  1.00 67.13  ? 70  HIS A NE2 1 
ATOM   521  N N   . SER A 1 71  ? -20.280 6.934   -0.471  1.00 59.99  ? 71  SER A N   1 
ATOM   522  C CA  . SER A 1 71  ? -20.136 5.477   -0.239  1.00 59.25  ? 71  SER A CA  1 
ATOM   523  C C   . SER A 1 71  ? -18.672 5.052   -0.271  1.00 56.53  ? 71  SER A C   1 
ATOM   524  O O   . SER A 1 71  ? -18.249 4.232   0.510   1.00 67.46  ? 71  SER A O   1 
ATOM   525  C CB  . SER A 1 71  ? -20.935 4.673   -1.286  1.00 62.77  ? 71  SER A CB  1 
ATOM   526  O OG  . SER A 1 71  ? -22.300 5.125   -1.398  1.00 66.77  ? 71  SER A OG  1 
ATOM   527  N N   . LEU A 1 72  ? -17.908 5.617   -1.188  1.00 52.71  ? 72  LEU A N   1 
ATOM   528  C CA  . LEU A 1 72  ? -16.483 5.321   -1.368  1.00 50.14  ? 72  LEU A CA  1 
ATOM   529  C C   . LEU A 1 72  ? -15.512 6.151   -0.490  1.00 49.01  ? 72  LEU A C   1 
ATOM   530  O O   . LEU A 1 72  ? -15.827 7.254   -0.047  1.00 48.55  ? 72  LEU A O   1 
ATOM   531  C CB  . LEU A 1 72  ? -16.097 5.558   -2.845  1.00 51.47  ? 72  LEU A CB  1 
ATOM   532  C CG  . LEU A 1 72  ? -16.867 4.795   -3.937  1.00 50.63  ? 72  LEU A CG  1 
ATOM   533  C CD1 . LEU A 1 72  ? -16.353 5.156   -5.329  1.00 46.35  ? 72  LEU A CD1 1 
ATOM   534  C CD2 . LEU A 1 72  ? -16.834 3.288   -3.664  1.00 49.33  ? 72  LEU A CD2 1 
ATOM   535  N N   . VAL A 1 73  ? -14.319 5.588   -0.286  1.00 47.63  ? 73  VAL A N   1 
ATOM   536  C CA  . VAL A 1 73  ? -13.235 6.168   0.496   1.00 46.03  ? 73  VAL A CA  1 
ATOM   537  C C   . VAL A 1 73  ? -11.864 5.875   -0.148  1.00 50.09  ? 73  VAL A C   1 
ATOM   538  O O   . VAL A 1 73  ? -11.660 4.840   -0.804  1.00 50.22  ? 73  VAL A O   1 
ATOM   539  C CB  . VAL A 1 73  ? -13.200 5.579   1.918   1.00 44.87  ? 73  VAL A CB  1 
ATOM   540  C CG1 . VAL A 1 73  ? -11.909 5.998   2.634   1.00 41.12  ? 73  VAL A CG1 1 
ATOM   541  C CG2 . VAL A 1 73  ? -14.430 6.021   2.699   1.00 42.64  ? 73  VAL A CG2 1 
ATOM   542  N N   . ASN A 1 74  ? -10.924 6.790   0.055   1.00 50.35  ? 74  ASN A N   1 
ATOM   543  C CA  . ASN A 1 74  ? -9.552  6.624   -0.420  1.00 51.52  ? 74  ASN A CA  1 
ATOM   544  C C   . ASN A 1 74  ? -8.559  6.667   0.728   1.00 53.99  ? 74  ASN A C   1 
ATOM   545  O O   . ASN A 1 74  ? -8.865  7.205   1.793   1.00 60.56  ? 74  ASN A O   1 
ATOM   546  C CB  . ASN A 1 74  ? -9.178  7.755   -1.356  1.00 51.36  ? 74  ASN A CB  1 
ATOM   547  C CG  . ASN A 1 74  ? -9.976  7.739   -2.624  1.00 53.81  ? 74  ASN A CG  1 
ATOM   548  O OD1 . ASN A 1 74  ? -10.486 6.681   -3.034  1.00 56.49  ? 74  ASN A OD1 1 
ATOM   549  N ND2 . ASN A 1 74  ? -10.078 8.910   -3.279  1.00 47.35  ? 74  ASN A ND2 1 
ATOM   550  N N   . ILE A 1 75  ? -7.377  6.098   0.497   1.00 50.57  ? 75  ILE A N   1 
ATOM   551  C CA  . ILE A 1 75  ? -6.278  6.186   1.426   1.00 50.95  ? 75  ILE A CA  1 
ATOM   552  C C   . ILE A 1 75  ? -5.177  6.892   0.679   1.00 52.33  ? 75  ILE A C   1 
ATOM   553  O O   . ILE A 1 75  ? -4.727  6.431   -0.365  1.00 55.74  ? 75  ILE A O   1 
ATOM   554  C CB  . ILE A 1 75  ? -5.777  4.799   1.844   1.00 55.11  ? 75  ILE A CB  1 
ATOM   555  C CG1 . ILE A 1 75  ? -6.884  4.042   2.587   1.00 55.88  ? 75  ILE A CG1 1 
ATOM   556  C CG2 . ILE A 1 75  ? -4.521  4.902   2.713   1.00 52.71  ? 75  ILE A CG2 1 
ATOM   557  C CD1 . ILE A 1 75  ? -6.931  2.565   2.241   1.00 57.52  ? 75  ILE A CD1 1 
ATOM   558  N N   . TYR A 1 76  ? -4.774  8.031   1.218   1.00 53.14  ? 76  TYR A N   1 
ATOM   559  C CA  . TYR A 1 76  ? -3.675  8.812   0.694   1.00 51.09  ? 76  TYR A CA  1 
ATOM   560  C C   . TYR A 1 76  ? -2.456  8.494   1.518   1.00 51.54  ? 76  TYR A C   1 
ATOM   561  O O   . TYR A 1 76  ? -2.563  8.117   2.685   1.00 48.47  ? 76  TYR A O   1 
ATOM   562  C CB  . TYR A 1 76  ? -3.989  10.303  0.829   1.00 50.86  ? 76  TYR A CB  1 
ATOM   563  C CG  . TYR A 1 76  ? -5.163  10.699  0.000   1.00 48.11  ? 76  TYR A CG  1 
ATOM   564  C CD1 . TYR A 1 76  ? -6.452  10.461  0.445   1.00 49.82  ? 76  TYR A CD1 1 
ATOM   565  C CD2 . TYR A 1 76  ? -4.989  11.257  -1.253  1.00 47.15  ? 76  TYR A CD2 1 
ATOM   566  C CE1 . TYR A 1 76  ? -7.546  10.790  -0.340  1.00 52.80  ? 76  TYR A CE1 1 
ATOM   567  C CE2 . TYR A 1 76  ? -6.069  11.595  -2.044  1.00 48.41  ? 76  TYR A CE2 1 
ATOM   568  C CZ  . TYR A 1 76  ? -7.344  11.360  -1.591  1.00 50.29  ? 76  TYR A CZ  1 
ATOM   569  O OH  . TYR A 1 76  ? -8.411  11.694  -2.394  1.00 52.10  ? 76  TYR A OH  1 
ATOM   570  N N   . PHE A 1 77  ? -1.291  8.655   0.924   1.00 51.42  ? 77  PHE A N   1 
ATOM   571  C CA  . PHE A 1 77  ? -0.099  8.530   1.698   1.00 51.42  ? 77  PHE A CA  1 
ATOM   572  C C   . PHE A 1 77  ? 1.074   9.197   1.047   1.00 54.26  ? 77  PHE A C   1 
ATOM   573  O O   . PHE A 1 77  ? 1.058   9.569   -0.123  1.00 54.12  ? 77  PHE A O   1 
ATOM   574  C CB  . PHE A 1 77  ? 0.204   7.067   1.967   1.00 58.23  ? 77  PHE A CB  1 
ATOM   575  C CG  . PHE A 1 77  ? -0.191  6.161   0.856   1.00 61.15  ? 77  PHE A CG  1 
ATOM   576  C CD1 . PHE A 1 77  ? -1.436  5.552   0.859   1.00 63.28  ? 77  PHE A CD1 1 
ATOM   577  C CD2 . PHE A 1 77  ? 0.676   5.924   -0.193  1.00 62.76  ? 77  PHE A CD2 1 
ATOM   578  C CE1 . PHE A 1 77  ? -1.821  4.719   -0.166  1.00 65.96  ? 77  PHE A CE1 1 
ATOM   579  C CE2 . PHE A 1 77  ? 0.304   5.083   -1.217  1.00 68.81  ? 77  PHE A CE2 1 
ATOM   580  C CZ  . PHE A 1 77  ? -0.955  4.481   -1.208  1.00 67.46  ? 77  PHE A CZ  1 
ATOM   581  N N   . GLN A 1 78  ? 2.105   9.317   1.854   1.00 55.54  ? 78  GLN A N   1 
ATOM   582  C CA  . GLN A 1 78  ? 3.237   10.100  1.538   1.00 57.82  ? 78  GLN A CA  1 
ATOM   583  C C   . GLN A 1 78  ? 4.449   9.266   1.944   1.00 60.54  ? 78  GLN A C   1 
ATOM   584  O O   . GLN A 1 78  ? 4.515   8.754   3.077   1.00 59.35  ? 78  GLN A O   1 
ATOM   585  C CB  . GLN A 1 78  ? 3.131   11.389  2.329   1.00 60.85  ? 78  GLN A CB  1 
ATOM   586  C CG  . GLN A 1 78  ? 4.369   12.264  2.288   1.00 67.86  ? 78  GLN A CG  1 
ATOM   587  C CD  . GLN A 1 78  ? 4.160   13.573  3.006   1.00 71.94  ? 78  GLN A CD  1 
ATOM   588  O OE1 . GLN A 1 78  ? 3.021   14.025  3.205   1.00 68.51  ? 78  GLN A OE1 1 
ATOM   589  N NE2 . GLN A 1 78  ? 5.262   14.199  3.397   1.00 78.38  ? 78  GLN A NE2 1 
ATOM   590  N N   . ILE A 1 79  ? 5.402   9.147   1.022   1.00 58.35  ? 79  ILE A N   1 
ATOM   591  C CA  . ILE A 1 79  ? 6.484   8.205   1.150   1.00 57.32  ? 79  ILE A CA  1 
ATOM   592  C C   . ILE A 1 79  ? 7.811   8.936   1.057   1.00 60.96  ? 79  ILE A C   1 
ATOM   593  O O   . ILE A 1 79  ? 8.208   9.425   -0.001  1.00 71.13  ? 79  ILE A O   1 
ATOM   594  C CB  . ILE A 1 79  ? 6.333   7.109   0.078   1.00 59.71  ? 79  ILE A CB  1 
ATOM   595  C CG1 . ILE A 1 79  ? 4.845   6.678   0.024   1.00 61.70  ? 79  ILE A CG1 1 
ATOM   596  C CG2 . ILE A 1 79  ? 7.275   5.953   0.362   1.00 61.68  ? 79  ILE A CG2 1 
ATOM   597  C CD1 . ILE A 1 79  ? 4.561   5.300   -0.532  1.00 62.54  ? 79  ILE A CD1 1 
ATOM   598  N N   . ASP A 1 80  ? 8.477   9.025   2.197   1.00 63.44  ? 80  ASP A N   1 
ATOM   599  C CA  . ASP A 1 80  ? 9.839   9.521   2.261   1.00 68.51  ? 80  ASP A CA  1 
ATOM   600  C C   . ASP A 1 80  ? 10.683  8.732   1.264   1.00 66.67  ? 80  ASP A C   1 
ATOM   601  O O   . ASP A 1 80  ? 10.390  7.576   0.974   1.00 62.45  ? 80  ASP A O   1 
ATOM   602  C CB  . ASP A 1 80  ? 10.410  9.357   3.681   1.00 76.04  ? 80  ASP A CB  1 
ATOM   603  C CG  . ASP A 1 80  ? 9.622   10.147  4.737   1.00 79.98  ? 80  ASP A CG  1 
ATOM   604  O OD1 . ASP A 1 80  ? 10.143  10.352  5.859   1.00 80.99  ? 80  ASP A OD1 1 
ATOM   605  O OD2 . ASP A 1 80  ? 8.477   10.556  4.444   1.00 85.64  ? 80  ASP A OD2 1 
ATOM   606  N N   . ASP A 1 81  ? 11.734  9.361   0.754   1.00 70.02  ? 81  ASP A N   1 
ATOM   607  C CA  . ASP A 1 81  ? 12.557  8.779   -0.313  1.00 73.73  ? 81  ASP A CA  1 
ATOM   608  C C   . ASP A 1 81  ? 13.187  7.417   -0.021  1.00 69.01  ? 81  ASP A C   1 
ATOM   609  O O   . ASP A 1 81  ? 13.299  6.586   -0.936  1.00 61.08  ? 81  ASP A O   1 
ATOM   610  C CB  . ASP A 1 81  ? 13.651  9.758   -0.718  1.00 79.00  ? 81  ASP A CB  1 
ATOM   611  C CG  . ASP A 1 81  ? 13.091  10.956  -1.403  1.00 89.84  ? 81  ASP A CG  1 
ATOM   612  O OD1 . ASP A 1 81  ? 12.725  10.819  -2.591  1.00 106.10 ? 81  ASP A OD1 1 
ATOM   613  O OD2 . ASP A 1 81  ? 12.978  12.014  -0.748  1.00 95.74  ? 81  ASP A OD2 1 
ATOM   614  N N   . PHE A 1 82  ? 13.603  7.183   1.227   1.00 62.78  ? 82  PHE A N   1 
ATOM   615  C CA  . PHE A 1 82  ? 14.276  5.926   1.526   1.00 58.65  ? 82  PHE A CA  1 
ATOM   616  C C   . PHE A 1 82  ? 13.309  4.776   1.251   1.00 59.23  ? 82  PHE A C   1 
ATOM   617  O O   . PHE A 1 82  ? 13.687  3.768   0.627   1.00 59.03  ? 82  PHE A O   1 
ATOM   618  C CB  . PHE A 1 82  ? 14.817  5.871   2.951   1.00 58.21  ? 82  PHE A CB  1 
ATOM   619  C CG  . PHE A 1 82  ? 15.462  4.552   3.299   1.00 62.34  ? 82  PHE A CG  1 
ATOM   620  C CD1 . PHE A 1 82  ? 16.820  4.357   3.134   1.00 63.61  ? 82  PHE A CD1 1 
ATOM   621  C CD2 . PHE A 1 82  ? 14.697  3.487   3.776   1.00 63.73  ? 82  PHE A CD2 1 
ATOM   622  C CE1 . PHE A 1 82  ? 17.403  3.133   3.438   1.00 63.54  ? 82  PHE A CE1 1 
ATOM   623  C CE2 . PHE A 1 82  ? 15.276  2.264   4.077   1.00 60.39  ? 82  PHE A CE2 1 
ATOM   624  C CZ  . PHE A 1 82  ? 16.630  2.088   3.913   1.00 61.94  ? 82  PHE A CZ  1 
ATOM   625  N N   . LEU A 1 83  ? 12.062  4.931   1.691   1.00 54.65  ? 83  LEU A N   1 
ATOM   626  C CA  . LEU A 1 83  ? 11.051  3.893   1.438   1.00 56.25  ? 83  LEU A CA  1 
ATOM   627  C C   . LEU A 1 83  ? 10.690  3.854   -0.055  1.00 53.90  ? 83  LEU A C   1 
ATOM   628  O O   . LEU A 1 83  ? 10.535  2.769   -0.651  1.00 46.96  ? 83  LEU A O   1 
ATOM   629  C CB  . LEU A 1 83  ? 9.801   4.098   2.318   1.00 53.39  ? 83  LEU A CB  1 
ATOM   630  C CG  . LEU A 1 83  ? 8.828   2.919   2.417   1.00 52.76  ? 83  LEU A CG  1 
ATOM   631  C CD1 . LEU A 1 83  ? 9.538   1.618   2.801   1.00 45.58  ? 83  LEU A CD1 1 
ATOM   632  C CD2 . LEU A 1 83  ? 7.725   3.271   3.410   1.00 52.52  ? 83  LEU A CD2 1 
ATOM   633  N N   . LEU A 1 84  ? 10.587  5.043   -0.649  1.00 51.41  ? 84  LEU A N   1 
ATOM   634  C CA  . LEU A 1 84  ? 10.190  5.140   -2.037  1.00 55.60  ? 84  LEU A CA  1 
ATOM   635  C C   . LEU A 1 84  ? 11.185  4.330   -2.862  1.00 55.57  ? 84  LEU A C   1 
ATOM   636  O O   . LEU A 1 84  ? 10.804  3.413   -3.595  1.00 54.95  ? 84  LEU A O   1 
ATOM   637  C CB  . LEU A 1 84  ? 10.115  6.595   -2.511  1.00 54.55  ? 84  LEU A CB  1 
ATOM   638  C CG  . LEU A 1 84  ? 9.744   6.726   -3.986  1.00 53.73  ? 84  LEU A CG  1 
ATOM   639  C CD1 . LEU A 1 84  ? 9.254   8.125   -4.329  1.00 58.52  ? 84  LEU A CD1 1 
ATOM   640  C CD2 . LEU A 1 84  ? 10.961  6.345   -4.815  1.00 52.48  ? 84  LEU A CD2 1 
ATOM   641  N N   . LEU A 1 85  ? 12.465  4.642   -2.697  1.00 54.43  ? 85  LEU A N   1 
ATOM   642  C CA  . LEU A 1 85  ? 13.517  3.921   -3.410  1.00 54.80  ? 85  LEU A CA  1 
ATOM   643  C C   . LEU A 1 85  ? 13.521  2.420   -3.075  1.00 57.43  ? 85  LEU A C   1 
ATOM   644  O O   . LEU A 1 85  ? 13.695  1.544   -3.982  1.00 50.16  ? 85  LEU A O   1 
ATOM   645  C CB  . LEU A 1 85  ? 14.881  4.497   -3.069  1.00 52.25  ? 85  LEU A CB  1 
ATOM   646  C CG  . LEU A 1 85  ? 15.221  5.880   -3.611  1.00 50.17  ? 85  LEU A CG  1 
ATOM   647  C CD1 . LEU A 1 85  ? 16.378  6.413   -2.778  1.00 48.89  ? 85  LEU A CD1 1 
ATOM   648  C CD2 . LEU A 1 85  ? 15.545  5.864   -5.109  1.00 43.49  ? 85  LEU A CD2 1 
ATOM   649  N N   . THR A 1 86  ? 13.332  2.123   -1.785  1.00 54.29  ? 86  THR A N   1 
ATOM   650  C CA  . THR A 1 86  ? 13.314  0.725   -1.356  1.00 55.36  ? 86  THR A CA  1 
ATOM   651  C C   . THR A 1 86  ? 12.153  0.021   -2.062  1.00 54.14  ? 86  THR A C   1 
ATOM   652  O O   . THR A 1 86  ? 12.356  -0.987  -2.750  1.00 51.77  ? 86  THR A O   1 
ATOM   653  C CB  . THR A 1 86  ? 13.271  0.547   0.183   1.00 56.21  ? 86  THR A CB  1 
ATOM   654  O OG1 . THR A 1 86  ? 14.533  0.940   0.765   1.00 57.27  ? 86  THR A OG1 1 
ATOM   655  C CG2 . THR A 1 86  ? 13.027  -0.900  0.543   1.00 53.46  ? 86  THR A CG2 1 
ATOM   656  N N   . LEU A 1 87  ? 10.952  0.580   -1.951  1.00 56.43  ? 87  LEU A N   1 
ATOM   657  C CA  . LEU A 1 87  ? 9.783   -0.067  -2.574  1.00 57.87  ? 87  LEU A CA  1 
ATOM   658  C C   . LEU A 1 87  ? 9.988   -0.223  -4.083  1.00 57.27  ? 87  LEU A C   1 
ATOM   659  O O   . LEU A 1 87  ? 9.695   -1.291  -4.641  1.00 58.89  ? 87  LEU A O   1 
ATOM   660  C CB  . LEU A 1 87  ? 8.468   0.684   -2.270  1.00 56.06  ? 87  LEU A CB  1 
ATOM   661  C CG  . LEU A 1 87  ? 7.972   0.580   -0.811  1.00 56.06  ? 87  LEU A CG  1 
ATOM   662  C CD1 . LEU A 1 87  ? 6.951   1.673   -0.490  1.00 55.12  ? 87  LEU A CD1 1 
ATOM   663  C CD2 . LEU A 1 87  ? 7.418   -0.804  -0.490  1.00 50.53  ? 87  LEU A CD2 1 
ATOM   664  N N   . ASN A 1 88  ? 10.518  0.803   -4.744  1.00 52.02  ? 88  ASN A N   1 
ATOM   665  C CA  . ASN A 1 88  ? 10.671  0.674   -6.178  1.00 56.25  ? 88  ASN A CA  1 
ATOM   666  C C   . ASN A 1 88  ? 11.585  -0.500  -6.503  1.00 54.87  ? 88  ASN A C   1 
ATOM   667  O O   . ASN A 1 88  ? 11.244  -1.293  -7.368  1.00 59.23  ? 88  ASN A O   1 
ATOM   668  C CB  . ASN A 1 88  ? 11.096  1.986   -6.855  1.00 58.68  ? 88  ASN A CB  1 
ATOM   669  C CG  . ASN A 1 88  ? 9.931   2.979   -6.970  1.00 62.26  ? 88  ASN A CG  1 
ATOM   670  O OD1 . ASN A 1 88  ? 8.830   2.634   -7.428  1.00 58.56  ? 88  ASN A OD1 1 
ATOM   671  N ND2 . ASN A 1 88  ? 10.164  4.215   -6.522  1.00 62.26  ? 88  ASN A ND2 1 
ATOM   672  N N   . SER A 1 89  ? 12.680  -0.673  -5.769  1.00 51.92  ? 89  SER A N   1 
ATOM   673  C CA  . SER A 1 89  ? 13.590  -1.796  -6.072  1.00 55.37  ? 89  SER A CA  1 
ATOM   674  C C   . SER A 1 89  ? 12.992  -3.190  -5.827  1.00 60.78  ? 89  SER A C   1 
ATOM   675  O O   . SER A 1 89  ? 13.206  -4.097  -6.623  1.00 72.07  ? 89  SER A O   1 
ATOM   676  C CB  . SER A 1 89  ? 14.916  -1.675  -5.329  1.00 52.39  ? 89  SER A CB  1 
ATOM   677  O OG  . SER A 1 89  ? 14.703  -1.661  -3.946  1.00 54.31  ? 89  SER A OG  1 
ATOM   678  N N   . LEU A 1 90  ? 12.246  -3.363  -4.744  1.00 60.82  ? 90  LEU A N   1 
ATOM   679  C CA  . LEU A 1 90  ? 11.529  -4.623  -4.519  1.00 57.91  ? 90  LEU A CA  1 
ATOM   680  C C   . LEU A 1 90  ? 10.382  -4.864  -5.545  1.00 56.07  ? 90  LEU A C   1 
ATOM   681  O O   . LEU A 1 90  ? 9.893   -5.988  -5.671  1.00 50.60  ? 90  LEU A O   1 
ATOM   682  C CB  . LEU A 1 90  ? 10.944  -4.655  -3.097  1.00 58.96  ? 90  LEU A CB  1 
ATOM   683  C CG  . LEU A 1 90  ? 11.859  -4.318  -1.905  1.00 55.00  ? 90  LEU A CG  1 
ATOM   684  C CD1 . LEU A 1 90  ? 11.112  -4.303  -0.563  1.00 48.72  ? 90  LEU A CD1 1 
ATOM   685  C CD2 . LEU A 1 90  ? 12.967  -5.339  -1.878  1.00 52.40  ? 90  LEU A CD2 1 
ATOM   686  N N   . SER A 1 91  ? 9.947   -3.827  -6.262  1.00 52.96  ? 91  SER A N   1 
ATOM   687  C CA  . SER A 1 91  ? 8.698   -3.922  -7.015  1.00 54.59  ? 91  SER A CA  1 
ATOM   688  C C   . SER A 1 91  ? 8.845   -4.766  -8.277  1.00 53.06  ? 91  SER A C   1 
ATOM   689  O O   . SER A 1 91  ? 9.838   -4.642  -8.993  1.00 59.99  ? 91  SER A O   1 
ATOM   690  C CB  . SER A 1 91  ? 8.170   -2.529  -7.383  1.00 59.11  ? 91  SER A CB  1 
ATOM   691  O OG  . SER A 1 91  ? 6.897   -2.649  -8.025  1.00 69.70  ? 91  SER A OG  1 
ATOM   692  N N   . VAL A 1 92  ? 7.857   -5.621  -8.541  1.00 47.56  ? 92  VAL A N   1 
ATOM   693  C CA  . VAL A 1 92  ? 7.752   -6.347  -9.806  1.00 45.08  ? 92  VAL A CA  1 
ATOM   694  C C   . VAL A 1 92  ? 7.382   -5.362  -10.922 1.00 46.08  ? 92  VAL A C   1 
ATOM   695  O O   . VAL A 1 92  ? 8.130   -5.137  -11.845 1.00 44.54  ? 92  VAL A O   1 
ATOM   696  C CB  . VAL A 1 92  ? 6.677   -7.456  -9.714  1.00 45.80  ? 92  VAL A CB  1 
ATOM   697  C CG1 . VAL A 1 92  ? 6.449   -8.140  -11.057 1.00 42.49  ? 92  VAL A CG1 1 
ATOM   698  C CG2 . VAL A 1 92  ? 7.037   -8.465  -8.617  1.00 44.58  ? 92  VAL A CG2 1 
ATOM   699  N N   . TYR A 1 93  ? 6.235   -4.725  -10.814 1.00 53.82  ? 93  TYR A N   1 
ATOM   700  C CA  . TYR A 1 93  ? 5.879   -3.707  -11.787 1.00 54.97  ? 93  TYR A CA  1 
ATOM   701  C C   . TYR A 1 93  ? 6.961   -2.635  -11.762 1.00 52.71  ? 93  TYR A C   1 
ATOM   702  O O   . TYR A 1 93  ? 7.527   -2.367  -10.722 1.00 53.43  ? 93  TYR A O   1 
ATOM   703  C CB  . TYR A 1 93  ? 4.505   -3.108  -11.480 1.00 59.64  ? 93  TYR A CB  1 
ATOM   704  C CG  . TYR A 1 93  ? 4.024   -2.181  -12.559 1.00 60.74  ? 93  TYR A CG  1 
ATOM   705  C CD1 . TYR A 1 93  ? 3.193   -2.638  -13.577 1.00 61.68  ? 93  TYR A CD1 1 
ATOM   706  C CD2 . TYR A 1 93  ? 4.424   -0.852  -12.574 1.00 63.17  ? 93  TYR A CD2 1 
ATOM   707  C CE1 . TYR A 1 93  ? 2.760   -1.791  -14.574 1.00 63.81  ? 93  TYR A CE1 1 
ATOM   708  C CE2 . TYR A 1 93  ? 4.000   0.004   -13.566 1.00 69.99  ? 93  TYR A CE2 1 
ATOM   709  C CZ  . TYR A 1 93  ? 3.167   -0.467  -14.561 1.00 70.18  ? 93  TYR A CZ  1 
ATOM   710  O OH  . TYR A 1 93  ? 2.763   0.417   -15.535 1.00 79.71  ? 93  TYR A OH  1 
ATOM   711  N N   . LYS A 1 94  ? 7.246   -2.040  -12.913 1.00 57.71  ? 94  LYS A N   1 
ATOM   712  C CA  . LYS A 1 94  ? 8.388   -1.140  -13.053 1.00 62.71  ? 94  LYS A CA  1 
ATOM   713  C C   . LYS A 1 94  ? 8.177   0.140   -12.275 1.00 63.58  ? 94  LYS A C   1 
ATOM   714  O O   . LYS A 1 94  ? 7.209   0.868   -12.530 1.00 64.28  ? 94  LYS A O   1 
ATOM   715  C CB  . LYS A 1 94  ? 8.650   -0.794  -14.513 1.00 73.41  ? 94  LYS A CB  1 
ATOM   716  C CG  . LYS A 1 94  ? 8.839   -2.008  -15.423 1.00 92.22  ? 94  LYS A CG  1 
ATOM   717  C CD  . LYS A 1 94  ? 9.844   -3.053  -14.898 1.00 96.14  ? 94  LYS A CD  1 
ATOM   718  C CE  . LYS A 1 94  ? 11.292  -2.562  -14.887 1.00 90.28  ? 94  LYS A CE  1 
ATOM   719  N NZ  . LYS A 1 94  ? 12.168  -3.462  -14.081 1.00 81.86  ? 94  LYS A NZ  1 
ATOM   720  N N   . ASP A 1 95  ? 9.089   0.381   -11.323 1.00 64.71  ? 95  ASP A N   1 
ATOM   721  C CA  . ASP A 1 95  ? 9.074   1.536   -10.382 1.00 65.31  ? 95  ASP A CA  1 
ATOM   722  C C   . ASP A 1 95  ? 7.778   2.352   -10.369 1.00 62.04  ? 95  ASP A C   1 
ATOM   723  O O   . ASP A 1 95  ? 7.720   3.382   -11.014 1.00 55.88  ? 95  ASP A O   1 
ATOM   724  C CB  . ASP A 1 95  ? 10.253  2.482   -10.639 1.00 65.90  ? 95  ASP A CB  1 
ATOM   725  C CG  . ASP A 1 95  ? 11.570  1.745   -10.833 1.00 74.90  ? 95  ASP A CG  1 
ATOM   726  O OD1 . ASP A 1 95  ? 11.823  0.724   -10.145 1.00 79.31  ? 95  ASP A OD1 1 
ATOM   727  O OD2 . ASP A 1 95  ? 12.356  2.193   -11.698 1.00 78.12  ? 95  ASP A OD2 1 
ATOM   728  N N   . PRO A 1 96  ? 6.746   1.888   -9.623  1.00 59.55  ? 96  PRO A N   1 
ATOM   729  C CA  . PRO A 1 96  ? 5.442   2.531   -9.593  1.00 56.37  ? 96  PRO A CA  1 
ATOM   730  C C   . PRO A 1 96  ? 5.167   3.455   -8.398  1.00 58.20  ? 96  PRO A C   1 
ATOM   731  O O   . PRO A 1 96  ? 4.043   3.931   -8.265  1.00 65.27  ? 96  PRO A O   1 
ATOM   732  C CB  . PRO A 1 96  ? 4.506   1.333   -9.495  1.00 60.71  ? 96  PRO A CB  1 
ATOM   733  C CG  . PRO A 1 96  ? 5.274   0.323   -8.686  1.00 59.31  ? 96  PRO A CG  1 
ATOM   734  C CD  . PRO A 1 96  ? 6.736   0.629   -8.845  1.00 57.20  ? 96  PRO A CD  1 
ATOM   735  N N   . ILE A 1 97  ? 6.147   3.712   -7.539  1.00 52.01  ? 97  ILE A N   1 
ATOM   736  C CA  . ILE A 1 97  ? 5.876   4.456   -6.328  1.00 53.47  ? 97  ILE A CA  1 
ATOM   737  C C   . ILE A 1 97  ? 6.358   5.893   -6.403  1.00 59.52  ? 97  ILE A C   1 
ATOM   738  O O   . ILE A 1 97  ? 7.566   6.149   -6.478  1.00 62.34  ? 97  ILE A O   1 
ATOM   739  C CB  . ILE A 1 97  ? 6.534   3.777   -5.111  1.00 54.56  ? 97  ILE A CB  1 
ATOM   740  C CG1 . ILE A 1 97  ? 5.892   2.412   -4.863  1.00 55.67  ? 97  ILE A CG1 1 
ATOM   741  C CG2 . ILE A 1 97  ? 6.420   4.634   -3.847  1.00 51.41  ? 97  ILE A CG2 1 
ATOM   742  C CD1 . ILE A 1 97  ? 4.411   2.474   -4.558  1.00 54.76  ? 97  ILE A CD1 1 
ATOM   743  N N   . ARG A 1 98  ? 5.412   6.830   -6.375  1.00 63.35  ? 98  ARG A N   1 
ATOM   744  C CA  . ARG A 1 98  ? 5.725   8.244   -6.166  1.00 64.14  ? 98  ARG A CA  1 
ATOM   745  C C   . ARG A 1 98  ? 5.654   8.546   -4.691  1.00 61.53  ? 98  ARG A C   1 
ATOM   746  O O   . ARG A 1 98  ? 5.057   7.786   -3.920  1.00 60.96  ? 98  ARG A O   1 
ATOM   747  C CB  . ARG A 1 98  ? 4.693   9.188   -6.815  1.00 76.29  ? 98  ARG A CB  1 
ATOM   748  C CG  . ARG A 1 98  ? 4.253   8.967   -8.266  1.00 80.32  ? 98  ARG A CG  1 
ATOM   749  C CD  . ARG A 1 98  ? 5.350   9.237   -9.283  1.00 82.27  ? 98  ARG A CD  1 
ATOM   750  N NE  . ARG A 1 98  ? 6.042   7.976   -9.546  1.00 83.74  ? 98  ARG A NE  1 
ATOM   751  C CZ  . ARG A 1 98  ? 5.787   7.150   -10.563 1.00 84.77  ? 98  ARG A CZ  1 
ATOM   752  N NH1 . ARG A 1 98  ? 4.875   7.437   -11.484 1.00 90.89  ? 98  ARG A NH1 1 
ATOM   753  N NH2 . ARG A 1 98  ? 6.468   6.023   -10.667 1.00 86.91  ? 98  ARG A NH2 1 
ATOM   754  N N   . LYS A 1 99  ? 6.185   9.712   -4.335  1.00 62.71  ? 99  LYS A N   1 
ATOM   755  C CA  . LYS A 1 99  ? 6.104   10.262  -2.982  1.00 65.31  ? 99  LYS A CA  1 
ATOM   756  C C   . LYS A 1 99  ? 4.667   10.487  -2.509  1.00 64.10  ? 99  LYS A C   1 
ATOM   757  O O   . LYS A 1 99  ? 4.329   10.126  -1.382  1.00 66.78  ? 99  LYS A O   1 
ATOM   758  C CB  . LYS A 1 99  ? 6.849   11.600  -2.908  1.00 74.24  ? 99  LYS A CB  1 
ATOM   759  C CG  . LYS A 1 99  ? 7.153   12.081  -1.492  1.00 82.99  ? 99  LYS A CG  1 
ATOM   760  C CD  . LYS A 1 99  ? 7.781   13.470  -1.463  1.00 81.84  ? 99  LYS A CD  1 
ATOM   761  C CE  . LYS A 1 99  ? 8.172   13.873  -0.048  1.00 86.84  ? 99  LYS A CE  1 
ATOM   762  N NZ  . LYS A 1 99  ? 6.988   13.918  0.873   1.00 87.69  ? 99  LYS A NZ  1 
ATOM   763  N N   . TYR A 1 100 ? 3.834   11.098  -3.350  1.00 61.44  ? 100 TYR A N   1 
ATOM   764  C CA  . TYR A 1 100 ? 2.430   11.354  -2.988  1.00 60.10  ? 100 TYR A CA  1 
ATOM   765  C C   . TYR A 1 100 ? 1.516   10.536  -3.876  1.00 59.97  ? 100 TYR A C   1 
ATOM   766  O O   . TYR A 1 100 ? 1.390   10.790  -5.086  1.00 64.80  ? 100 TYR A O   1 
ATOM   767  C CB  . TYR A 1 100 ? 2.055   12.823  -3.147  1.00 63.04  ? 100 TYR A CB  1 
ATOM   768  C CG  . TYR A 1 100 ? 2.958   13.770  -2.417  1.00 63.69  ? 100 TYR A CG  1 
ATOM   769  C CD1 . TYR A 1 100 ? 3.904   14.517  -3.108  1.00 65.52  ? 100 TYR A CD1 1 
ATOM   770  C CD2 . TYR A 1 100 ? 2.869   13.934  -1.041  1.00 66.56  ? 100 TYR A CD2 1 
ATOM   771  C CE1 . TYR A 1 100 ? 4.744   15.399  -2.457  1.00 64.93  ? 100 TYR A CE1 1 
ATOM   772  C CE2 . TYR A 1 100 ? 3.713   14.817  -0.378  1.00 69.53  ? 100 TYR A CE2 1 
ATOM   773  C CZ  . TYR A 1 100 ? 4.645   15.538  -1.099  1.00 66.88  ? 100 TYR A CZ  1 
ATOM   774  O OH  . TYR A 1 100 ? 5.472   16.410  -0.463  1.00 69.02  ? 100 TYR A OH  1 
ATOM   775  N N   . MET A 1 101 ? 0.872   9.556   -3.256  1.00 56.41  ? 101 MET A N   1 
ATOM   776  C CA  . MET A 1 101 ? 0.037   8.601   -3.962  1.00 55.66  ? 101 MET A CA  1 
ATOM   777  C C   . MET A 1 101 ? -1.226  8.331   -3.170  1.00 54.69  ? 101 MET A C   1 
ATOM   778  O O   . MET A 1 101 ? -1.328  8.666   -1.976  1.00 50.84  ? 101 MET A O   1 
ATOM   779  C CB  . MET A 1 101 ? 0.758   7.262   -4.156  1.00 56.88  ? 101 MET A CB  1 
ATOM   780  C CG  . MET A 1 101 ? 2.103   7.324   -4.879  1.00 60.20  ? 101 MET A CG  1 
ATOM   781  S SD  . MET A 1 101 ? 2.516   5.753   -5.705  1.00 57.04  ? 101 MET A SD  1 
ATOM   782  C CE  . MET A 1 101 ? 1.068   5.548   -6.758  1.00 52.48  ? 101 MET A CE  1 
ATOM   783  N N   . PHE A 1 102 ? -2.183  7.705   -3.846  1.00 54.23  ? 102 PHE A N   1 
ATOM   784  C CA  . PHE A 1 102 ? -3.429  7.324   -3.196  1.00 54.10  ? 102 PHE A CA  1 
ATOM   785  C C   . PHE A 1 102 ? -3.972  5.989   -3.661  1.00 51.49  ? 102 PHE A C   1 
ATOM   786  O O   . PHE A 1 102 ? -3.498  5.426   -4.635  1.00 50.07  ? 102 PHE A O   1 
ATOM   787  C CB  . PHE A 1 102 ? -4.483  8.439   -3.323  1.00 54.17  ? 102 PHE A CB  1 
ATOM   788  C CG  . PHE A 1 102 ? -5.322  8.387   -4.568  1.00 52.72  ? 102 PHE A CG  1 
ATOM   789  C CD1 . PHE A 1 102 ? -6.536  7.699   -4.583  1.00 54.70  ? 102 PHE A CD1 1 
ATOM   790  C CD2 . PHE A 1 102 ? -4.947  9.093   -5.700  1.00 51.44  ? 102 PHE A CD2 1 
ATOM   791  C CE1 . PHE A 1 102 ? -7.338  7.692   -5.728  1.00 53.91  ? 102 PHE A CE1 1 
ATOM   792  C CE2 . PHE A 1 102 ? -5.741  9.083   -6.837  1.00 50.65  ? 102 PHE A CE2 1 
ATOM   793  C CZ  . PHE A 1 102 ? -6.939  8.385   -6.855  1.00 49.06  ? 102 PHE A CZ  1 
ATOM   794  N N   . LEU A 1 103 ? -4.960  5.489   -2.928  1.00 50.57  ? 103 LEU A N   1 
ATOM   795  C CA  . LEU A 1 103 ? -5.488  4.157   -3.188  1.00 48.01  ? 103 LEU A CA  1 
ATOM   796  C C   . LEU A 1 103 ? -6.993  4.076   -2.939  1.00 51.86  ? 103 LEU A C   1 
ATOM   797  O O   . LEU A 1 103 ? -7.478  4.580   -1.923  1.00 58.91  ? 103 LEU A O   1 
ATOM   798  C CB  . LEU A 1 103 ? -4.725  3.212   -2.264  1.00 46.87  ? 103 LEU A CB  1 
ATOM   799  C CG  . LEU A 1 103 ? -4.843  1.705   -2.270  1.00 49.72  ? 103 LEU A CG  1 
ATOM   800  C CD1 . LEU A 1 103 ? -3.472  1.146   -1.855  1.00 50.12  ? 103 LEU A CD1 1 
ATOM   801  C CD2 . LEU A 1 103 ? -5.956  1.222   -1.313  1.00 46.69  ? 103 LEU A CD2 1 
ATOM   802  N N   . ARG A 1 104 ? -7.710  3.430   -3.867  1.00 51.40  ? 104 ARG A N   1 
ATOM   803  C CA  . ARG A 1 104 ? -9.180  3.336   -3.843  1.00 53.99  ? 104 ARG A CA  1 
ATOM   804  C C   . ARG A 1 104 ? -9.694  2.120   -3.111  1.00 53.66  ? 104 ARG A C   1 
ATOM   805  O O   . ARG A 1 104 ? -9.510  1.013   -3.538  1.00 60.98  ? 104 ARG A O   1 
ATOM   806  C CB  . ARG A 1 104 ? -9.786  3.310   -5.247  1.00 56.65  ? 104 ARG A CB  1 
ATOM   807  C CG  . ARG A 1 104 ? -9.546  4.582   -6.038  1.00 64.18  ? 104 ARG A CG  1 
ATOM   808  C CD  . ARG A 1 104 ? -10.295 4.593   -7.371  1.00 67.12  ? 104 ARG A CD  1 
ATOM   809  N NE  . ARG A 1 104 ? -9.734  5.622   -8.241  1.00 71.69  ? 104 ARG A NE  1 
ATOM   810  C CZ  . ARG A 1 104 ? -10.092 6.900   -8.243  1.00 70.86  ? 104 ARG A CZ  1 
ATOM   811  N NH1 . ARG A 1 104 ? -11.058 7.330   -7.449  1.00 74.02  ? 104 ARG A NH1 1 
ATOM   812  N NH2 . ARG A 1 104 ? -9.478  7.757   -9.055  1.00 76.70  ? 104 ARG A NH2 1 
ATOM   813  N N   . LEU A 1 105 ? -10.353 2.333   -1.989  1.00 56.74  ? 105 LEU A N   1 
ATOM   814  C CA  . LEU A 1 105 ? -11.089 1.261   -1.353  1.00 55.96  ? 105 LEU A CA  1 
ATOM   815  C C   . LEU A 1 105 ? -12.336 1.080   -2.180  1.00 58.52  ? 105 LEU A C   1 
ATOM   816  O O   . LEU A 1 105 ? -12.797 2.034   -2.825  1.00 64.70  ? 105 LEU A O   1 
ATOM   817  C CB  . LEU A 1 105 ? -11.464 1.625   0.095   1.00 54.11  ? 105 LEU A CB  1 
ATOM   818  C CG  . LEU A 1 105 ? -10.261 1.876   1.002   1.00 52.31  ? 105 LEU A CG  1 
ATOM   819  C CD1 . LEU A 1 105 ? -10.654 1.650   2.462   1.00 50.53  ? 105 LEU A CD1 1 
ATOM   820  C CD2 . LEU A 1 105 ? -9.079  0.992   0.603   1.00 48.95  ? 105 LEU A CD2 1 
ATOM   821  N N   . ASN A 1 106 ? -12.876 -0.130  -2.155  1.00 55.53  ? 106 ASN A N   1 
ATOM   822  C CA  . ASN A 1 106 ? -14.138 -0.408  -2.805  1.00 57.15  ? 106 ASN A CA  1 
ATOM   823  C C   . ASN A 1 106 ? -15.293 -0.232  -1.822  1.00 59.58  ? 106 ASN A C   1 
ATOM   824  O O   . ASN A 1 106 ? -15.084 -0.278  -0.609  1.00 60.15  ? 106 ASN A O   1 
ATOM   825  C CB  . ASN A 1 106 ? -14.119 -1.811  -3.413  1.00 58.66  ? 106 ASN A CB  1 
ATOM   826  C CG  . ASN A 1 106 ? -13.877 -2.917  -2.376  1.00 64.32  ? 106 ASN A CG  1 
ATOM   827  O OD1 . ASN A 1 106 ? -14.215 -2.790  -1.181  1.00 53.92  ? 106 ASN A OD1 1 
ATOM   828  N ND2 . ASN A 1 106 ? -13.271 -4.036  -2.846  1.00 70.44  ? 106 ASN A ND2 1 
ATOM   829  N N   . LYS A 1 107 ? -16.498 -0.022  -2.359  1.00 61.42  ? 107 LYS A N   1 
ATOM   830  C CA  . LYS A 1 107 ? -17.757 0.082   -1.578  1.00 62.75  ? 107 LYS A CA  1 
ATOM   831  C C   . LYS A 1 107 ? -17.696 -0.769  -0.281  1.00 63.76  ? 107 LYS A C   1 
ATOM   832  O O   . LYS A 1 107 ? -18.084 -0.324  0.811   1.00 63.93  ? 107 LYS A O   1 
ATOM   833  C CB  . LYS A 1 107 ? -18.972 -0.320  -2.445  1.00 59.53  ? 107 LYS A CB  1 
ATOM   834  C CG  . LYS A 1 107 ? -19.088 0.347   -3.832  1.00 66.43  ? 107 LYS A CG  1 
ATOM   835  C CD  . LYS A 1 107 ? -19.831 1.698   -3.801  1.00 78.00  ? 107 LYS A CD  1 
ATOM   836  C CE  . LYS A 1 107 ? -20.002 2.373   -5.176  1.00 75.82  ? 107 LYS A CE  1 
ATOM   837  N NZ  . LYS A 1 107 ? -21.122 3.377   -5.183  1.00 62.15  ? 107 LYS A NZ  1 
ATOM   838  N N   . GLU A 1 108 ? -17.168 -1.977  -0.411  1.00 69.58  ? 108 GLU A N   1 
ATOM   839  C CA  . GLU A 1 108 ? -16.945 -2.859  0.737   1.00 81.80  ? 108 GLU A CA  1 
ATOM   840  C C   . GLU A 1 108 ? -15.928 -2.276  1.738   1.00 72.82  ? 108 GLU A C   1 
ATOM   841  O O   . GLU A 1 108 ? -16.280 -1.988  2.865   1.00 69.48  ? 108 GLU A O   1 
ATOM   842  C CB  . GLU A 1 108 ? -16.543 -4.274  0.248   1.00 94.86  ? 108 GLU A CB  1 
ATOM   843  C CG  . GLU A 1 108 ? -15.573 -5.086  1.127   1.00 104.24 ? 108 GLU A CG  1 
ATOM   844  C CD  . GLU A 1 108 ? -16.171 -5.596  2.450   1.00 118.12 ? 108 GLU A CD  1 
ATOM   845  O OE1 . GLU A 1 108 ? -17.416 -5.556  2.641   1.00 119.97 ? 108 GLU A OE1 1 
ATOM   846  O OE2 . GLU A 1 108 ? -15.383 -6.058  3.314   1.00 111.34 ? 108 GLU A OE2 1 
ATOM   847  N N   . GLN A 1 109 ? -14.674 -2.114  1.328   1.00 73.72  ? 109 GLN A N   1 
ATOM   848  C CA  . GLN A 1 109 ? -13.594 -1.629  2.234   1.00 71.41  ? 109 GLN A CA  1 
ATOM   849  C C   . GLN A 1 109 ? -13.957 -0.250  2.862   1.00 67.88  ? 109 GLN A C   1 
ATOM   850  O O   . GLN A 1 109 ? -13.905 -0.037  4.072   1.00 59.75  ? 109 GLN A O   1 
ATOM   851  C CB  . GLN A 1 109 ? -12.244 -1.590  1.472   1.00 62.84  ? 109 GLN A CB  1 
ATOM   852  C CG  . GLN A 1 109 ? -11.735 -2.960  1.049   1.00 59.06  ? 109 GLN A CG  1 
ATOM   853  C CD  . GLN A 1 109 ? -10.610 -2.941  -0.001  1.00 65.81  ? 109 GLN A CD  1 
ATOM   854  O OE1 . GLN A 1 109 ? -10.637 -2.176  -0.971  1.00 59.46  ? 109 GLN A OE1 1 
ATOM   855  N NE2 . GLN A 1 109 ? -9.618  -3.829  0.181   1.00 72.27  ? 109 GLN A NE2 1 
ATOM   856  N N   . SER A 1 110 ? -14.374 0.668   2.015   1.00 65.39  ? 110 SER A N   1 
ATOM   857  C CA  . SER A 1 110 ? -14.791 1.978   2.463   1.00 67.90  ? 110 SER A CA  1 
ATOM   858  C C   . SER A 1 110 ? -15.704 1.874   3.698   1.00 71.85  ? 110 SER A C   1 
ATOM   859  O O   . SER A 1 110 ? -15.384 2.412   4.751   1.00 69.02  ? 110 SER A O   1 
ATOM   860  C CB  . SER A 1 110 ? -15.465 2.714   1.294   1.00 67.14  ? 110 SER A CB  1 
ATOM   861  O OG  . SER A 1 110 ? -14.629 2.679   0.128   1.00 59.46  ? 110 SER A OG  1 
ATOM   862  N N   . LYS A 1 111 ? -16.811 1.150   3.571   1.00 86.24  ? 111 LYS A N   1 
ATOM   863  C CA  . LYS A 1 111 ? -17.789 0.963   4.674   1.00 92.16  ? 111 LYS A CA  1 
ATOM   864  C C   . LYS A 1 111 ? -17.224 0.939   6.112   1.00 89.97  ? 111 LYS A C   1 
ATOM   865  O O   . LYS A 1 111 ? -17.933 1.389   7.058   1.00 94.04  ? 111 LYS A O   1 
ATOM   866  C CB  . LYS A 1 111 ? -18.545 -0.374  4.484   1.00 96.23  ? 111 LYS A CB  1 
ATOM   867  C CG  . LYS A 1 111 ? -17.936 -1.588  5.226   1.00 97.40  ? 111 LYS A CG  1 
ATOM   868  C CD  . LYS A 1 111 ? -18.566 -2.934  4.821   1.00 103.36 ? 111 LYS A CD  1 
ATOM   869  C CE  . LYS A 1 111 ? -17.922 -4.148  5.499   1.00 97.97  ? 111 LYS A CE  1 
ATOM   870  N NZ  . LYS A 1 111 ? -18.770 -5.376  5.431   1.00 91.25  ? 111 LYS A NZ  1 
ATOM   871  N N   . TRP A 1 112 ? -16.002 0.370   6.276   1.00 78.56  ? 112 TRP A N   1 
ATOM   872  C CA  . TRP A 1 112 ? -15.440 0.156   7.642   1.00 84.42  ? 112 TRP A CA  1 
ATOM   873  C C   . TRP A 1 112 ? -14.876 1.461   8.070   1.00 81.35  ? 112 TRP A C   1 
ATOM   874  O O   . TRP A 1 112 ? -15.130 1.954   9.186   1.00 84.10  ? 112 TRP A O   1 
ATOM   875  C CB  . TRP A 1 112 ? -14.300 -0.885  7.679   1.00 89.54  ? 112 TRP A CB  1 
ATOM   876  C CG  . TRP A 1 112 ? -14.681 -2.333  7.450   1.00 101.77 ? 112 TRP A CG  1 
ATOM   877  C CD1 . TRP A 1 112 ? -14.512 -3.094  6.284   1.00 102.84 ? 112 TRP A CD1 1 
ATOM   878  C CD2 . TRP A 1 112 ? -15.276 -3.260  8.423   1.00 115.90 ? 112 TRP A CD2 1 
ATOM   879  N NE1 . TRP A 1 112 ? -14.966 -4.381  6.461   1.00 106.85 ? 112 TRP A NE1 1 
ATOM   880  C CE2 . TRP A 1 112 ? -15.435 -4.550  7.720   1.00 115.24 ? 112 TRP A CE2 1 
ATOM   881  C CE3 . TRP A 1 112 ? -15.685 -3.157  9.755   1.00 123.00 ? 112 TRP A CE3 1 
ATOM   882  C CZ2 . TRP A 1 112 ? -15.979 -5.663  8.344   1.00 119.99 ? 112 TRP A CZ2 1 
ATOM   883  C CZ3 . TRP A 1 112 ? -16.231 -4.288  10.375  1.00 131.09 ? 112 TRP A CZ3 1 
ATOM   884  C CH2 . TRP A 1 112 ? -16.373 -5.513  9.683   1.00 134.30 ? 112 TRP A CH2 1 
ATOM   885  N N   . ALA A 1 113 ? -14.077 2.009   7.153   1.00 71.15  ? 113 ALA A N   1 
ATOM   886  C CA  . ALA A 1 113 ? -13.381 3.276   7.328   1.00 62.27  ? 113 ALA A CA  1 
ATOM   887  C C   . ALA A 1 113 ? -14.365 4.382   7.695   1.00 54.04  ? 113 ALA A C   1 
ATOM   888  O O   . ALA A 1 113 ? -14.133 5.123   8.649   1.00 52.40  ? 113 ALA A O   1 
ATOM   889  C CB  . ALA A 1 113 ? -12.608 3.624   6.055   1.00 57.58  ? 113 ALA A CB  1 
ATOM   890  N N   . ILE A 1 114 ? -15.460 4.463   6.943   1.00 48.27  ? 114 ILE A N   1 
ATOM   891  C CA  . ILE A 1 114 ? -16.540 5.390   7.244   1.00 50.27  ? 114 ILE A CA  1 
ATOM   892  C C   . ILE A 1 114 ? -17.007 5.268   8.696   1.00 58.43  ? 114 ILE A C   1 
ATOM   893  O O   . ILE A 1 114 ? -17.139 6.269   9.412   1.00 56.76  ? 114 ILE A O   1 
ATOM   894  C CB  . ILE A 1 114 ? -17.759 5.131   6.358   1.00 48.12  ? 114 ILE A CB  1 
ATOM   895  C CG1 . ILE A 1 114 ? -17.464 5.585   4.929   1.00 49.64  ? 114 ILE A CG1 1 
ATOM   896  C CG2 . ILE A 1 114 ? -18.998 5.838   6.922   1.00 40.70  ? 114 ILE A CG2 1 
ATOM   897  C CD1 . ILE A 1 114 ? -16.678 4.581   4.112   1.00 46.44  ? 114 ILE A CD1 1 
ATOM   898  N N   . ASN A 1 115 ? -17.241 4.030   9.129   1.00 67.99  ? 115 ASN A N   1 
ATOM   899  C CA  . ASN A 1 115 ? -17.758 3.763   10.481  1.00 67.81  ? 115 ASN A CA  1 
ATOM   900  C C   . ASN A 1 115 ? -16.750 4.111   11.596  1.00 64.19  ? 115 ASN A C   1 
ATOM   901  O O   . ASN A 1 115 ? -17.160 4.546   12.699  1.00 60.73  ? 115 ASN A O   1 
ATOM   902  C CB  . ASN A 1 115 ? -18.250 2.306   10.580  1.00 71.44  ? 115 ASN A CB  1 
ATOM   903  C CG  . ASN A 1 115 ? -19.557 2.063   9.817   1.00 75.96  ? 115 ASN A CG  1 
ATOM   904  O OD1 . ASN A 1 115 ? -20.304 2.992   9.484   1.00 73.93  ? 115 ASN A OD1 1 
ATOM   905  N ND2 . ASN A 1 115 ? -19.840 0.799   9.539   1.00 84.32  ? 115 ASN A ND2 1 
ATOM   906  N N   . ALA A 1 116 ? -15.454 3.954   11.297  1.00 60.13  ? 116 ALA A N   1 
ATOM   907  C CA  . ALA A 1 116 ? -14.373 4.401   12.205  1.00 62.50  ? 116 ALA A CA  1 
ATOM   908  C C   . ALA A 1 116 ? -14.099 5.915   12.166  1.00 62.45  ? 116 ALA A C   1 
ATOM   909  O O   . ALA A 1 116 ? -13.174 6.413   12.827  1.00 61.88  ? 116 ALA A O   1 
ATOM   910  C CB  . ALA A 1 116 ? -13.083 3.644   11.914  1.00 66.23  ? 116 ALA A CB  1 
ATOM   911  N N   . ALA A 1 117 ? -14.874 6.649   11.373  1.00 62.77  ? 117 ALA A N   1 
ATOM   912  C CA  . ALA A 1 117 ? -14.708 8.096   11.282  1.00 62.47  ? 117 ALA A CA  1 
ATOM   913  C C   . ALA A 1 117 ? -13.302 8.440   10.770  1.00 57.99  ? 117 ALA A C   1 
ATOM   914  O O   . ALA A 1 117 ? -12.657 9.364   11.263  1.00 59.22  ? 117 ALA A O   1 
ATOM   915  C CB  . ALA A 1 117 ? -14.948 8.723   12.648  1.00 63.53  ? 117 ALA A CB  1 
ATOM   916  N N   . PHE A 1 118 ? -12.838 7.648   9.810   1.00 51.76  ? 118 PHE A N   1 
ATOM   917  C CA  . PHE A 1 118 ? -11.549 7.835   9.154   1.00 52.66  ? 118 PHE A CA  1 
ATOM   918  C C   . PHE A 1 118 ? -10.346 7.815   10.074  1.00 51.96  ? 118 PHE A C   1 
ATOM   919  O O   . PHE A 1 118 ? -9.264  8.204   9.675   1.00 59.94  ? 118 PHE A O   1 
ATOM   920  C CB  . PHE A 1 118 ? -11.596 9.113   8.318   1.00 54.18  ? 118 PHE A CB  1 
ATOM   921  C CG  . PHE A 1 118 ? -12.909 9.292   7.615   1.00 54.86  ? 118 PHE A CG  1 
ATOM   922  C CD1 . PHE A 1 118 ? -13.331 8.364   6.689   1.00 56.32  ? 118 PHE A CD1 1 
ATOM   923  C CD2 . PHE A 1 118 ? -13.755 10.331  7.937   1.00 55.98  ? 118 PHE A CD2 1 
ATOM   924  C CE1 . PHE A 1 118 ? -14.557 8.480   6.078   1.00 55.59  ? 118 PHE A CE1 1 
ATOM   925  C CE2 . PHE A 1 118 ? -14.977 10.469  7.317   1.00 55.73  ? 118 PHE A CE2 1 
ATOM   926  C CZ  . PHE A 1 118 ? -15.385 9.538   6.392   1.00 54.88  ? 118 PHE A CZ  1 
ATOM   927  N N   . ASN A 1 119 ? -10.525 7.307   11.282  1.00 53.84  ? 119 ASN A N   1 
ATOM   928  C CA  . ASN A 1 119 ? -9.540  7.489   12.330  1.00 56.91  ? 119 ASN A CA  1 
ATOM   929  C C   . ASN A 1 119 ? -8.625  6.258   12.459  1.00 60.03  ? 119 ASN A C   1 
ATOM   930  O O   . ASN A 1 119 ? -9.036  5.202   12.959  1.00 59.24  ? 119 ASN A O   1 
ATOM   931  C CB  . ASN A 1 119 ? -10.267 7.782   13.652  1.00 59.70  ? 119 ASN A CB  1 
ATOM   932  C CG  . ASN A 1 119 ? -9.322  8.228   14.778  1.00 63.36  ? 119 ASN A CG  1 
ATOM   933  O OD1 . ASN A 1 119 ? -8.314  8.888   14.539  1.00 63.74  ? 119 ASN A OD1 1 
ATOM   934  N ND2 . ASN A 1 119 ? -9.665  7.874   16.018  1.00 66.04  ? 119 ASN A ND2 1 
ATOM   935  N N   . VAL A 1 120 ? -7.377  6.397   12.030  1.00 57.48  ? 120 VAL A N   1 
ATOM   936  C CA  . VAL A 1 120 ? -6.455  5.266   12.052  1.00 58.75  ? 120 VAL A CA  1 
ATOM   937  C C   . VAL A 1 120 ? -5.761  5.079   13.399  1.00 59.79  ? 120 VAL A C   1 
ATOM   938  O O   . VAL A 1 120 ? -5.118  6.009   13.905  1.00 56.23  ? 120 VAL A O   1 
ATOM   939  C CB  . VAL A 1 120 ? -5.359  5.443   10.995  1.00 59.50  ? 120 VAL A CB  1 
ATOM   940  C CG1 . VAL A 1 120 ? -4.501  4.188   10.934  1.00 61.43  ? 120 VAL A CG1 1 
ATOM   941  C CG2 . VAL A 1 120 ? -5.974  5.780   9.640   1.00 58.99  ? 120 VAL A CG2 1 
ATOM   942  N N   . PHE A 1 121 ? -5.850  3.870   13.955  1.00 65.02  ? 121 PHE A N   1 
ATOM   943  C CA  . PHE A 1 121 ? -5.155  3.558   15.217  1.00 68.16  ? 121 PHE A CA  1 
ATOM   944  C C   . PHE A 1 121 ? -3.714  3.134   14.949  1.00 65.72  ? 121 PHE A C   1 
ATOM   945  O O   . PHE A 1 121 ? -2.788  3.578   15.621  1.00 72.28  ? 121 PHE A O   1 
ATOM   946  C CB  . PHE A 1 121 ? -5.899  2.505   16.049  1.00 74.14  ? 121 PHE A CB  1 
ATOM   947  C CG  . PHE A 1 121 ? -5.079  1.937   17.173  1.00 84.59  ? 121 PHE A CG  1 
ATOM   948  C CD1 . PHE A 1 121 ? -4.314  2.772   17.990  1.00 86.73  ? 121 PHE A CD1 1 
ATOM   949  C CD2 . PHE A 1 121 ? -5.060  0.564   17.415  1.00 96.36  ? 121 PHE A CD2 1 
ATOM   950  C CE1 . PHE A 1 121 ? -3.530  2.254   19.001  1.00 88.87  ? 121 PHE A CE1 1 
ATOM   951  C CE2 . PHE A 1 121 ? -4.280  0.041   18.436  1.00 100.51 ? 121 PHE A CE2 1 
ATOM   952  C CZ  . PHE A 1 121 ? -3.513  0.888   19.226  1.00 96.72  ? 121 PHE A CZ  1 
ATOM   953  N N   . SER A 1 122 ? -3.518  2.272   13.968  1.00 68.19  ? 122 SER A N   1 
ATOM   954  C CA  . SER A 1 122 ? -2.162  1.979   13.499  1.00 71.28  ? 122 SER A CA  1 
ATOM   955  C C   . SER A 1 122 ? -2.191  1.293   12.145  1.00 68.57  ? 122 SER A C   1 
ATOM   956  O O   . SER A 1 122 ? -3.263  0.939   11.624  1.00 65.92  ? 122 SER A O   1 
ATOM   957  C CB  . SER A 1 122 ? -1.423  1.092   14.495  1.00 70.57  ? 122 SER A CB  1 
ATOM   958  O OG  . SER A 1 122 ? -2.183  -0.088  14.698  1.00 73.70  ? 122 SER A OG  1 
ATOM   959  N N   . TYR A 1 123 ? -1.001  1.108   11.588  1.00 63.36  ? 123 TYR A N   1 
ATOM   960  C CA  . TYR A 1 123 ? -0.871  0.414   10.331  1.00 63.22  ? 123 TYR A CA  1 
ATOM   961  C C   . TYR A 1 123 ? 0.529   -0.123  10.172  1.00 67.46  ? 123 TYR A C   1 
ATOM   962  O O   . TYR A 1 123 ? 1.470   0.338   10.818  1.00 67.84  ? 123 TYR A O   1 
ATOM   963  C CB  . TYR A 1 123 ? -1.197  1.345   9.169   1.00 60.22  ? 123 TYR A CB  1 
ATOM   964  C CG  . TYR A 1 123 ? -0.379  2.621   9.193   1.00 59.61  ? 123 TYR A CG  1 
ATOM   965  C CD1 . TYR A 1 123 ? 0.847   2.692   8.552   1.00 56.39  ? 123 TYR A CD1 1 
ATOM   966  C CD2 . TYR A 1 123 ? -0.839  3.759   9.862   1.00 57.52  ? 123 TYR A CD2 1 
ATOM   967  C CE1 . TYR A 1 123 ? 1.605   3.855   8.576   1.00 56.62  ? 123 TYR A CE1 1 
ATOM   968  C CE2 . TYR A 1 123 ? -0.088  4.923   9.897   1.00 57.96  ? 123 TYR A CE2 1 
ATOM   969  C CZ  . TYR A 1 123 ? 1.136   4.966   9.253   1.00 58.86  ? 123 TYR A CZ  1 
ATOM   970  O OH  . TYR A 1 123 ? 1.893   6.119   9.277   1.00 58.29  ? 123 TYR A OH  1 
ATOM   971  N N   . ARG A 1 124 ? 0.631   -1.115  9.299   1.00 72.59  ? 124 ARG A N   1 
ATOM   972  C CA  . ARG A 1 124 ? 1.895   -1.730  8.919   1.00 73.39  ? 124 ARG A CA  1 
ATOM   973  C C   . ARG A 1 124 ? 1.768   -2.398  7.540   1.00 67.96  ? 124 ARG A C   1 
ATOM   974  O O   . ARG A 1 124 ? 0.667   -2.723  7.061   1.00 66.12  ? 124 ARG A O   1 
ATOM   975  C CB  . ARG A 1 124 ? 2.377   -2.761  9.967   1.00 78.70  ? 124 ARG A CB  1 
ATOM   976  C CG  . ARG A 1 124 ? 1.256   -3.379  10.786  1.00 82.90  ? 124 ARG A CG  1 
ATOM   977  C CD  . ARG A 1 124 ? 1.498   -4.819  11.244  1.00 88.66  ? 124 ARG A CD  1 
ATOM   978  N NE  . ARG A 1 124 ? 0.278   -5.653  11.187  1.00 92.29  ? 124 ARG A NE  1 
ATOM   979  C CZ  . ARG A 1 124 ? -0.962  -5.316  11.593  1.00 91.65  ? 124 ARG A CZ  1 
ATOM   980  N NH1 . ARG A 1 124 ? -1.937  -6.197  11.432  1.00 90.42  ? 124 ARG A NH1 1 
ATOM   981  N NH2 . ARG A 1 124 ? -1.262  -4.137  12.158  1.00 89.34  ? 124 ARG A NH2 1 
ATOM   982  N N   . LEU A 1 125 ? 2.931   -2.559  6.915   1.00 60.80  ? 125 LEU A N   1 
ATOM   983  C CA  . LEU A 1 125 ? 3.119   -3.400  5.764   1.00 53.31  ? 125 LEU A CA  1 
ATOM   984  C C   . LEU A 1 125 ? 3.549   -4.764  6.233   1.00 51.29  ? 125 LEU A C   1 
ATOM   985  O O   . LEU A 1 125 ? 3.976   -4.924  7.348   1.00 61.17  ? 125 LEU A O   1 
ATOM   986  C CB  . LEU A 1 125 ? 4.190   -2.791  4.881   1.00 50.57  ? 125 LEU A CB  1 
ATOM   987  C CG  . LEU A 1 125 ? 3.726   -1.483  4.246   1.00 50.86  ? 125 LEU A CG  1 
ATOM   988  C CD1 . LEU A 1 125 ? 4.802   -0.994  3.302   1.00 49.32  ? 125 LEU A CD1 1 
ATOM   989  C CD2 . LEU A 1 125 ? 2.389   -1.645  3.515   1.00 51.48  ? 125 LEU A CD2 1 
ATOM   990  N N   . ARG A 1 126 ? 3.450   -5.758  5.371   1.00 56.65  ? 126 ARG A N   1 
ATOM   991  C CA  . ARG A 1 126 ? 3.536   -7.143  5.814   1.00 58.71  ? 126 ARG A CA  1 
ATOM   992  C C   . ARG A 1 126 ? 3.820   -8.067  4.631   1.00 54.85  ? 126 ARG A C   1 
ATOM   993  O O   . ARG A 1 126 ? 3.012   -8.161  3.704   1.00 57.97  ? 126 ARG A O   1 
ATOM   994  C CB  . ARG A 1 126 ? 2.209   -7.518  6.481   1.00 65.46  ? 126 ARG A CB  1 
ATOM   995  C CG  . ARG A 1 126 ? 2.303   -8.692  7.419   1.00 77.89  ? 126 ARG A CG  1 
ATOM   996  C CD  . ARG A 1 126 ? 0.923   -9.171  7.829   1.00 86.80  ? 126 ARG A CD  1 
ATOM   997  N NE  . ARG A 1 126 ? 0.891   -10.619 8.038   1.00 94.95  ? 126 ARG A NE  1 
ATOM   998  C CZ  . ARG A 1 126 ? -0.154  -11.405 7.770   1.00 106.52 ? 126 ARG A CZ  1 
ATOM   999  N NH1 . ARG A 1 126 ? -1.288  -10.903 7.265   1.00 110.28 ? 126 ARG A NH1 1 
ATOM   1000 N NH2 . ARG A 1 126 ? -0.058  -12.712 7.999   1.00 109.29 ? 126 ARG A NH2 1 
ATOM   1001 N N   . ASN A 1 127 ? 4.959   -8.752  4.659   1.00 48.00  ? 127 ASN A N   1 
ATOM   1002 C CA  . ASN A 1 127 ? 5.328   -9.605  3.526   1.00 50.19  ? 127 ASN A CA  1 
ATOM   1003 C C   . ASN A 1 127 ? 4.521   -10.890 3.505   1.00 46.48  ? 127 ASN A C   1 
ATOM   1004 O O   . ASN A 1 127 ? 4.466   -11.571 4.511   1.00 48.58  ? 127 ASN A O   1 
ATOM   1005 C CB  . ASN A 1 127 ? 6.810   -9.969  3.568   1.00 51.61  ? 127 ASN A CB  1 
ATOM   1006 C CG  . ASN A 1 127 ? 7.697   -8.761  3.794   1.00 54.23  ? 127 ASN A CG  1 
ATOM   1007 O OD1 . ASN A 1 127 ? 7.920   -7.918  2.896   1.00 51.78  ? 127 ASN A OD1 1 
ATOM   1008 N ND2 . ASN A 1 127 ? 8.186   -8.652  5.019   1.00 52.34  ? 127 ASN A ND2 1 
ATOM   1009 N N   . ILE A 1 128 ? 3.909   -11.215 2.372   1.00 43.00  ? 128 ILE A N   1 
ATOM   1010 C CA  . ILE A 1 128 ? 3.178   -12.472 2.214   1.00 43.67  ? 128 ILE A CA  1 
ATOM   1011 C C   . ILE A 1 128 ? 3.675   -13.295 1.033   1.00 47.43  ? 128 ILE A C   1 
ATOM   1012 O O   . ILE A 1 128 ? 3.957   -12.778 -0.066  1.00 46.85  ? 128 ILE A O   1 
ATOM   1013 C CB  . ILE A 1 128 ? 1.691   -12.227 1.970   1.00 45.78  ? 128 ILE A CB  1 
ATOM   1014 C CG1 . ILE A 1 128 ? 1.166   -11.217 3.015   1.00 47.70  ? 128 ILE A CG1 1 
ATOM   1015 C CG2 . ILE A 1 128 ? 0.929   -13.545 1.967   1.00 40.52  ? 128 ILE A CG2 1 
ATOM   1016 C CD1 . ILE A 1 128 ? 1.167   -11.740 4.432   1.00 43.58  ? 128 ILE A CD1 1 
ATOM   1017 N N   . GLY A 1 129 ? 3.753   -14.597 1.254   1.00 48.59  ? 129 GLY A N   1 
ATOM   1018 C CA  . GLY A 1 129 ? 4.368   -15.473 0.285   1.00 53.18  ? 129 GLY A CA  1 
ATOM   1019 C C   . GLY A 1 129 ? 3.364   -15.869 -0.756  1.00 55.96  ? 129 GLY A C   1 
ATOM   1020 O O   . GLY A 1 129 ? 2.171   -15.567 -0.640  1.00 57.60  ? 129 GLY A O   1 
ATOM   1021 N N   . VAL A 1 130 ? 3.864   -16.553 -1.772  1.00 58.69  ? 130 VAL A N   1 
ATOM   1022 C CA  . VAL A 1 130 ? 3.038   -17.016 -2.861  1.00 59.50  ? 130 VAL A CA  1 
ATOM   1023 C C   . VAL A 1 130 ? 2.570   -18.442 -2.521  1.00 62.68  ? 130 VAL A C   1 
ATOM   1024 O O   . VAL A 1 130 ? 3.114   -19.049 -1.593  1.00 58.79  ? 130 VAL A O   1 
ATOM   1025 C CB  . VAL A 1 130 ? 3.806   -16.923 -4.182  1.00 58.20  ? 130 VAL A CB  1 
ATOM   1026 C CG1 . VAL A 1 130 ? 5.023   -17.847 -4.174  1.00 59.45  ? 130 VAL A CG1 1 
ATOM   1027 C CG2 . VAL A 1 130 ? 2.880   -17.247 -5.337  1.00 66.48  ? 130 VAL A CG2 1 
ATOM   1028 N N   . GLY A 1 131 ? 1.542   -18.947 -3.221  1.00 64.28  ? 131 GLY A N   1 
ATOM   1029 C CA  . GLY A 1 131 ? 1.022   -20.313 -2.983  1.00 60.86  ? 131 GLY A CA  1 
ATOM   1030 C C   . GLY A 1 131 ? 1.692   -21.348 -3.869  1.00 60.16  ? 131 GLY A C   1 
ATOM   1031 O O   . GLY A 1 131 ? 2.656   -21.031 -4.562  1.00 65.33  ? 131 GLY A O   1 
ATOM   1032 N N   . PRO A 1 132 ? 1.180   -22.592 -3.882  1.00 61.15  ? 132 PRO A N   1 
ATOM   1033 C CA  . PRO A 1 132 ? 1.909   -23.689 -4.566  1.00 58.63  ? 132 PRO A CA  1 
ATOM   1034 C C   . PRO A 1 132 ? 2.094   -23.543 -6.092  1.00 58.86  ? 132 PRO A C   1 
ATOM   1035 O O   . PRO A 1 132 ? 3.023   -24.116 -6.641  1.00 66.94  ? 132 PRO A O   1 
ATOM   1036 C CB  . PRO A 1 132 ? 1.077   -24.935 -4.235  1.00 57.14  ? 132 PRO A CB  1 
ATOM   1037 C CG  . PRO A 1 132 ? -0.294  -24.433 -3.919  1.00 58.30  ? 132 PRO A CG  1 
ATOM   1038 C CD  . PRO A 1 132 ? -0.132  -23.033 -3.365  1.00 62.12  ? 132 PRO A CD  1 
ATOM   1039 N N   . LEU A 1 133 ? 1.253   -22.777 -6.770  1.00 55.34  ? 133 LEU A N   1 
ATOM   1040 C CA  . LEU A 1 133 ? 1.380   -22.638 -8.214  1.00 56.40  ? 133 LEU A CA  1 
ATOM   1041 C C   . LEU A 1 133 ? 1.987   -21.289 -8.598  1.00 55.83  ? 133 LEU A C   1 
ATOM   1042 O O   . LEU A 1 133 ? 1.906   -20.886 -9.759  1.00 50.71  ? 133 LEU A O   1 
ATOM   1043 C CB  . LEU A 1 133 ? 0.008   -22.778 -8.886  1.00 62.29  ? 133 LEU A CB  1 
ATOM   1044 C CG  . LEU A 1 133 ? -0.826  -24.035 -8.624  1.00 64.22  ? 133 LEU A CG  1 
ATOM   1045 C CD1 . LEU A 1 133 ? -2.318  -23.782 -8.859  1.00 64.22  ? 133 LEU A CD1 1 
ATOM   1046 C CD2 . LEU A 1 133 ? -0.329  -25.163 -9.508  1.00 68.58  ? 133 LEU A CD2 1 
ATOM   1047 N N   . GLY A 1 134 ? 2.576   -20.580 -7.633  1.00 55.72  ? 134 GLY A N   1 
ATOM   1048 C CA  . GLY A 1 134 ? 3.066   -19.215 -7.873  1.00 55.18  ? 134 GLY A CA  1 
ATOM   1049 C C   . GLY A 1 134 ? 4.043   -19.144 -9.025  1.00 56.42  ? 134 GLY A C   1 
ATOM   1050 O O   . GLY A 1 134 ? 3.795   -18.467 -10.052 1.00 48.91  ? 134 GLY A O   1 
ATOM   1051 N N   . PRO A 1 135 ? 5.175   -19.848 -8.868  1.00 60.88  ? 135 PRO A N   1 
ATOM   1052 C CA  . PRO A 1 135 ? 6.189   -19.808 -9.925  1.00 65.22  ? 135 PRO A CA  1 
ATOM   1053 C C   . PRO A 1 135 ? 5.593   -20.135 -11.298 1.00 63.62  ? 135 PRO A C   1 
ATOM   1054 O O   . PRO A 1 135 ? 5.886   -19.443 -12.285 1.00 57.79  ? 135 PRO A O   1 
ATOM   1055 C CB  . PRO A 1 135 ? 7.225   -20.858 -9.483  1.00 63.78  ? 135 PRO A CB  1 
ATOM   1056 C CG  . PRO A 1 135 ? 6.660   -21.544 -8.288  1.00 63.54  ? 135 PRO A CG  1 
ATOM   1057 C CD  . PRO A 1 135 ? 5.609   -20.650 -7.714  1.00 61.98  ? 135 PRO A CD  1 
ATOM   1058 N N   . ASP A 1 136 ? 4.736   -21.158 -11.338 1.00 60.71  ? 136 ASP A N   1 
ATOM   1059 C CA  . ASP A 1 136 ? 4.088   -21.514 -12.591 1.00 61.47  ? 136 ASP A CA  1 
ATOM   1060 C C   . ASP A 1 136 ? 3.172   -20.405 -13.138 1.00 60.71  ? 136 ASP A C   1 
ATOM   1061 O O   . ASP A 1 136 ? 3.098   -20.208 -14.357 1.00 61.57  ? 136 ASP A O   1 
ATOM   1062 C CB  . ASP A 1 136 ? 3.305   -22.819 -12.465 1.00 62.05  ? 136 ASP A CB  1 
ATOM   1063 C CG  . ASP A 1 136 ? 2.823   -23.309 -13.809 1.00 62.36  ? 136 ASP A CG  1 
ATOM   1064 O OD1 . ASP A 1 136 ? 3.655   -23.878 -14.537 1.00 64.68  ? 136 ASP A OD1 1 
ATOM   1065 O OD2 . ASP A 1 136 ? 1.636   -23.090 -14.148 1.00 65.28  ? 136 ASP A OD2 1 
ATOM   1066 N N   . ILE A 1 137 ? 2.475   -19.702 -12.238 1.00 62.67  ? 137 ILE A N   1 
ATOM   1067 C CA  . ILE A 1 137 ? 1.551   -18.622 -12.629 1.00 57.21  ? 137 ILE A CA  1 
ATOM   1068 C C   . ILE A 1 137 ? 2.376   -17.487 -13.198 1.00 59.35  ? 137 ILE A C   1 
ATOM   1069 O O   . ILE A 1 137 ? 2.122   -17.032 -14.307 1.00 60.42  ? 137 ILE A O   1 
ATOM   1070 C CB  . ILE A 1 137 ? 0.659   -18.126 -11.451 1.00 51.07  ? 137 ILE A CB  1 
ATOM   1071 C CG1 . ILE A 1 137 ? -0.430  -19.168 -11.098 1.00 50.85  ? 137 ILE A CG1 1 
ATOM   1072 C CG2 . ILE A 1 137 ? -0.059  -16.826 -11.804 1.00 45.67  ? 137 ILE A CG2 1 
ATOM   1073 C CD1 . ILE A 1 137 ? -1.003  -19.045 -9.689  1.00 47.72  ? 137 ILE A CD1 1 
ATOM   1074 N N   . ARG A 1 138 ? 3.389   -17.055 -12.453 1.00 67.46  ? 138 ARG A N   1 
ATOM   1075 C CA  . ARG A 1 138 ? 4.128   -15.860 -12.852 1.00 72.74  ? 138 ARG A CA  1 
ATOM   1076 C C   . ARG A 1 138 ? 4.775   -16.068 -14.226 1.00 72.98  ? 138 ARG A C   1 
ATOM   1077 O O   . ARG A 1 138 ? 4.678   -15.188 -15.102 1.00 70.83  ? 138 ARG A O   1 
ATOM   1078 C CB  . ARG A 1 138 ? 5.131   -15.397 -11.766 1.00 73.27  ? 138 ARG A CB  1 
ATOM   1079 C CG  . ARG A 1 138 ? 6.364   -16.250 -11.566 1.00 77.84  ? 138 ARG A CG  1 
ATOM   1080 C CD  . ARG A 1 138 ? 7.391   -15.507 -10.716 1.00 80.43  ? 138 ARG A CD  1 
ATOM   1081 N NE  . ARG A 1 138 ? 7.032   -15.620 -9.310  1.00 80.43  ? 138 ARG A NE  1 
ATOM   1082 C CZ  . ARG A 1 138 ? 7.508   -16.540 -8.472  1.00 77.85  ? 138 ARG A CZ  1 
ATOM   1083 N NH1 . ARG A 1 138 ? 8.418   -17.425 -8.876  1.00 74.94  ? 138 ARG A NH1 1 
ATOM   1084 N NH2 . ARG A 1 138 ? 7.080   -16.569 -7.206  1.00 79.29  ? 138 ARG A NH2 1 
ATOM   1085 N N   . SER A 1 139 ? 5.355   -17.257 -14.421 1.00 73.21  ? 139 SER A N   1 
ATOM   1086 C CA  . SER A 1 139 ? 6.151   -17.572 -15.625 1.00 75.41  ? 139 SER A CA  1 
ATOM   1087 C C   . SER A 1 139 ? 5.327   -17.909 -16.882 1.00 78.28  ? 139 SER A C   1 
ATOM   1088 O O   . SER A 1 139 ? 5.814   -17.760 -18.017 1.00 80.42  ? 139 SER A O   1 
ATOM   1089 C CB  . SER A 1 139 ? 7.121   -18.721 -15.342 1.00 71.34  ? 139 SER A CB  1 
ATOM   1090 O OG  . SER A 1 139 ? 6.426   -19.923 -15.112 1.00 67.74  ? 139 SER A OG  1 
ATOM   1091 N N   . SER A 1 140 ? 4.101   -18.380 -16.693 1.00 78.97  ? 140 SER A N   1 
ATOM   1092 C CA  . SER A 1 140 ? 3.198   -18.584 -17.826 1.00 85.72  ? 140 SER A CA  1 
ATOM   1093 C C   . SER A 1 140 ? 2.542   -17.260 -18.225 1.00 86.21  ? 140 SER A C   1 
ATOM   1094 O O   . SER A 1 140 ? 2.598   -16.282 -17.454 1.00 78.41  ? 140 SER A O   1 
ATOM   1095 C CB  . SER A 1 140 ? 2.123   -19.597 -17.469 1.00 86.55  ? 140 SER A CB  1 
ATOM   1096 O OG  . SER A 1 140 ? 1.400   -19.142 -16.342 1.00 88.05  ? 140 SER A OG  1 
ATOM   1097 N N   . GLY A 1 141 ? 1.932   -17.250 -19.421 1.00 91.89  ? 141 GLY A N   1 
ATOM   1098 C CA  . GLY A 1 141 ? 1.207   -16.081 -19.957 1.00 98.44  ? 141 GLY A CA  1 
ATOM   1099 C C   . GLY A 1 141 ? 1.906   -15.414 -21.134 1.00 108.87 ? 141 GLY A C   1 
ATOM   1100 O O   . GLY A 1 141 ? 1.663   -15.757 -22.298 1.00 114.70 ? 141 GLY A O   1 
HETATM 1101 O O   . HOH B 2 .   ? -7.967  -5.462  -10.392 1.00 48.10  ? 201 HOH A O   1 
HETATM 1102 O O   . HOH B 2 .   ? -4.577  -0.829  -13.186 1.00 29.99  ? 202 HOH A O   1 
HETATM 1103 O O   . HOH B 2 .   ? 17.044  6.476   6.066   1.00 61.53  ? 203 HOH A O   1 
HETATM 1104 O O   . HOH B 2 .   ? -16.495 -0.616  -5.326  1.00 33.69  ? 204 HOH A O   1 
HETATM 1105 O O   . HOH B 2 .   ? -9.641  11.372  12.488  1.00 53.57  ? 205 HOH A O   1 
HETATM 1106 O O   . HOH B 2 .   ? 7.161   -17.089 -2.091  1.00 40.01  ? 206 HOH A O   1 
HETATM 1107 O O   . HOH B 2 .   ? 3.322   -13.559 -18.082 1.00 64.61  ? 207 HOH A O   1 
HETATM 1108 O O   . HOH B 2 .   ? -5.799  8.059   15.527  1.00 52.34  ? 208 HOH A O   1 
HETATM 1109 O O   . HOH B 2 .   ? 6.340   -9.397  7.478   1.00 40.12  ? 209 HOH A O   1 
# 
loop_
_pdbx_poly_seq_scheme.asym_id 
_pdbx_poly_seq_scheme.entity_id 
_pdbx_poly_seq_scheme.seq_id 
_pdbx_poly_seq_scheme.mon_id 
_pdbx_poly_seq_scheme.ndb_seq_num 
_pdbx_poly_seq_scheme.pdb_seq_num 
_pdbx_poly_seq_scheme.auth_seq_num 
_pdbx_poly_seq_scheme.pdb_mon_id 
_pdbx_poly_seq_scheme.auth_mon_id 
_pdbx_poly_seq_scheme.pdb_strand_id 
_pdbx_poly_seq_scheme.pdb_ins_code 
_pdbx_poly_seq_scheme.hetero 
A 1 1   MET 1   1   1   MET MET A . n 
A 1 2   ASN 2   2   2   ASN ASN A . n 
A 1 3   SER 3   3   3   SER SER A . n 
A 1 4   LYS 4   4   4   LYS LYS A . n 
A 1 5   HIS 5   5   5   HIS HIS A . n 
A 1 6   SER 6   6   6   SER SER A . n 
A 1 7   TYR 7   7   7   TYR TYR A . n 
A 1 8   VAL 8   8   8   VAL VAL A . n 
A 1 9   GLU 9   9   9   GLU GLU A . n 
A 1 10  LEU 10  10  10  LEU LEU A . n 
A 1 11  LYS 11  11  11  LYS LYS A . n 
A 1 12  ASP 12  12  12  ASP ASP A . n 
A 1 13  LYS 13  13  13  LYS LYS A . n 
A 1 14  VAL 14  14  14  VAL VAL A . n 
A 1 15  ILE 15  15  15  ILE ILE A . n 
A 1 16  VAL 16  16  16  VAL VAL A . n 
A 1 17  PRO 17  17  17  PRO PRO A . n 
A 1 18  GLY 18  18  18  GLY GLY A . n 
A 1 19  TRP 19  19  19  TRP TRP A . n 
A 1 20  PRO 20  20  20  PRO PRO A . n 
A 1 21  THR 21  21  21  THR THR A . n 
A 1 22  LEU 22  22  22  LEU LEU A . n 
A 1 23  MET 23  23  23  MET MET A . n 
A 1 24  LEU 24  24  24  LEU LEU A . n 
A 1 25  GLU 25  25  25  GLU GLU A . n 
A 1 26  ILE 26  26  26  ILE ILE A . n 
A 1 27  ASP 27  27  27  ASP ASP A . n 
A 1 28  PHE 28  28  28  PHE PHE A . n 
A 1 29  VAL 29  29  29  VAL VAL A . n 
A 1 30  GLY 30  30  30  GLY GLY A . n 
A 1 31  GLY 31  31  ?   ?   ?   A . n 
A 1 32  THR 32  32  ?   ?   ?   A . n 
A 1 33  SER 33  33  ?   ?   ?   A . n 
A 1 34  ALA 34  34  ?   ?   ?   A . n 
A 1 35  ASN 35  35  ?   ?   ?   A . n 
A 1 36  GLN 36  36  36  GLN ALA A . n 
A 1 37  PHE 37  37  37  PHE PHE A . n 
A 1 38  LEU 38  38  38  LEU LEU A . n 
A 1 39  ASN 39  39  39  ASN ASN A . n 
A 1 40  ILE 40  40  40  ILE ILE A . n 
A 1 41  PRO 41  41  41  PRO PRO A . n 
A 1 42  PHE 42  42  42  PHE PHE A . n 
A 1 43  LEU 43  43  43  LEU LEU A . n 
A 1 44  SER 44  44  44  SER SER A . n 
A 1 45  VAL 45  45  45  VAL VAL A . n 
A 1 46  LYS 46  46  46  LYS LYS A . n 
A 1 47  GLU 47  47  47  GLU GLU A . n 
A 1 48  PRO 48  48  48  PRO PRO A . n 
A 1 49  LEU 49  49  49  LEU LEU A . n 
A 1 50  GLN 50  50  50  GLN GLN A . n 
A 1 51  LEU 51  51  51  LEU LEU A . n 
A 1 52  PRO 52  52  52  PRO PRO A . n 
A 1 53  ALA 53  53  53  ALA ALA A . n 
A 1 54  GLU 54  54  54  GLU GLU A . n 
A 1 55  LYS 55  55  55  LYS LYS A . n 
A 1 56  LYS 56  56  56  LYS LYS A . n 
A 1 57  LEU 57  57  57  LEU LEU A . n 
A 1 58  THR 58  58  58  THR THR A . n 
A 1 59  ASP 59  59  59  ASP ASP A . n 
A 1 60  TYR 60  60  60  TYR TYR A . n 
A 1 61  PHE 61  61  61  PHE PHE A . n 
A 1 62  THR 62  62  62  THR THR A . n 
A 1 63  ILE 63  63  63  ILE ILE A . n 
A 1 64  ASP 64  64  64  ASP ASP A . n 
A 1 65  VAL 65  65  65  VAL VAL A . n 
A 1 66  GLU 66  66  66  GLU GLU A . n 
A 1 67  PRO 67  67  67  PRO PRO A . n 
A 1 68  ALA 68  68  68  ALA ALA A . n 
A 1 69  GLY 69  69  69  GLY GLY A . n 
A 1 70  HIS 70  70  70  HIS HIS A . n 
A 1 71  SER 71  71  71  SER SER A . n 
A 1 72  LEU 72  72  72  LEU LEU A . n 
A 1 73  VAL 73  73  73  VAL VAL A . n 
A 1 74  ASN 74  74  74  ASN ASN A . n 
A 1 75  ILE 75  75  75  ILE ILE A . n 
A 1 76  TYR 76  76  76  TYR TYR A . n 
A 1 77  PHE 77  77  77  PHE PHE A . n 
A 1 78  GLN 78  78  78  GLN GLN A . n 
A 1 79  ILE 79  79  79  ILE ILE A . n 
A 1 80  ASP 80  80  80  ASP ASP A . n 
A 1 81  ASP 81  81  81  ASP ASP A . n 
A 1 82  PHE 82  82  82  PHE PHE A . n 
A 1 83  LEU 83  83  83  LEU LEU A . n 
A 1 84  LEU 84  84  84  LEU LEU A . n 
A 1 85  LEU 85  85  85  LEU LEU A . n 
A 1 86  THR 86  86  86  THR THR A . n 
A 1 87  LEU 87  87  87  LEU LEU A . n 
A 1 88  ASN 88  88  88  ASN ASN A . n 
A 1 89  SER 89  89  89  SER SER A . n 
A 1 90  LEU 90  90  90  LEU LEU A . n 
A 1 91  SER 91  91  91  SER SER A . n 
A 1 92  VAL 92  92  92  VAL VAL A . n 
A 1 93  TYR 93  93  93  TYR TYR A . n 
A 1 94  LYS 94  94  94  LYS LYS A . n 
A 1 95  ASP 95  95  95  ASP ASP A . n 
A 1 96  PRO 96  96  96  PRO PRO A . n 
A 1 97  ILE 97  97  97  ILE ILE A . n 
A 1 98  ARG 98  98  98  ARG ARG A . n 
A 1 99  LYS 99  99  99  LYS LYS A . n 
A 1 100 TYR 100 100 100 TYR TYR A . n 
A 1 101 MET 101 101 101 MET MET A . n 
A 1 102 PHE 102 102 102 PHE PHE A . n 
A 1 103 LEU 103 103 103 LEU LEU A . n 
A 1 104 ARG 104 104 104 ARG ARG A . n 
A 1 105 LEU 105 105 105 LEU LEU A . n 
A 1 106 ASN 106 106 106 ASN ASN A . n 
A 1 107 LYS 107 107 107 LYS LYS A . n 
A 1 108 GLU 108 108 108 GLU GLU A . n 
A 1 109 GLN 109 109 109 GLN GLN A . n 
A 1 110 SER 110 110 110 SER SER A . n 
A 1 111 LYS 111 111 111 LYS LYS A . n 
A 1 112 TRP 112 112 112 TRP TRP A . n 
A 1 113 ALA 113 113 113 ALA ALA A . n 
A 1 114 ILE 114 114 114 ILE ILE A . n 
A 1 115 ASN 115 115 115 ASN ASN A . n 
A 1 116 ALA 116 116 116 ALA ALA A . n 
A 1 117 ALA 117 117 117 ALA ALA A . n 
A 1 118 PHE 118 118 118 PHE PHE A . n 
A 1 119 ASN 119 119 119 ASN ASN A . n 
A 1 120 VAL 120 120 120 VAL VAL A . n 
A 1 121 PHE 121 121 121 PHE PHE A . n 
A 1 122 SER 122 122 122 SER SER A . n 
A 1 123 TYR 123 123 123 TYR TYR A . n 
A 1 124 ARG 124 124 124 ARG ARG A . n 
A 1 125 LEU 125 125 125 LEU LEU A . n 
A 1 126 ARG 126 126 126 ARG ARG A . n 
A 1 127 ASN 127 127 127 ASN ASN A . n 
A 1 128 ILE 128 128 128 ILE ILE A . n 
A 1 129 GLY 129 129 129 GLY GLY A . n 
A 1 130 VAL 130 130 130 VAL VAL A . n 
A 1 131 GLY 131 131 131 GLY GLY A . n 
A 1 132 PRO 132 132 132 PRO PRO A . n 
A 1 133 LEU 133 133 133 LEU LEU A . n 
A 1 134 GLY 134 134 134 GLY GLY A . n 
A 1 135 PRO 135 135 135 PRO PRO A . n 
A 1 136 ASP 136 136 136 ASP ASP A . n 
A 1 137 ILE 137 137 137 ILE ILE A . n 
A 1 138 ARG 138 138 138 ARG ARG A . n 
A 1 139 SER 139 139 139 SER SER A . n 
A 1 140 SER 140 140 140 SER SER A . n 
A 1 141 GLY 141 141 141 GLY GLY A . n 
A 1 142 PRO 142 142 ?   ?   ?   A . n 
# 
loop_
_pdbx_nonpoly_scheme.asym_id 
_pdbx_nonpoly_scheme.entity_id 
_pdbx_nonpoly_scheme.mon_id 
_pdbx_nonpoly_scheme.ndb_seq_num 
_pdbx_nonpoly_scheme.pdb_seq_num 
_pdbx_nonpoly_scheme.auth_seq_num 
_pdbx_nonpoly_scheme.pdb_mon_id 
_pdbx_nonpoly_scheme.auth_mon_id 
_pdbx_nonpoly_scheme.pdb_strand_id 
_pdbx_nonpoly_scheme.pdb_ins_code 
B 2 HOH 1 201 1  HOH HOH A . 
B 2 HOH 2 202 2  HOH HOH A . 
B 2 HOH 3 203 3  HOH HOH A . 
B 2 HOH 4 204 4  HOH HOH A . 
B 2 HOH 5 205 5  HOH HOH A . 
B 2 HOH 6 206 8  HOH HOH A . 
B 2 HOH 7 207 10 HOH HOH A . 
B 2 HOH 8 208 1  HOH HOH A . 
B 2 HOH 9 209 1  HOH HOH A . 
# 
loop_
_pdbx_struct_assembly.id 
_pdbx_struct_assembly.details 
_pdbx_struct_assembly.method_details 
_pdbx_struct_assembly.oligomeric_details 
_pdbx_struct_assembly.oligomeric_count 
1 author_defined_assembly   ?    monomeric  1 
2 software_defined_assembly PISA tetrameric 4 
# 
loop_
_pdbx_struct_assembly_gen.assembly_id 
_pdbx_struct_assembly_gen.oper_expression 
_pdbx_struct_assembly_gen.asym_id_list 
1 1       A,B 
2 1,2,3,4 A,B 
# 
loop_
_pdbx_struct_assembly_prop.biol_id 
_pdbx_struct_assembly_prop.type 
_pdbx_struct_assembly_prop.value 
_pdbx_struct_assembly_prop.details 
2 'ABSA (A^2)' 8450  ? 
2 MORE         -40   ? 
2 'SSA (A^2)'  25200 ? 
# 
loop_
_pdbx_struct_oper_list.id 
_pdbx_struct_oper_list.type 
_pdbx_struct_oper_list.name 
_pdbx_struct_oper_list.symmetry_operation 
_pdbx_struct_oper_list.matrix[1][1] 
_pdbx_struct_oper_list.matrix[1][2] 
_pdbx_struct_oper_list.matrix[1][3] 
_pdbx_struct_oper_list.vector[1] 
_pdbx_struct_oper_list.matrix[2][1] 
_pdbx_struct_oper_list.matrix[2][2] 
_pdbx_struct_oper_list.matrix[2][3] 
_pdbx_struct_oper_list.vector[2] 
_pdbx_struct_oper_list.matrix[3][1] 
_pdbx_struct_oper_list.matrix[3][2] 
_pdbx_struct_oper_list.matrix[3][3] 
_pdbx_struct_oper_list.vector[3] 
1 'identity operation'         1_555  x,y,z   1.0000000000  0.0000000000  0.0000000000  0.0000000000   0.0000000000  1.0000000000  0.0000000000  0.0000000000   0.0000000000  0.0000000000  1.0000000000 0.0000000000  
2 'crystal symmetry operation' 4_555  x,-y,-z -0.9967036693 0.0276937550  -0.0762551732 -41.0249067017 0.0276937550  -0.7673340012 -0.6406493476 -10.6592550177 -0.0762551732 -0.6406493476 0.7640376705 -5.6445541427 
3 'crystal symmetry operation' 17_555 x,z,-y  0.0016481653  0.9530054558  0.3029486503  -14.5444763135 -0.9253117009 0.1163329994  -0.3609222763 -24.7086517186 -0.3792038236 -0.2797270713 0.8820188353 -9.6022173720 
4 'crystal symmetry operation' 20_555 x,-z,y  0.0016481653  -0.9253117009 -0.3792038236 -26.4804303882 0.9530054558  0.1163329994  -0.2797270713 14.0493967009  0.3029486503  -0.3609222763 0.8820188353 3.9576632292 
# 
loop_
_pdbx_audit_revision_history.ordinal 
_pdbx_audit_revision_history.data_content_type 
_pdbx_audit_revision_history.major_revision 
_pdbx_audit_revision_history.minor_revision 
_pdbx_audit_revision_history.revision_date 
1 'Structure model' 1 0 2013-10-30 
2 'Structure model' 1 1 2023-09-20 
# 
_pdbx_audit_revision_details.ordinal             1 
_pdbx_audit_revision_details.revision_ordinal    1 
_pdbx_audit_revision_details.data_content_type   'Structure model' 
_pdbx_audit_revision_details.provider            repository 
_pdbx_audit_revision_details.type                'Initial release' 
_pdbx_audit_revision_details.description         ? 
_pdbx_audit_revision_details.details             ? 
# 
loop_
_pdbx_audit_revision_group.ordinal 
_pdbx_audit_revision_group.revision_ordinal 
_pdbx_audit_revision_group.data_content_type 
_pdbx_audit_revision_group.group 
1 2 'Structure model' 'Data collection'        
2 2 'Structure model' 'Database references'    
3 2 'Structure model' 'Refinement description' 
# 
loop_
_pdbx_audit_revision_category.ordinal 
_pdbx_audit_revision_category.revision_ordinal 
_pdbx_audit_revision_category.data_content_type 
_pdbx_audit_revision_category.category 
1 2 'Structure model' chem_comp_atom                
2 2 'Structure model' chem_comp_bond                
3 2 'Structure model' database_2                    
4 2 'Structure model' pdbx_initial_refinement_model 
5 2 'Structure model' struct_ref_seq_dif            
# 
loop_
_pdbx_audit_revision_item.ordinal 
_pdbx_audit_revision_item.revision_ordinal 
_pdbx_audit_revision_item.data_content_type 
_pdbx_audit_revision_item.item 
1 2 'Structure model' '_database_2.pdbx_DOI'                
2 2 'Structure model' '_database_2.pdbx_database_accession' 
3 2 'Structure model' '_struct_ref_seq_dif.details'         
# 
loop_
_software.name 
_software.classification 
_software.version 
_software.citation_id 
_software.pdbx_ordinal 
MxCuBE 'data collection' .        ? 1 
MOLREP phasing           .        ? 2 
REFMAC refinement        5.6.0117 ? 3 
XDS    'data reduction'  .        ? 4 
SCALA  'data scaling'    .        ? 5 
# 
_pdbx_validate_rmsd_angle.id                         1 
_pdbx_validate_rmsd_angle.PDB_model_num              1 
_pdbx_validate_rmsd_angle.auth_atom_id_1             NE 
_pdbx_validate_rmsd_angle.auth_asym_id_1             A 
_pdbx_validate_rmsd_angle.auth_comp_id_1             ARG 
_pdbx_validate_rmsd_angle.auth_seq_id_1              124 
_pdbx_validate_rmsd_angle.PDB_ins_code_1             ? 
_pdbx_validate_rmsd_angle.label_alt_id_1             ? 
_pdbx_validate_rmsd_angle.auth_atom_id_2             CZ 
_pdbx_validate_rmsd_angle.auth_asym_id_2             A 
_pdbx_validate_rmsd_angle.auth_comp_id_2             ARG 
_pdbx_validate_rmsd_angle.auth_seq_id_2              124 
_pdbx_validate_rmsd_angle.PDB_ins_code_2             ? 
_pdbx_validate_rmsd_angle.label_alt_id_2             ? 
_pdbx_validate_rmsd_angle.auth_atom_id_3             NH2 
_pdbx_validate_rmsd_angle.auth_asym_id_3             A 
_pdbx_validate_rmsd_angle.auth_comp_id_3             ARG 
_pdbx_validate_rmsd_angle.auth_seq_id_3              124 
_pdbx_validate_rmsd_angle.PDB_ins_code_3             ? 
_pdbx_validate_rmsd_angle.label_alt_id_3             ? 
_pdbx_validate_rmsd_angle.angle_value                123.55 
_pdbx_validate_rmsd_angle.angle_target_value         120.30 
_pdbx_validate_rmsd_angle.angle_deviation            3.25 
_pdbx_validate_rmsd_angle.angle_standard_deviation   0.50 
_pdbx_validate_rmsd_angle.linker_flag                N 
# 
loop_
_pdbx_validate_torsion.id 
_pdbx_validate_torsion.PDB_model_num 
_pdbx_validate_torsion.auth_comp_id 
_pdbx_validate_torsion.auth_asym_id 
_pdbx_validate_torsion.auth_seq_id 
_pdbx_validate_torsion.PDB_ins_code 
_pdbx_validate_torsion.label_alt_id 
_pdbx_validate_torsion.phi 
_pdbx_validate_torsion.psi 
1 1 PHE A 37  ? ? -59.04  176.49 
2 1 SER A 71  ? ? -134.65 -39.98 
3 1 ASP A 95  ? ? 11.05   82.21  
4 1 LYS A 107 ? ? -30.00  -43.00 
5 1 LYS A 111 ? ? -32.34  -35.08 
6 1 PHE A 118 ? ? 58.62   16.50  
7 1 ARG A 126 ? ? -162.74 117.68 
# 
loop_
_pdbx_unobs_or_zero_occ_atoms.id 
_pdbx_unobs_or_zero_occ_atoms.PDB_model_num 
_pdbx_unobs_or_zero_occ_atoms.polymer_flag 
_pdbx_unobs_or_zero_occ_atoms.occupancy_flag 
_pdbx_unobs_or_zero_occ_atoms.auth_asym_id 
_pdbx_unobs_or_zero_occ_atoms.auth_comp_id 
_pdbx_unobs_or_zero_occ_atoms.auth_seq_id 
_pdbx_unobs_or_zero_occ_atoms.PDB_ins_code 
_pdbx_unobs_or_zero_occ_atoms.auth_atom_id 
_pdbx_unobs_or_zero_occ_atoms.label_alt_id 
_pdbx_unobs_or_zero_occ_atoms.label_asym_id 
_pdbx_unobs_or_zero_occ_atoms.label_comp_id 
_pdbx_unobs_or_zero_occ_atoms.label_seq_id 
_pdbx_unobs_or_zero_occ_atoms.label_atom_id 
1 1 Y 1 A GLN 36 ? CG  ? A GLN 36 CG  
2 1 Y 1 A GLN 36 ? CD  ? A GLN 36 CD  
3 1 Y 1 A GLN 36 ? OE1 ? A GLN 36 OE1 
4 1 Y 1 A GLN 36 ? NE2 ? A GLN 36 NE2 
# 
loop_
_pdbx_unobs_or_zero_occ_residues.id 
_pdbx_unobs_or_zero_occ_residues.PDB_model_num 
_pdbx_unobs_or_zero_occ_residues.polymer_flag 
_pdbx_unobs_or_zero_occ_residues.occupancy_flag 
_pdbx_unobs_or_zero_occ_residues.auth_asym_id 
_pdbx_unobs_or_zero_occ_residues.auth_comp_id 
_pdbx_unobs_or_zero_occ_residues.auth_seq_id 
_pdbx_unobs_or_zero_occ_residues.PDB_ins_code 
_pdbx_unobs_or_zero_occ_residues.label_asym_id 
_pdbx_unobs_or_zero_occ_residues.label_comp_id 
_pdbx_unobs_or_zero_occ_residues.label_seq_id 
1 1 Y 1 A GLY 31  ? A GLY 31  
2 1 Y 1 A THR 32  ? A THR 32  
3 1 Y 1 A SER 33  ? A SER 33  
4 1 Y 1 A ALA 34  ? A ALA 34  
5 1 Y 1 A ASN 35  ? A ASN 35  
6 1 Y 1 A PRO 142 ? A PRO 142 
# 
loop_
_chem_comp_atom.comp_id 
_chem_comp_atom.atom_id 
_chem_comp_atom.type_symbol 
_chem_comp_atom.pdbx_aromatic_flag 
_chem_comp_atom.pdbx_stereo_config 
_chem_comp_atom.pdbx_ordinal 
ALA N    N N N 1   
ALA CA   C N S 2   
ALA C    C N N 3   
ALA O    O N N 4   
ALA CB   C N N 5   
ALA OXT  O N N 6   
ALA H    H N N 7   
ALA H2   H N N 8   
ALA HA   H N N 9   
ALA HB1  H N N 10  
ALA HB2  H N N 11  
ALA HB3  H N N 12  
ALA HXT  H N N 13  
ARG N    N N N 14  
ARG CA   C N S 15  
ARG C    C N N 16  
ARG O    O N N 17  
ARG CB   C N N 18  
ARG CG   C N N 19  
ARG CD   C N N 20  
ARG NE   N N N 21  
ARG CZ   C N N 22  
ARG NH1  N N N 23  
ARG NH2  N N N 24  
ARG OXT  O N N 25  
ARG H    H N N 26  
ARG H2   H N N 27  
ARG HA   H N N 28  
ARG HB2  H N N 29  
ARG HB3  H N N 30  
ARG HG2  H N N 31  
ARG HG3  H N N 32  
ARG HD2  H N N 33  
ARG HD3  H N N 34  
ARG HE   H N N 35  
ARG HH11 H N N 36  
ARG HH12 H N N 37  
ARG HH21 H N N 38  
ARG HH22 H N N 39  
ARG HXT  H N N 40  
ASN N    N N N 41  
ASN CA   C N S 42  
ASN C    C N N 43  
ASN O    O N N 44  
ASN CB   C N N 45  
ASN CG   C N N 46  
ASN OD1  O N N 47  
ASN ND2  N N N 48  
ASN OXT  O N N 49  
ASN H    H N N 50  
ASN H2   H N N 51  
ASN HA   H N N 52  
ASN HB2  H N N 53  
ASN HB3  H N N 54  
ASN HD21 H N N 55  
ASN HD22 H N N 56  
ASN HXT  H N N 57  
ASP N    N N N 58  
ASP CA   C N S 59  
ASP C    C N N 60  
ASP O    O N N 61  
ASP CB   C N N 62  
ASP CG   C N N 63  
ASP OD1  O N N 64  
ASP OD2  O N N 65  
ASP OXT  O N N 66  
ASP H    H N N 67  
ASP H2   H N N 68  
ASP HA   H N N 69  
ASP HB2  H N N 70  
ASP HB3  H N N 71  
ASP HD2  H N N 72  
ASP HXT  H N N 73  
GLN N    N N N 74  
GLN CA   C N S 75  
GLN C    C N N 76  
GLN O    O N N 77  
GLN CB   C N N 78  
GLN CG   C N N 79  
GLN CD   C N N 80  
GLN OE1  O N N 81  
GLN NE2  N N N 82  
GLN OXT  O N N 83  
GLN H    H N N 84  
GLN H2   H N N 85  
GLN HA   H N N 86  
GLN HB2  H N N 87  
GLN HB3  H N N 88  
GLN HG2  H N N 89  
GLN HG3  H N N 90  
GLN HE21 H N N 91  
GLN HE22 H N N 92  
GLN HXT  H N N 93  
GLU N    N N N 94  
GLU CA   C N S 95  
GLU C    C N N 96  
GLU O    O N N 97  
GLU CB   C N N 98  
GLU CG   C N N 99  
GLU CD   C N N 100 
GLU OE1  O N N 101 
GLU OE2  O N N 102 
GLU OXT  O N N 103 
GLU H    H N N 104 
GLU H2   H N N 105 
GLU HA   H N N 106 
GLU HB2  H N N 107 
GLU HB3  H N N 108 
GLU HG2  H N N 109 
GLU HG3  H N N 110 
GLU HE2  H N N 111 
GLU HXT  H N N 112 
GLY N    N N N 113 
GLY CA   C N N 114 
GLY C    C N N 115 
GLY O    O N N 116 
GLY OXT  O N N 117 
GLY H    H N N 118 
GLY H2   H N N 119 
GLY HA2  H N N 120 
GLY HA3  H N N 121 
GLY HXT  H N N 122 
HIS N    N N N 123 
HIS CA   C N S 124 
HIS C    C N N 125 
HIS O    O N N 126 
HIS CB   C N N 127 
HIS CG   C Y N 128 
HIS ND1  N Y N 129 
HIS CD2  C Y N 130 
HIS CE1  C Y N 131 
HIS NE2  N Y N 132 
HIS OXT  O N N 133 
HIS H    H N N 134 
HIS H2   H N N 135 
HIS HA   H N N 136 
HIS HB2  H N N 137 
HIS HB3  H N N 138 
HIS HD1  H N N 139 
HIS HD2  H N N 140 
HIS HE1  H N N 141 
HIS HE2  H N N 142 
HIS HXT  H N N 143 
HOH O    O N N 144 
HOH H1   H N N 145 
HOH H2   H N N 146 
ILE N    N N N 147 
ILE CA   C N S 148 
ILE C    C N N 149 
ILE O    O N N 150 
ILE CB   C N S 151 
ILE CG1  C N N 152 
ILE CG2  C N N 153 
ILE CD1  C N N 154 
ILE OXT  O N N 155 
ILE H    H N N 156 
ILE H2   H N N 157 
ILE HA   H N N 158 
ILE HB   H N N 159 
ILE HG12 H N N 160 
ILE HG13 H N N 161 
ILE HG21 H N N 162 
ILE HG22 H N N 163 
ILE HG23 H N N 164 
ILE HD11 H N N 165 
ILE HD12 H N N 166 
ILE HD13 H N N 167 
ILE HXT  H N N 168 
LEU N    N N N 169 
LEU CA   C N S 170 
LEU C    C N N 171 
LEU O    O N N 172 
LEU CB   C N N 173 
LEU CG   C N N 174 
LEU CD1  C N N 175 
LEU CD2  C N N 176 
LEU OXT  O N N 177 
LEU H    H N N 178 
LEU H2   H N N 179 
LEU HA   H N N 180 
LEU HB2  H N N 181 
LEU HB3  H N N 182 
LEU HG   H N N 183 
LEU HD11 H N N 184 
LEU HD12 H N N 185 
LEU HD13 H N N 186 
LEU HD21 H N N 187 
LEU HD22 H N N 188 
LEU HD23 H N N 189 
LEU HXT  H N N 190 
LYS N    N N N 191 
LYS CA   C N S 192 
LYS C    C N N 193 
LYS O    O N N 194 
LYS CB   C N N 195 
LYS CG   C N N 196 
LYS CD   C N N 197 
LYS CE   C N N 198 
LYS NZ   N N N 199 
LYS OXT  O N N 200 
LYS H    H N N 201 
LYS H2   H N N 202 
LYS HA   H N N 203 
LYS HB2  H N N 204 
LYS HB3  H N N 205 
LYS HG2  H N N 206 
LYS HG3  H N N 207 
LYS HD2  H N N 208 
LYS HD3  H N N 209 
LYS HE2  H N N 210 
LYS HE3  H N N 211 
LYS HZ1  H N N 212 
LYS HZ2  H N N 213 
LYS HZ3  H N N 214 
LYS HXT  H N N 215 
MET N    N N N 216 
MET CA   C N S 217 
MET C    C N N 218 
MET O    O N N 219 
MET CB   C N N 220 
MET CG   C N N 221 
MET SD   S N N 222 
MET CE   C N N 223 
MET OXT  O N N 224 
MET H    H N N 225 
MET H2   H N N 226 
MET HA   H N N 227 
MET HB2  H N N 228 
MET HB3  H N N 229 
MET HG2  H N N 230 
MET HG3  H N N 231 
MET HE1  H N N 232 
MET HE2  H N N 233 
MET HE3  H N N 234 
MET HXT  H N N 235 
PHE N    N N N 236 
PHE CA   C N S 237 
PHE C    C N N 238 
PHE O    O N N 239 
PHE CB   C N N 240 
PHE CG   C Y N 241 
PHE CD1  C Y N 242 
PHE CD2  C Y N 243 
PHE CE1  C Y N 244 
PHE CE2  C Y N 245 
PHE CZ   C Y N 246 
PHE OXT  O N N 247 
PHE H    H N N 248 
PHE H2   H N N 249 
PHE HA   H N N 250 
PHE HB2  H N N 251 
PHE HB3  H N N 252 
PHE HD1  H N N 253 
PHE HD2  H N N 254 
PHE HE1  H N N 255 
PHE HE2  H N N 256 
PHE HZ   H N N 257 
PHE HXT  H N N 258 
PRO N    N N N 259 
PRO CA   C N S 260 
PRO C    C N N 261 
PRO O    O N N 262 
PRO CB   C N N 263 
PRO CG   C N N 264 
PRO CD   C N N 265 
PRO OXT  O N N 266 
PRO H    H N N 267 
PRO HA   H N N 268 
PRO HB2  H N N 269 
PRO HB3  H N N 270 
PRO HG2  H N N 271 
PRO HG3  H N N 272 
PRO HD2  H N N 273 
PRO HD3  H N N 274 
PRO HXT  H N N 275 
SER N    N N N 276 
SER CA   C N S 277 
SER C    C N N 278 
SER O    O N N 279 
SER CB   C N N 280 
SER OG   O N N 281 
SER OXT  O N N 282 
SER H    H N N 283 
SER H2   H N N 284 
SER HA   H N N 285 
SER HB2  H N N 286 
SER HB3  H N N 287 
SER HG   H N N 288 
SER HXT  H N N 289 
THR N    N N N 290 
THR CA   C N S 291 
THR C    C N N 292 
THR O    O N N 293 
THR CB   C N R 294 
THR OG1  O N N 295 
THR CG2  C N N 296 
THR OXT  O N N 297 
THR H    H N N 298 
THR H2   H N N 299 
THR HA   H N N 300 
THR HB   H N N 301 
THR HG1  H N N 302 
THR HG21 H N N 303 
THR HG22 H N N 304 
THR HG23 H N N 305 
THR HXT  H N N 306 
TRP N    N N N 307 
TRP CA   C N S 308 
TRP C    C N N 309 
TRP O    O N N 310 
TRP CB   C N N 311 
TRP CG   C Y N 312 
TRP CD1  C Y N 313 
TRP CD2  C Y N 314 
TRP NE1  N Y N 315 
TRP CE2  C Y N 316 
TRP CE3  C Y N 317 
TRP CZ2  C Y N 318 
TRP CZ3  C Y N 319 
TRP CH2  C Y N 320 
TRP OXT  O N N 321 
TRP H    H N N 322 
TRP H2   H N N 323 
TRP HA   H N N 324 
TRP HB2  H N N 325 
TRP HB3  H N N 326 
TRP HD1  H N N 327 
TRP HE1  H N N 328 
TRP HE3  H N N 329 
TRP HZ2  H N N 330 
TRP HZ3  H N N 331 
TRP HH2  H N N 332 
TRP HXT  H N N 333 
TYR N    N N N 334 
TYR CA   C N S 335 
TYR C    C N N 336 
TYR O    O N N 337 
TYR CB   C N N 338 
TYR CG   C Y N 339 
TYR CD1  C Y N 340 
TYR CD2  C Y N 341 
TYR CE1  C Y N 342 
TYR CE2  C Y N 343 
TYR CZ   C Y N 344 
TYR OH   O N N 345 
TYR OXT  O N N 346 
TYR H    H N N 347 
TYR H2   H N N 348 
TYR HA   H N N 349 
TYR HB2  H N N 350 
TYR HB3  H N N 351 
TYR HD1  H N N 352 
TYR HD2  H N N 353 
TYR HE1  H N N 354 
TYR HE2  H N N 355 
TYR HH   H N N 356 
TYR HXT  H N N 357 
VAL N    N N N 358 
VAL CA   C N S 359 
VAL C    C N N 360 
VAL O    O N N 361 
VAL CB   C N N 362 
VAL CG1  C N N 363 
VAL CG2  C N N 364 
VAL OXT  O N N 365 
VAL H    H N N 366 
VAL H2   H N N 367 
VAL HA   H N N 368 
VAL HB   H N N 369 
VAL HG11 H N N 370 
VAL HG12 H N N 371 
VAL HG13 H N N 372 
VAL HG21 H N N 373 
VAL HG22 H N N 374 
VAL HG23 H N N 375 
VAL HXT  H N N 376 
# 
loop_
_chem_comp_bond.comp_id 
_chem_comp_bond.atom_id_1 
_chem_comp_bond.atom_id_2 
_chem_comp_bond.value_order 
_chem_comp_bond.pdbx_aromatic_flag 
_chem_comp_bond.pdbx_stereo_config 
_chem_comp_bond.pdbx_ordinal 
ALA N   CA   sing N N 1   
ALA N   H    sing N N 2   
ALA N   H2   sing N N 3   
ALA CA  C    sing N N 4   
ALA CA  CB   sing N N 5   
ALA CA  HA   sing N N 6   
ALA C   O    doub N N 7   
ALA C   OXT  sing N N 8   
ALA CB  HB1  sing N N 9   
ALA CB  HB2  sing N N 10  
ALA CB  HB3  sing N N 11  
ALA OXT HXT  sing N N 12  
ARG N   CA   sing N N 13  
ARG N   H    sing N N 14  
ARG N   H2   sing N N 15  
ARG CA  C    sing N N 16  
ARG CA  CB   sing N N 17  
ARG CA  HA   sing N N 18  
ARG C   O    doub N N 19  
ARG C   OXT  sing N N 20  
ARG CB  CG   sing N N 21  
ARG CB  HB2  sing N N 22  
ARG CB  HB3  sing N N 23  
ARG CG  CD   sing N N 24  
ARG CG  HG2  sing N N 25  
ARG CG  HG3  sing N N 26  
ARG CD  NE   sing N N 27  
ARG CD  HD2  sing N N 28  
ARG CD  HD3  sing N N 29  
ARG NE  CZ   sing N N 30  
ARG NE  HE   sing N N 31  
ARG CZ  NH1  sing N N 32  
ARG CZ  NH2  doub N N 33  
ARG NH1 HH11 sing N N 34  
ARG NH1 HH12 sing N N 35  
ARG NH2 HH21 sing N N 36  
ARG NH2 HH22 sing N N 37  
ARG OXT HXT  sing N N 38  
ASN N   CA   sing N N 39  
ASN N   H    sing N N 40  
ASN N   H2   sing N N 41  
ASN CA  C    sing N N 42  
ASN CA  CB   sing N N 43  
ASN CA  HA   sing N N 44  
ASN C   O    doub N N 45  
ASN C   OXT  sing N N 46  
ASN CB  CG   sing N N 47  
ASN CB  HB2  sing N N 48  
ASN CB  HB3  sing N N 49  
ASN CG  OD1  doub N N 50  
ASN CG  ND2  sing N N 51  
ASN ND2 HD21 sing N N 52  
ASN ND2 HD22 sing N N 53  
ASN OXT HXT  sing N N 54  
ASP N   CA   sing N N 55  
ASP N   H    sing N N 56  
ASP N   H2   sing N N 57  
ASP CA  C    sing N N 58  
ASP CA  CB   sing N N 59  
ASP CA  HA   sing N N 60  
ASP C   O    doub N N 61  
ASP C   OXT  sing N N 62  
ASP CB  CG   sing N N 63  
ASP CB  HB2  sing N N 64  
ASP CB  HB3  sing N N 65  
ASP CG  OD1  doub N N 66  
ASP CG  OD2  sing N N 67  
ASP OD2 HD2  sing N N 68  
ASP OXT HXT  sing N N 69  
GLN N   CA   sing N N 70  
GLN N   H    sing N N 71  
GLN N   H2   sing N N 72  
GLN CA  C    sing N N 73  
GLN CA  CB   sing N N 74  
GLN CA  HA   sing N N 75  
GLN C   O    doub N N 76  
GLN C   OXT  sing N N 77  
GLN CB  CG   sing N N 78  
GLN CB  HB2  sing N N 79  
GLN CB  HB3  sing N N 80  
GLN CG  CD   sing N N 81  
GLN CG  HG2  sing N N 82  
GLN CG  HG3  sing N N 83  
GLN CD  OE1  doub N N 84  
GLN CD  NE2  sing N N 85  
GLN NE2 HE21 sing N N 86  
GLN NE2 HE22 sing N N 87  
GLN OXT HXT  sing N N 88  
GLU N   CA   sing N N 89  
GLU N   H    sing N N 90  
GLU N   H2   sing N N 91  
GLU CA  C    sing N N 92  
GLU CA  CB   sing N N 93  
GLU CA  HA   sing N N 94  
GLU C   O    doub N N 95  
GLU C   OXT  sing N N 96  
GLU CB  CG   sing N N 97  
GLU CB  HB2  sing N N 98  
GLU CB  HB3  sing N N 99  
GLU CG  CD   sing N N 100 
GLU CG  HG2  sing N N 101 
GLU CG  HG3  sing N N 102 
GLU CD  OE1  doub N N 103 
GLU CD  OE2  sing N N 104 
GLU OE2 HE2  sing N N 105 
GLU OXT HXT  sing N N 106 
GLY N   CA   sing N N 107 
GLY N   H    sing N N 108 
GLY N   H2   sing N N 109 
GLY CA  C    sing N N 110 
GLY CA  HA2  sing N N 111 
GLY CA  HA3  sing N N 112 
GLY C   O    doub N N 113 
GLY C   OXT  sing N N 114 
GLY OXT HXT  sing N N 115 
HIS N   CA   sing N N 116 
HIS N   H    sing N N 117 
HIS N   H2   sing N N 118 
HIS CA  C    sing N N 119 
HIS CA  CB   sing N N 120 
HIS CA  HA   sing N N 121 
HIS C   O    doub N N 122 
HIS C   OXT  sing N N 123 
HIS CB  CG   sing N N 124 
HIS CB  HB2  sing N N 125 
HIS CB  HB3  sing N N 126 
HIS CG  ND1  sing Y N 127 
HIS CG  CD2  doub Y N 128 
HIS ND1 CE1  doub Y N 129 
HIS ND1 HD1  sing N N 130 
HIS CD2 NE2  sing Y N 131 
HIS CD2 HD2  sing N N 132 
HIS CE1 NE2  sing Y N 133 
HIS CE1 HE1  sing N N 134 
HIS NE2 HE2  sing N N 135 
HIS OXT HXT  sing N N 136 
HOH O   H1   sing N N 137 
HOH O   H2   sing N N 138 
ILE N   CA   sing N N 139 
ILE N   H    sing N N 140 
ILE N   H2   sing N N 141 
ILE CA  C    sing N N 142 
ILE CA  CB   sing N N 143 
ILE CA  HA   sing N N 144 
ILE C   O    doub N N 145 
ILE C   OXT  sing N N 146 
ILE CB  CG1  sing N N 147 
ILE CB  CG2  sing N N 148 
ILE CB  HB   sing N N 149 
ILE CG1 CD1  sing N N 150 
ILE CG1 HG12 sing N N 151 
ILE CG1 HG13 sing N N 152 
ILE CG2 HG21 sing N N 153 
ILE CG2 HG22 sing N N 154 
ILE CG2 HG23 sing N N 155 
ILE CD1 HD11 sing N N 156 
ILE CD1 HD12 sing N N 157 
ILE CD1 HD13 sing N N 158 
ILE OXT HXT  sing N N 159 
LEU N   CA   sing N N 160 
LEU N   H    sing N N 161 
LEU N   H2   sing N N 162 
LEU CA  C    sing N N 163 
LEU CA  CB   sing N N 164 
LEU CA  HA   sing N N 165 
LEU C   O    doub N N 166 
LEU C   OXT  sing N N 167 
LEU CB  CG   sing N N 168 
LEU CB  HB2  sing N N 169 
LEU CB  HB3  sing N N 170 
LEU CG  CD1  sing N N 171 
LEU CG  CD2  sing N N 172 
LEU CG  HG   sing N N 173 
LEU CD1 HD11 sing N N 174 
LEU CD1 HD12 sing N N 175 
LEU CD1 HD13 sing N N 176 
LEU CD2 HD21 sing N N 177 
LEU CD2 HD22 sing N N 178 
LEU CD2 HD23 sing N N 179 
LEU OXT HXT  sing N N 180 
LYS N   CA   sing N N 181 
LYS N   H    sing N N 182 
LYS N   H2   sing N N 183 
LYS CA  C    sing N N 184 
LYS CA  CB   sing N N 185 
LYS CA  HA   sing N N 186 
LYS C   O    doub N N 187 
LYS C   OXT  sing N N 188 
LYS CB  CG   sing N N 189 
LYS CB  HB2  sing N N 190 
LYS CB  HB3  sing N N 191 
LYS CG  CD   sing N N 192 
LYS CG  HG2  sing N N 193 
LYS CG  HG3  sing N N 194 
LYS CD  CE   sing N N 195 
LYS CD  HD2  sing N N 196 
LYS CD  HD3  sing N N 197 
LYS CE  NZ   sing N N 198 
LYS CE  HE2  sing N N 199 
LYS CE  HE3  sing N N 200 
LYS NZ  HZ1  sing N N 201 
LYS NZ  HZ2  sing N N 202 
LYS NZ  HZ3  sing N N 203 
LYS OXT HXT  sing N N 204 
MET N   CA   sing N N 205 
MET N   H    sing N N 206 
MET N   H2   sing N N 207 
MET CA  C    sing N N 208 
MET CA  CB   sing N N 209 
MET CA  HA   sing N N 210 
MET C   O    doub N N 211 
MET C   OXT  sing N N 212 
MET CB  CG   sing N N 213 
MET CB  HB2  sing N N 214 
MET CB  HB3  sing N N 215 
MET CG  SD   sing N N 216 
MET CG  HG2  sing N N 217 
MET CG  HG3  sing N N 218 
MET SD  CE   sing N N 219 
MET CE  HE1  sing N N 220 
MET CE  HE2  sing N N 221 
MET CE  HE3  sing N N 222 
MET OXT HXT  sing N N 223 
PHE N   CA   sing N N 224 
PHE N   H    sing N N 225 
PHE N   H2   sing N N 226 
PHE CA  C    sing N N 227 
PHE CA  CB   sing N N 228 
PHE CA  HA   sing N N 229 
PHE C   O    doub N N 230 
PHE C   OXT  sing N N 231 
PHE CB  CG   sing N N 232 
PHE CB  HB2  sing N N 233 
PHE CB  HB3  sing N N 234 
PHE CG  CD1  doub Y N 235 
PHE CG  CD2  sing Y N 236 
PHE CD1 CE1  sing Y N 237 
PHE CD1 HD1  sing N N 238 
PHE CD2 CE2  doub Y N 239 
PHE CD2 HD2  sing N N 240 
PHE CE1 CZ   doub Y N 241 
PHE CE1 HE1  sing N N 242 
PHE CE2 CZ   sing Y N 243 
PHE CE2 HE2  sing N N 244 
PHE CZ  HZ   sing N N 245 
PHE OXT HXT  sing N N 246 
PRO N   CA   sing N N 247 
PRO N   CD   sing N N 248 
PRO N   H    sing N N 249 
PRO CA  C    sing N N 250 
PRO CA  CB   sing N N 251 
PRO CA  HA   sing N N 252 
PRO C   O    doub N N 253 
PRO C   OXT  sing N N 254 
PRO CB  CG   sing N N 255 
PRO CB  HB2  sing N N 256 
PRO CB  HB3  sing N N 257 
PRO CG  CD   sing N N 258 
PRO CG  HG2  sing N N 259 
PRO CG  HG3  sing N N 260 
PRO CD  HD2  sing N N 261 
PRO CD  HD3  sing N N 262 
PRO OXT HXT  sing N N 263 
SER N   CA   sing N N 264 
SER N   H    sing N N 265 
SER N   H2   sing N N 266 
SER CA  C    sing N N 267 
SER CA  CB   sing N N 268 
SER CA  HA   sing N N 269 
SER C   O    doub N N 270 
SER C   OXT  sing N N 271 
SER CB  OG   sing N N 272 
SER CB  HB2  sing N N 273 
SER CB  HB3  sing N N 274 
SER OG  HG   sing N N 275 
SER OXT HXT  sing N N 276 
THR N   CA   sing N N 277 
THR N   H    sing N N 278 
THR N   H2   sing N N 279 
THR CA  C    sing N N 280 
THR CA  CB   sing N N 281 
THR CA  HA   sing N N 282 
THR C   O    doub N N 283 
THR C   OXT  sing N N 284 
THR CB  OG1  sing N N 285 
THR CB  CG2  sing N N 286 
THR CB  HB   sing N N 287 
THR OG1 HG1  sing N N 288 
THR CG2 HG21 sing N N 289 
THR CG2 HG22 sing N N 290 
THR CG2 HG23 sing N N 291 
THR OXT HXT  sing N N 292 
TRP N   CA   sing N N 293 
TRP N   H    sing N N 294 
TRP N   H2   sing N N 295 
TRP CA  C    sing N N 296 
TRP CA  CB   sing N N 297 
TRP CA  HA   sing N N 298 
TRP C   O    doub N N 299 
TRP C   OXT  sing N N 300 
TRP CB  CG   sing N N 301 
TRP CB  HB2  sing N N 302 
TRP CB  HB3  sing N N 303 
TRP CG  CD1  doub Y N 304 
TRP CG  CD2  sing Y N 305 
TRP CD1 NE1  sing Y N 306 
TRP CD1 HD1  sing N N 307 
TRP CD2 CE2  doub Y N 308 
TRP CD2 CE3  sing Y N 309 
TRP NE1 CE2  sing Y N 310 
TRP NE1 HE1  sing N N 311 
TRP CE2 CZ2  sing Y N 312 
TRP CE3 CZ3  doub Y N 313 
TRP CE3 HE3  sing N N 314 
TRP CZ2 CH2  doub Y N 315 
TRP CZ2 HZ2  sing N N 316 
TRP CZ3 CH2  sing Y N 317 
TRP CZ3 HZ3  sing N N 318 
TRP CH2 HH2  sing N N 319 
TRP OXT HXT  sing N N 320 
TYR N   CA   sing N N 321 
TYR N   H    sing N N 322 
TYR N   H2   sing N N 323 
TYR CA  C    sing N N 324 
TYR CA  CB   sing N N 325 
TYR CA  HA   sing N N 326 
TYR C   O    doub N N 327 
TYR C   OXT  sing N N 328 
TYR CB  CG   sing N N 329 
TYR CB  HB2  sing N N 330 
TYR CB  HB3  sing N N 331 
TYR CG  CD1  doub Y N 332 
TYR CG  CD2  sing Y N 333 
TYR CD1 CE1  sing Y N 334 
TYR CD1 HD1  sing N N 335 
TYR CD2 CE2  doub Y N 336 
TYR CD2 HD2  sing N N 337 
TYR CE1 CZ   doub Y N 338 
TYR CE1 HE1  sing N N 339 
TYR CE2 CZ   sing Y N 340 
TYR CE2 HE2  sing N N 341 
TYR CZ  OH   sing N N 342 
TYR OH  HH   sing N N 343 
TYR OXT HXT  sing N N 344 
VAL N   CA   sing N N 345 
VAL N   H    sing N N 346 
VAL N   H2   sing N N 347 
VAL CA  C    sing N N 348 
VAL CA  CB   sing N N 349 
VAL CA  HA   sing N N 350 
VAL C   O    doub N N 351 
VAL C   OXT  sing N N 352 
VAL CB  CG1  sing N N 353 
VAL CB  CG2  sing N N 354 
VAL CB  HB   sing N N 355 
VAL CG1 HG11 sing N N 356 
VAL CG1 HG12 sing N N 357 
VAL CG1 HG13 sing N N 358 
VAL CG2 HG21 sing N N 359 
VAL CG2 HG22 sing N N 360 
VAL CG2 HG23 sing N N 361 
VAL OXT HXT  sing N N 362 
# 
_pdbx_entity_nonpoly.entity_id   2 
_pdbx_entity_nonpoly.name        water 
_pdbx_entity_nonpoly.comp_id     HOH 
# 
_pdbx_initial_refinement_model.id               1 
_pdbx_initial_refinement_model.entity_id_list   ? 
_pdbx_initial_refinement_model.type             'experimental model' 
_pdbx_initial_refinement_model.source_name      PDB 
_pdbx_initial_refinement_model.accession_code   3F1J 
_pdbx_initial_refinement_model.details          'PDB ENTRY 3F1J' 
# 
